data_7CZO
# 
_entry.id   7CZO 
# 
_audit_conform.dict_name       mmcif_pdbx.dic 
_audit_conform.dict_version    5.380 
_audit_conform.dict_location   http://mmcif.pdb.org/dictionaries/ascii/mmcif_pdbx.dic 
# 
loop_
_database_2.database_id 
_database_2.database_code 
_database_2.pdbx_database_accession 
_database_2.pdbx_DOI 
PDB   7CZO         pdb_00007czo 10.2210/pdb7czo/pdb 
WWPDB D_1300018521 ?            ?                   
# 
_pdbx_database_status.status_code                     REL 
_pdbx_database_status.status_code_sf                  REL 
_pdbx_database_status.status_code_mr                  ? 
_pdbx_database_status.entry_id                        7CZO 
_pdbx_database_status.recvd_initial_deposition_date   2020-09-09 
_pdbx_database_status.SG_entry                        N 
_pdbx_database_status.deposit_site                    PDBJ 
_pdbx_database_status.process_site                    PDBJ 
_pdbx_database_status.status_code_cs                  ? 
_pdbx_database_status.status_code_nmr_data            ? 
_pdbx_database_status.methods_development_category    ? 
_pdbx_database_status.pdb_format_compatible           Y 
# 
_audit_author.name               'Kang, S.M.' 
_audit_author.pdbx_ordinal       1 
_audit_author.identifier_ORCID   ? 
# 
_citation.abstract                  ? 
_citation.abstract_id_CAS           ? 
_citation.book_id_ISBN              ? 
_citation.book_publisher            ? 
_citation.book_publisher_city       ? 
_citation.book_title                ? 
_citation.coordinate_linkage        ? 
_citation.country                   UK 
_citation.database_id_Medline       ? 
_citation.details                   ? 
_citation.id                        primary 
_citation.journal_abbrev            Iucrj 
_citation.journal_id_ASTM           ? 
_citation.journal_id_CSD            ? 
_citation.journal_id_ISSN           2052-2525 
_citation.journal_full              ? 
_citation.journal_issue             ? 
_citation.journal_volume            9 
_citation.language                  ? 
_citation.page_first                625 
_citation.page_last                 631 
_citation.title                     
'The Haemophilus influenzae HipBA toxin-antitoxin system adopts an unusual three-com-ponent regulatory mechanism' 
_citation.year                      2022 
_citation.database_id_CSD           ? 
_citation.pdbx_database_id_DOI      10.1107/S205225252200687X 
_citation.pdbx_database_id_PubMed   ? 
_citation.unpublished_flag          ? 
# 
loop_
_citation_author.citation_id 
_citation_author.name 
_citation_author.ordinal 
_citation_author.identifier_ORCID 
primary 'Koo, J.S.'  1 ? 
primary 'Kang, S.M.' 2 ? 
primary 'Jung, W.M.' 3 ? 
primary 'Kim, D.H.'  4 ? 
primary 'Lee, B.J.'  5 ? 
# 
_cell.angle_alpha                  90.000 
_cell.angle_alpha_esd              ? 
_cell.angle_beta                   90.000 
_cell.angle_beta_esd               ? 
_cell.angle_gamma                  90.000 
_cell.angle_gamma_esd              ? 
_cell.entry_id                     7CZO 
_cell.details                      ? 
_cell.formula_units_Z              ? 
_cell.length_a                     66.252 
_cell.length_a_esd                 ? 
_cell.length_b                     66.252 
_cell.length_b_esd                 ? 
_cell.length_c                     103.622 
_cell.length_c_esd                 ? 
_cell.volume                       454830.895 
_cell.volume_esd                   ? 
_cell.Z_PDB                        8 
_cell.reciprocal_angle_alpha       ? 
_cell.reciprocal_angle_beta        ? 
_cell.reciprocal_angle_gamma       ? 
_cell.reciprocal_angle_alpha_esd   ? 
_cell.reciprocal_angle_beta_esd    ? 
_cell.reciprocal_angle_gamma_esd   ? 
_cell.reciprocal_length_a          ? 
_cell.reciprocal_length_b          ? 
_cell.reciprocal_length_c          ? 
_cell.reciprocal_length_a_esd      ? 
_cell.reciprocal_length_b_esd      ? 
_cell.reciprocal_length_c_esd      ? 
_cell.pdbx_unique_axis             ? 
# 
_symmetry.entry_id                         7CZO 
_symmetry.cell_setting                     ? 
_symmetry.Int_Tables_number                92 
_symmetry.space_group_name_Hall            'P 4abw 2nw' 
_symmetry.space_group_name_H-M             'P 41 21 2' 
_symmetry.pdbx_full_space_group_name_H-M   ? 
# 
loop_
_entity.id 
_entity.type 
_entity.src_method 
_entity.pdbx_description 
_entity.formula_weight 
_entity.pdbx_number_of_molecules 
_entity.pdbx_ec 
_entity.pdbx_mutation 
_entity.pdbx_fragment 
_entity.details 
1 polymer     man 'Uncharacterized protein HI_0666' 12468.080 1  ? ? ? ? 
2 non-polymer syn 'CHLORIDE ION'                    35.453    5  ? ? ? ? 
3 water       nat water                             18.015    30 ? ? ? ? 
# 
_entity_poly.entity_id                      1 
_entity_poly.type                           'polypeptide(L)' 
_entity_poly.nstd_linkage                   no 
_entity_poly.nstd_monomer                   no 
_entity_poly.pdbx_seq_one_letter_code       
;MRDLVRSGKVFLYGEFIGLLREDHRGFHFSYNPDYQGIPLSLSFPIEQSPFHSDTLFPYFASLVPEGWLKHKYALHQRID
ESDMFRFLLNNGENMLGAVQIQEEKQ
;
_entity_poly.pdbx_seq_one_letter_code_can   
;MRDLVRSGKVFLYGEFIGLLREDHRGFHFSYNPDYQGIPLSLSFPIEQSPFHSDTLFPYFASLVPEGWLKHKYALHQRID
ESDMFRFLLNNGENMLGAVQIQEEKQ
;
_entity_poly.pdbx_strand_id                 A 
_entity_poly.pdbx_target_identifier         ? 
# 
loop_
_entity_poly_seq.entity_id 
_entity_poly_seq.num 
_entity_poly_seq.mon_id 
_entity_poly_seq.hetero 
1 1   MET n 
1 2   ARG n 
1 3   ASP n 
1 4   LEU n 
1 5   VAL n 
1 6   ARG n 
1 7   SER n 
1 8   GLY n 
1 9   LYS n 
1 10  VAL n 
1 11  PHE n 
1 12  LEU n 
1 13  TYR n 
1 14  GLY n 
1 15  GLU n 
1 16  PHE n 
1 17  ILE n 
1 18  GLY n 
1 19  LEU n 
1 20  LEU n 
1 21  ARG n 
1 22  GLU n 
1 23  ASP n 
1 24  HIS n 
1 25  ARG n 
1 26  GLY n 
1 27  PHE n 
1 28  HIS n 
1 29  PHE n 
1 30  SER n 
1 31  TYR n 
1 32  ASN n 
1 33  PRO n 
1 34  ASP n 
1 35  TYR n 
1 36  GLN n 
1 37  GLY n 
1 38  ILE n 
1 39  PRO n 
1 40  LEU n 
1 41  SER n 
1 42  LEU n 
1 43  SER n 
1 44  PHE n 
1 45  PRO n 
1 46  ILE n 
1 47  GLU n 
1 48  GLN n 
1 49  SER n 
1 50  PRO n 
1 51  PHE n 
1 52  HIS n 
1 53  SER n 
1 54  ASP n 
1 55  THR n 
1 56  LEU n 
1 57  PHE n 
1 58  PRO n 
1 59  TYR n 
1 60  PHE n 
1 61  ALA n 
1 62  SER n 
1 63  LEU n 
1 64  VAL n 
1 65  PRO n 
1 66  GLU n 
1 67  GLY n 
1 68  TRP n 
1 69  LEU n 
1 70  LYS n 
1 71  HIS n 
1 72  LYS n 
1 73  TYR n 
1 74  ALA n 
1 75  LEU n 
1 76  HIS n 
1 77  GLN n 
1 78  ARG n 
1 79  ILE n 
1 80  ASP n 
1 81  GLU n 
1 82  SER n 
1 83  ASP n 
1 84  MET n 
1 85  PHE n 
1 86  ARG n 
1 87  PHE n 
1 88  LEU n 
1 89  LEU n 
1 90  ASN n 
1 91  ASN n 
1 92  GLY n 
1 93  GLU n 
1 94  ASN n 
1 95  MET n 
1 96  LEU n 
1 97  GLY n 
1 98  ALA n 
1 99  VAL n 
1 100 GLN n 
1 101 ILE n 
1 102 GLN n 
1 103 GLU n 
1 104 GLU n 
1 105 LYS n 
1 106 GLN n 
# 
_entity_src_gen.entity_id                          1 
_entity_src_gen.pdbx_src_id                        1 
_entity_src_gen.pdbx_alt_source_flag               sample 
_entity_src_gen.pdbx_seq_type                      'Biological sequence' 
_entity_src_gen.pdbx_beg_seq_num                   1 
_entity_src_gen.pdbx_end_seq_num                   106 
_entity_src_gen.gene_src_common_name               ? 
_entity_src_gen.gene_src_genus                     ? 
_entity_src_gen.pdbx_gene_src_gene                 HI_0666 
_entity_src_gen.gene_src_species                   ? 
_entity_src_gen.gene_src_strain                    'ATCC 51907 / DSM 11121 / KW20 / Rd' 
_entity_src_gen.gene_src_tissue                    ? 
_entity_src_gen.gene_src_tissue_fraction           ? 
_entity_src_gen.gene_src_details                   ? 
_entity_src_gen.pdbx_gene_src_fragment             ? 
_entity_src_gen.pdbx_gene_src_scientific_name      'Haemophilus influenzae (strain ATCC 51907 / DSM 11121 / KW20 / Rd)' 
_entity_src_gen.pdbx_gene_src_ncbi_taxonomy_id     71421 
_entity_src_gen.pdbx_gene_src_variant              ? 
_entity_src_gen.pdbx_gene_src_cell_line            ? 
_entity_src_gen.pdbx_gene_src_atcc                 ? 
_entity_src_gen.pdbx_gene_src_organ                ? 
_entity_src_gen.pdbx_gene_src_organelle            ? 
_entity_src_gen.pdbx_gene_src_cell                 ? 
_entity_src_gen.pdbx_gene_src_cellular_location    ? 
_entity_src_gen.host_org_common_name               ? 
_entity_src_gen.pdbx_host_org_scientific_name      'Escherichia coli' 
_entity_src_gen.pdbx_host_org_ncbi_taxonomy_id     562 
_entity_src_gen.host_org_genus                     ? 
_entity_src_gen.pdbx_host_org_gene                 ? 
_entity_src_gen.pdbx_host_org_organ                ? 
_entity_src_gen.host_org_species                   ? 
_entity_src_gen.pdbx_host_org_tissue               ? 
_entity_src_gen.pdbx_host_org_tissue_fraction      ? 
_entity_src_gen.pdbx_host_org_strain               ? 
_entity_src_gen.pdbx_host_org_variant              ? 
_entity_src_gen.pdbx_host_org_cell_line            ? 
_entity_src_gen.pdbx_host_org_atcc                 ? 
_entity_src_gen.pdbx_host_org_culture_collection   ? 
_entity_src_gen.pdbx_host_org_cell                 ? 
_entity_src_gen.pdbx_host_org_organelle            ? 
_entity_src_gen.pdbx_host_org_cellular_location    ? 
_entity_src_gen.pdbx_host_org_vector_type          ? 
_entity_src_gen.pdbx_host_org_vector               ? 
_entity_src_gen.host_org_details                   ? 
_entity_src_gen.expression_system_id               ? 
_entity_src_gen.plasmid_name                       ? 
_entity_src_gen.plasmid_details                    ? 
_entity_src_gen.pdbx_description                   ? 
# 
_struct_ref.id                         1 
_struct_ref.db_name                    UNP 
_struct_ref.db_code                    Y666_HAEIN 
_struct_ref.pdbx_db_accession          P44034 
_struct_ref.pdbx_db_isoform            ? 
_struct_ref.entity_id                  1 
_struct_ref.pdbx_seq_one_letter_code   
;MRDLVRSGKVFLYGEFIGLLREDHRGFHFSYNPDYQGIPLSLSFPIEQSPFHSDTLFPYFASLVPEGWLKHKYALHQRID
ESDMFRFLLNNGENMLGAVQIQEEKQ
;
_struct_ref.pdbx_align_begin           1 
# 
_struct_ref_seq.align_id                      1 
_struct_ref_seq.ref_id                        1 
_struct_ref_seq.pdbx_PDB_id_code              7CZO 
_struct_ref_seq.pdbx_strand_id                A 
_struct_ref_seq.seq_align_beg                 1 
_struct_ref_seq.pdbx_seq_align_beg_ins_code   ? 
_struct_ref_seq.seq_align_end                 106 
_struct_ref_seq.pdbx_seq_align_end_ins_code   ? 
_struct_ref_seq.pdbx_db_accession             P44034 
_struct_ref_seq.db_align_beg                  1 
_struct_ref_seq.pdbx_db_align_beg_ins_code    ? 
_struct_ref_seq.db_align_end                  106 
_struct_ref_seq.pdbx_db_align_end_ins_code    ? 
_struct_ref_seq.pdbx_auth_seq_align_beg       1 
_struct_ref_seq.pdbx_auth_seq_align_end       106 
# 
loop_
_chem_comp.id 
_chem_comp.type 
_chem_comp.mon_nstd_flag 
_chem_comp.name 
_chem_comp.pdbx_synonyms 
_chem_comp.formula 
_chem_comp.formula_weight 
ALA 'L-peptide linking' y ALANINE         ? 'C3 H7 N O2'     89.093  
ARG 'L-peptide linking' y ARGININE        ? 'C6 H15 N4 O2 1' 175.209 
ASN 'L-peptide linking' y ASPARAGINE      ? 'C4 H8 N2 O3'    132.118 
ASP 'L-peptide linking' y 'ASPARTIC ACID' ? 'C4 H7 N O4'     133.103 
CL  non-polymer         . 'CHLORIDE ION'  ? 'Cl -1'          35.453  
GLN 'L-peptide linking' y GLUTAMINE       ? 'C5 H10 N2 O3'   146.144 
GLU 'L-peptide linking' y 'GLUTAMIC ACID' ? 'C5 H9 N O4'     147.129 
GLY 'peptide linking'   y GLYCINE         ? 'C2 H5 N O2'     75.067  
HIS 'L-peptide linking' y HISTIDINE       ? 'C6 H10 N3 O2 1' 156.162 
HOH non-polymer         . WATER           ? 'H2 O'           18.015  
ILE 'L-peptide linking' y ISOLEUCINE      ? 'C6 H13 N O2'    131.173 
LEU 'L-peptide linking' y LEUCINE         ? 'C6 H13 N O2'    131.173 
LYS 'L-peptide linking' y LYSINE          ? 'C6 H15 N2 O2 1' 147.195 
MET 'L-peptide linking' y METHIONINE      ? 'C5 H11 N O2 S'  149.211 
PHE 'L-peptide linking' y PHENYLALANINE   ? 'C9 H11 N O2'    165.189 
PRO 'L-peptide linking' y PROLINE         ? 'C5 H9 N O2'     115.130 
SER 'L-peptide linking' y SERINE          ? 'C3 H7 N O3'     105.093 
THR 'L-peptide linking' y THREONINE       ? 'C4 H9 N O3'     119.119 
TRP 'L-peptide linking' y TRYPTOPHAN      ? 'C11 H12 N2 O2'  204.225 
TYR 'L-peptide linking' y TYROSINE        ? 'C9 H11 N O3'    181.189 
VAL 'L-peptide linking' y VALINE          ? 'C5 H11 N O2'    117.146 
# 
_exptl.absorpt_coefficient_mu     ? 
_exptl.absorpt_correction_T_max   ? 
_exptl.absorpt_correction_T_min   ? 
_exptl.absorpt_correction_type    ? 
_exptl.absorpt_process_details    ? 
_exptl.entry_id                   7CZO 
_exptl.crystals_number            1 
_exptl.details                    ? 
_exptl.method                     'X-RAY DIFFRACTION' 
_exptl.method_details             ? 
# 
_exptl_crystal.colour                      ? 
_exptl_crystal.density_diffrn              ? 
_exptl_crystal.density_Matthews            4.56 
_exptl_crystal.density_method              ? 
_exptl_crystal.density_percent_sol         73.03 
_exptl_crystal.description                 ? 
_exptl_crystal.F_000                       ? 
_exptl_crystal.id                          1 
_exptl_crystal.preparation                 ? 
_exptl_crystal.size_max                    ? 
_exptl_crystal.size_mid                    ? 
_exptl_crystal.size_min                    ? 
_exptl_crystal.size_rad                    ? 
_exptl_crystal.colour_lustre               ? 
_exptl_crystal.colour_modifier             ? 
_exptl_crystal.colour_primary              ? 
_exptl_crystal.density_meas                ? 
_exptl_crystal.density_meas_esd            ? 
_exptl_crystal.density_meas_gt             ? 
_exptl_crystal.density_meas_lt             ? 
_exptl_crystal.density_meas_temp           ? 
_exptl_crystal.density_meas_temp_esd       ? 
_exptl_crystal.density_meas_temp_gt        ? 
_exptl_crystal.density_meas_temp_lt        ? 
_exptl_crystal.pdbx_crystal_image_url      ? 
_exptl_crystal.pdbx_crystal_image_format   ? 
_exptl_crystal.pdbx_mosaicity              ? 
_exptl_crystal.pdbx_mosaicity_esd          ? 
# 
_exptl_crystal_grow.apparatus       ? 
_exptl_crystal_grow.atmosphere      ? 
_exptl_crystal_grow.crystal_id      1 
_exptl_crystal_grow.details         ? 
_exptl_crystal_grow.method          'VAPOR DIFFUSION, SITTING DROP' 
_exptl_crystal_grow.method_ref      ? 
_exptl_crystal_grow.pH              ? 
_exptl_crystal_grow.pressure        ? 
_exptl_crystal_grow.pressure_esd    ? 
_exptl_crystal_grow.seeding         ? 
_exptl_crystal_grow.seeding_ref     ? 
_exptl_crystal_grow.temp            293 
_exptl_crystal_grow.temp_details    ? 
_exptl_crystal_grow.temp_esd        ? 
_exptl_crystal_grow.time            ? 
_exptl_crystal_grow.pdbx_details    '1 M ammonium sulfate, 0.1 M HEPES, 0.5% (w/v) PEG 8000' 
_exptl_crystal_grow.pdbx_pH_range   ? 
# 
_diffrn.ambient_environment              ? 
_diffrn.ambient_temp                     293 
_diffrn.ambient_temp_details             ? 
_diffrn.ambient_temp_esd                 ? 
_diffrn.crystal_id                       1 
_diffrn.crystal_support                  ? 
_diffrn.crystal_treatment                ? 
_diffrn.details                          ? 
_diffrn.id                               1 
_diffrn.ambient_pressure                 ? 
_diffrn.ambient_pressure_esd             ? 
_diffrn.ambient_pressure_gt              ? 
_diffrn.ambient_pressure_lt              ? 
_diffrn.ambient_temp_gt                  ? 
_diffrn.ambient_temp_lt                  ? 
_diffrn.pdbx_serial_crystal_experiment   N 
# 
_diffrn_detector.details                      ? 
_diffrn_detector.detector                     CCD 
_diffrn_detector.diffrn_id                    1 
_diffrn_detector.type                         'ADSC QUANTUM 315r' 
_diffrn_detector.area_resol_mean              ? 
_diffrn_detector.dtime                        ? 
_diffrn_detector.pdbx_frames_total            ? 
_diffrn_detector.pdbx_collection_time_total   ? 
_diffrn_detector.pdbx_collection_date         2019-11-14 
_diffrn_detector.pdbx_frequency               ? 
# 
_diffrn_radiation.collimation                      ? 
_diffrn_radiation.diffrn_id                        1 
_diffrn_radiation.filter_edge                      ? 
_diffrn_radiation.inhomogeneity                    ? 
_diffrn_radiation.monochromator                    ? 
_diffrn_radiation.polarisn_norm                    ? 
_diffrn_radiation.polarisn_ratio                   ? 
_diffrn_radiation.probe                            ? 
_diffrn_radiation.type                             ? 
_diffrn_radiation.xray_symbol                      ? 
_diffrn_radiation.wavelength_id                    1 
_diffrn_radiation.pdbx_monochromatic_or_laue_m_l   M 
_diffrn_radiation.pdbx_wavelength_list             ? 
_diffrn_radiation.pdbx_wavelength                  ? 
_diffrn_radiation.pdbx_diffrn_protocol             MAD 
_diffrn_radiation.pdbx_analyzer                    ? 
_diffrn_radiation.pdbx_scattering_type             x-ray 
# 
_diffrn_radiation_wavelength.id           1 
_diffrn_radiation_wavelength.wavelength   0.9795 
_diffrn_radiation_wavelength.wt           1.0 
# 
_diffrn_source.current                     ? 
_diffrn_source.details                     ? 
_diffrn_source.diffrn_id                   1 
_diffrn_source.power                       ? 
_diffrn_source.size                        ? 
_diffrn_source.source                      SYNCHROTRON 
_diffrn_source.target                      ? 
_diffrn_source.type                        'PAL/PLS BEAMLINE 11C' 
_diffrn_source.voltage                     ? 
_diffrn_source.take-off_angle              ? 
_diffrn_source.pdbx_wavelength_list        0.9795 
_diffrn_source.pdbx_wavelength             ? 
_diffrn_source.pdbx_synchrotron_beamline   11C 
_diffrn_source.pdbx_synchrotron_site       PAL/PLS 
# 
_reflns.B_iso_Wilson_estimate            ? 
_reflns.entry_id                         7CZO 
_reflns.data_reduction_details           ? 
_reflns.data_reduction_method            ? 
_reflns.d_resolution_high                2.70 
_reflns.d_resolution_low                 50 
_reflns.details                          ? 
_reflns.limit_h_max                      ? 
_reflns.limit_h_min                      ? 
_reflns.limit_k_max                      ? 
_reflns.limit_k_min                      ? 
_reflns.limit_l_max                      ? 
_reflns.limit_l_min                      ? 
_reflns.number_all                       ? 
_reflns.number_obs                       6880 
_reflns.observed_criterion               ? 
_reflns.observed_criterion_F_max         ? 
_reflns.observed_criterion_F_min         ? 
_reflns.observed_criterion_I_max         ? 
_reflns.observed_criterion_I_min         ? 
_reflns.observed_criterion_sigma_F       ? 
_reflns.observed_criterion_sigma_I       ? 
_reflns.percent_possible_obs             99.9 
_reflns.R_free_details                   ? 
_reflns.Rmerge_F_all                     ? 
_reflns.Rmerge_F_obs                     ? 
_reflns.Friedel_coverage                 ? 
_reflns.number_gt                        ? 
_reflns.threshold_expression             ? 
_reflns.pdbx_redundancy                  9.6 
_reflns.pdbx_Rmerge_I_obs                ? 
_reflns.pdbx_Rmerge_I_all                ? 
_reflns.pdbx_Rsym_value                  ? 
_reflns.pdbx_netI_over_av_sigmaI         ? 
_reflns.pdbx_netI_over_sigmaI            27.9 
_reflns.pdbx_res_netI_over_av_sigmaI_2   ? 
_reflns.pdbx_res_netI_over_sigmaI_2      ? 
_reflns.pdbx_chi_squared                 ? 
_reflns.pdbx_scaling_rejects             ? 
_reflns.pdbx_d_res_high_opt              ? 
_reflns.pdbx_d_res_low_opt               ? 
_reflns.pdbx_d_res_opt_method            ? 
_reflns.phase_calculation_details        ? 
_reflns.pdbx_Rrim_I_all                  ? 
_reflns.pdbx_Rpim_I_all                  ? 
_reflns.pdbx_d_opt                       ? 
_reflns.pdbx_number_measured_all         ? 
_reflns.pdbx_diffrn_id                   1 
_reflns.pdbx_ordinal                     1 
_reflns.pdbx_CC_half                     0.998 
_reflns.pdbx_CC_star                     ? 
_reflns.pdbx_R_split                     ? 
# 
_reflns_shell.d_res_high                  2.70 
_reflns_shell.d_res_low                   2.75 
_reflns_shell.meanI_over_sigI_all         ? 
_reflns_shell.meanI_over_sigI_obs         ? 
_reflns_shell.number_measured_all         ? 
_reflns_shell.number_measured_obs         ? 
_reflns_shell.number_possible             ? 
_reflns_shell.number_unique_all           ? 
_reflns_shell.number_unique_obs           345 
_reflns_shell.percent_possible_all        ? 
_reflns_shell.percent_possible_obs        ? 
_reflns_shell.Rmerge_F_all                ? 
_reflns_shell.Rmerge_F_obs                ? 
_reflns_shell.Rmerge_I_all                ? 
_reflns_shell.Rmerge_I_obs                ? 
_reflns_shell.meanI_over_sigI_gt          ? 
_reflns_shell.meanI_over_uI_all           ? 
_reflns_shell.meanI_over_uI_gt            ? 
_reflns_shell.number_measured_gt          ? 
_reflns_shell.number_unique_gt            ? 
_reflns_shell.percent_possible_gt         ? 
_reflns_shell.Rmerge_F_gt                 ? 
_reflns_shell.Rmerge_I_gt                 ? 
_reflns_shell.pdbx_redundancy             ? 
_reflns_shell.pdbx_Rsym_value             ? 
_reflns_shell.pdbx_chi_squared            ? 
_reflns_shell.pdbx_netI_over_sigmaI_all   ? 
_reflns_shell.pdbx_netI_over_sigmaI_obs   ? 
_reflns_shell.pdbx_Rrim_I_all             ? 
_reflns_shell.pdbx_Rpim_I_all             ? 
_reflns_shell.pdbx_rejects                ? 
_reflns_shell.pdbx_ordinal                1 
_reflns_shell.pdbx_diffrn_id              1 
_reflns_shell.pdbx_CC_half                0.973 
_reflns_shell.pdbx_CC_star                ? 
_reflns_shell.pdbx_R_split                ? 
# 
_refine.aniso_B[1][1]                            ? 
_refine.aniso_B[1][2]                            ? 
_refine.aniso_B[1][3]                            ? 
_refine.aniso_B[2][2]                            ? 
_refine.aniso_B[2][3]                            ? 
_refine.aniso_B[3][3]                            ? 
_refine.B_iso_max                                ? 
_refine.B_iso_mean                               76.47 
_refine.B_iso_min                                ? 
_refine.correlation_coeff_Fo_to_Fc               ? 
_refine.correlation_coeff_Fo_to_Fc_free          ? 
_refine.details                                  ? 
_refine.diff_density_max                         ? 
_refine.diff_density_max_esd                     ? 
_refine.diff_density_min                         ? 
_refine.diff_density_min_esd                     ? 
_refine.diff_density_rms                         ? 
_refine.diff_density_rms_esd                     ? 
_refine.entry_id                                 7CZO 
_refine.pdbx_refine_id                           'X-RAY DIFFRACTION' 
_refine.ls_abs_structure_details                 ? 
_refine.ls_abs_structure_Flack                   ? 
_refine.ls_abs_structure_Flack_esd               ? 
_refine.ls_abs_structure_Rogers                  ? 
_refine.ls_abs_structure_Rogers_esd              ? 
_refine.ls_d_res_high                            2.70 
_refine.ls_d_res_low                             50 
_refine.ls_extinction_coef                       ? 
_refine.ls_extinction_coef_esd                   ? 
_refine.ls_extinction_expression                 ? 
_refine.ls_extinction_method                     ? 
_refine.ls_goodness_of_fit_all                   ? 
_refine.ls_goodness_of_fit_all_esd               ? 
_refine.ls_goodness_of_fit_obs                   ? 
_refine.ls_goodness_of_fit_obs_esd               ? 
_refine.ls_hydrogen_treatment                    ? 
_refine.ls_matrix_type                           ? 
_refine.ls_number_constraints                    ? 
_refine.ls_number_parameters                     ? 
_refine.ls_number_reflns_all                     ? 
_refine.ls_number_reflns_obs                     6880 
_refine.ls_number_reflns_R_free                  ? 
_refine.ls_number_reflns_R_work                  ? 
_refine.ls_number_restraints                     ? 
_refine.ls_percent_reflns_obs                    99.9 
_refine.ls_percent_reflns_R_free                 ? 
_refine.ls_R_factor_all                          ? 
_refine.ls_R_factor_obs                          ? 
_refine.ls_R_factor_R_free                       0.274 
_refine.ls_R_factor_R_free_error                 ? 
_refine.ls_R_factor_R_free_error_details         ? 
_refine.ls_R_factor_R_work                       0.242 
_refine.ls_R_Fsqd_factor_obs                     ? 
_refine.ls_R_I_factor_obs                        ? 
_refine.ls_redundancy_reflns_all                 ? 
_refine.ls_redundancy_reflns_obs                 ? 
_refine.ls_restrained_S_all                      ? 
_refine.ls_restrained_S_obs                      ? 
_refine.ls_shift_over_esd_max                    ? 
_refine.ls_shift_over_esd_mean                   ? 
_refine.ls_structure_factor_coef                 ? 
_refine.ls_weighting_details                     ? 
_refine.ls_weighting_scheme                      ? 
_refine.ls_wR_factor_all                         ? 
_refine.ls_wR_factor_obs                         ? 
_refine.ls_wR_factor_R_free                      ? 
_refine.ls_wR_factor_R_work                      ? 
_refine.occupancy_max                            ? 
_refine.occupancy_min                            ? 
_refine.solvent_model_details                    ? 
_refine.solvent_model_param_bsol                 ? 
_refine.solvent_model_param_ksol                 ? 
_refine.pdbx_R_complete                          ? 
_refine.ls_R_factor_gt                           ? 
_refine.ls_goodness_of_fit_gt                    ? 
_refine.ls_goodness_of_fit_ref                   ? 
_refine.ls_shift_over_su_max                     ? 
_refine.ls_shift_over_su_max_lt                  ? 
_refine.ls_shift_over_su_mean                    ? 
_refine.ls_shift_over_su_mean_lt                 ? 
_refine.pdbx_ls_sigma_I                          ? 
_refine.pdbx_ls_sigma_F                          ? 
_refine.pdbx_ls_sigma_Fsqd                       ? 
_refine.pdbx_data_cutoff_high_absF               ? 
_refine.pdbx_data_cutoff_high_rms_absF           ? 
_refine.pdbx_data_cutoff_low_absF                ? 
_refine.pdbx_isotropic_thermal_model             ? 
_refine.pdbx_ls_cross_valid_method               'FREE R-VALUE' 
_refine.pdbx_method_to_determine_struct          'MOLECULAR REPLACEMENT' 
_refine.pdbx_starting_model                      2WIU 
_refine.pdbx_stereochemistry_target_values       'GeoStd + Monomer Library + CDL v1.2' 
_refine.pdbx_R_Free_selection_details            ? 
_refine.pdbx_stereochem_target_val_spec_case     ? 
_refine.pdbx_overall_ESU_R                       ? 
_refine.pdbx_overall_ESU_R_Free                  ? 
_refine.pdbx_solvent_vdw_probe_radii             ? 
_refine.pdbx_solvent_ion_probe_radii             ? 
_refine.pdbx_solvent_shrinkage_radii             ? 
_refine.pdbx_real_space_R                        ? 
_refine.pdbx_density_correlation                 ? 
_refine.pdbx_pd_number_of_powder_patterns        ? 
_refine.pdbx_pd_number_of_points                 ? 
_refine.pdbx_pd_meas_number_of_points            ? 
_refine.pdbx_pd_proc_ls_prof_R_factor            ? 
_refine.pdbx_pd_proc_ls_prof_wR_factor           ? 
_refine.pdbx_pd_Marquardt_correlation_coeff      ? 
_refine.pdbx_pd_Fsqrd_R_factor                   ? 
_refine.pdbx_pd_ls_matrix_band_width             ? 
_refine.pdbx_overall_phase_error                 ? 
_refine.pdbx_overall_SU_R_free_Cruickshank_DPI   ? 
_refine.pdbx_overall_SU_R_free_Blow_DPI          ? 
_refine.pdbx_overall_SU_R_Blow_DPI               ? 
_refine.pdbx_TLS_residual_ADP_flag               ? 
_refine.pdbx_diffrn_id                           1 
_refine.overall_SU_B                             ? 
_refine.overall_SU_ML                            ? 
_refine.overall_SU_R_Cruickshank_DPI             ? 
_refine.overall_SU_R_free                        ? 
_refine.overall_FOM_free_R_set                   ? 
_refine.overall_FOM_work_R_set                   ? 
_refine.pdbx_average_fsc_overall                 ? 
_refine.pdbx_average_fsc_work                    ? 
_refine.pdbx_average_fsc_free                    ? 
# 
_refine_hist.pdbx_refine_id                   'X-RAY DIFFRACTION' 
_refine_hist.cycle_id                         LAST 
_refine_hist.pdbx_number_atoms_protein        882 
_refine_hist.pdbx_number_atoms_nucleic_acid   0 
_refine_hist.pdbx_number_atoms_ligand         5 
_refine_hist.number_atoms_solvent             30 
_refine_hist.number_atoms_total               917 
_refine_hist.d_res_high                       2.70 
_refine_hist.d_res_low                        50 
# 
loop_
_refine_ls_restr.pdbx_refine_id 
_refine_ls_restr.criterion 
_refine_ls_restr.dev_ideal 
_refine_ls_restr.dev_ideal_target 
_refine_ls_restr.number 
_refine_ls_restr.rejects 
_refine_ls_restr.type 
_refine_ls_restr.weight 
_refine_ls_restr.pdbx_restraint_function 
'X-RAY DIFFRACTION' ? 0.0147  ? 909  ? f_bond_d           ? ? 
'X-RAY DIFFRACTION' ? 1.9018  ? 1226 ? f_angle_d          ? ? 
'X-RAY DIFFRACTION' ? 0.1040  ? 121  ? f_chiral_restr     ? ? 
'X-RAY DIFFRACTION' ? 0.0084  ? 162  ? f_plane_restr      ? ? 
'X-RAY DIFFRACTION' ? 22.1270 ? 532  ? f_dihedral_angle_d ? ? 
# 
_struct.entry_id                     7CZO 
_struct.title                        'N-terminal domain of HipA toxin' 
_struct.pdbx_model_details           ? 
_struct.pdbx_formula_weight          ? 
_struct.pdbx_formula_weight_method   ? 
_struct.pdbx_model_type_details      ? 
_struct.pdbx_CASP_flag               N 
# 
_struct_keywords.entry_id        7CZO 
_struct_keywords.text            'N-terminal domain of HipA toxin, UNKNOWN FUNCTION' 
_struct_keywords.pdbx_keywords   'UNKNOWN FUNCTION' 
# 
loop_
_struct_asym.id 
_struct_asym.pdbx_blank_PDB_chainid_flag 
_struct_asym.pdbx_modified 
_struct_asym.entity_id 
_struct_asym.details 
A N N 1 ? 
B N N 2 ? 
C N N 2 ? 
D N N 2 ? 
E N N 2 ? 
F N N 2 ? 
G N N 3 ? 
# 
loop_
_struct_conf.conf_type_id 
_struct_conf.id 
_struct_conf.pdbx_PDB_helix_id 
_struct_conf.beg_label_comp_id 
_struct_conf.beg_label_asym_id 
_struct_conf.beg_label_seq_id 
_struct_conf.pdbx_beg_PDB_ins_code 
_struct_conf.end_label_comp_id 
_struct_conf.end_label_asym_id 
_struct_conf.end_label_seq_id 
_struct_conf.pdbx_end_PDB_ins_code 
_struct_conf.beg_auth_comp_id 
_struct_conf.beg_auth_asym_id 
_struct_conf.beg_auth_seq_id 
_struct_conf.end_auth_comp_id 
_struct_conf.end_auth_asym_id 
_struct_conf.end_auth_seq_id 
_struct_conf.pdbx_PDB_helix_class 
_struct_conf.details 
_struct_conf.pdbx_PDB_helix_length 
HELX_P HELX_P1 AA1 PRO A 45 ? SER A 49 ? PRO A 45 SER A 49 5 ? 5  
HELX_P HELX_P2 AA2 PHE A 57 ? LEU A 63 ? PHE A 57 LEU A 63 1 ? 7  
HELX_P HELX_P3 AA3 PRO A 65 ? HIS A 71 ? PRO A 65 HIS A 71 1 ? 7  
HELX_P HELX_P4 AA4 GLU A 81 ? GLY A 92 ? GLU A 81 GLY A 92 1 ? 12 
# 
_struct_conf_type.id          HELX_P 
_struct_conf_type.criteria    ? 
_struct_conf_type.reference   ? 
# 
loop_
_struct_mon_prot_cis.pdbx_id 
_struct_mon_prot_cis.label_comp_id 
_struct_mon_prot_cis.label_seq_id 
_struct_mon_prot_cis.label_asym_id 
_struct_mon_prot_cis.label_alt_id 
_struct_mon_prot_cis.pdbx_PDB_ins_code 
_struct_mon_prot_cis.auth_comp_id 
_struct_mon_prot_cis.auth_seq_id 
_struct_mon_prot_cis.auth_asym_id 
_struct_mon_prot_cis.pdbx_label_comp_id_2 
_struct_mon_prot_cis.pdbx_label_seq_id_2 
_struct_mon_prot_cis.pdbx_label_asym_id_2 
_struct_mon_prot_cis.pdbx_PDB_ins_code_2 
_struct_mon_prot_cis.pdbx_auth_comp_id_2 
_struct_mon_prot_cis.pdbx_auth_seq_id_2 
_struct_mon_prot_cis.pdbx_auth_asym_id_2 
_struct_mon_prot_cis.pdbx_PDB_model_num 
_struct_mon_prot_cis.pdbx_omega_angle 
1 ASP 3   A . ? ASP 3   A LEU 4   A ? LEU 4   A 1 -4.22  
2 LEU 4   A . ? LEU 4   A VAL 5   A ? VAL 5   A 1 -2.59  
3 SER 49  A . ? SER 49  A PRO 50  A ? PRO 50  A 1 5.12   
4 TYR 73  A . ? TYR 73  A ALA 74  A ? ALA 74  A 1 29.89  
5 ALA 74  A . ? ALA 74  A LEU 75  A ? LEU 75  A 1 -12.80 
6 LEU 75  A . ? LEU 75  A HIS 76  A ? HIS 76  A 1 -24.35 
7 ASN 91  A . ? ASN 91  A GLY 92  A ? GLY 92  A 1 18.55  
8 GLU 104 A . ? GLU 104 A LYS 105 A ? LYS 105 A 1 23.41  
# 
_struct_sheet.id               AA1 
_struct_sheet.type             ? 
_struct_sheet.number_strands   5 
_struct_sheet.details          ? 
# 
loop_
_struct_sheet_order.sheet_id 
_struct_sheet_order.range_id_1 
_struct_sheet_order.range_id_2 
_struct_sheet_order.offset 
_struct_sheet_order.sense 
AA1 1 2 ? anti-parallel 
AA1 2 3 ? anti-parallel 
AA1 3 4 ? anti-parallel 
AA1 4 5 ? anti-parallel 
# 
loop_
_struct_sheet_range.sheet_id 
_struct_sheet_range.id 
_struct_sheet_range.beg_label_comp_id 
_struct_sheet_range.beg_label_asym_id 
_struct_sheet_range.beg_label_seq_id 
_struct_sheet_range.pdbx_beg_PDB_ins_code 
_struct_sheet_range.end_label_comp_id 
_struct_sheet_range.end_label_asym_id 
_struct_sheet_range.end_label_seq_id 
_struct_sheet_range.pdbx_end_PDB_ins_code 
_struct_sheet_range.beg_auth_comp_id 
_struct_sheet_range.beg_auth_asym_id 
_struct_sheet_range.beg_auth_seq_id 
_struct_sheet_range.end_auth_comp_id 
_struct_sheet_range.end_auth_asym_id 
_struct_sheet_range.end_auth_seq_id 
AA1 1 PHE A 51 ? SER A 53  ? PHE A 51 SER A 53  
AA1 2 PHE A 27 ? TYR A 31  ? PHE A 27 TYR A 31  
AA1 3 GLU A 15 ? GLU A 22  ? GLU A 15 GLU A 22  
AA1 4 SER A 7  ? LEU A 12  ? SER A 7  LEU A 12  
AA1 5 ALA A 98 ? GLN A 102 ? ALA A 98 GLN A 102 
# 
loop_
_pdbx_struct_sheet_hbond.sheet_id 
_pdbx_struct_sheet_hbond.range_id_1 
_pdbx_struct_sheet_hbond.range_id_2 
_pdbx_struct_sheet_hbond.range_1_label_atom_id 
_pdbx_struct_sheet_hbond.range_1_label_comp_id 
_pdbx_struct_sheet_hbond.range_1_label_asym_id 
_pdbx_struct_sheet_hbond.range_1_label_seq_id 
_pdbx_struct_sheet_hbond.range_1_PDB_ins_code 
_pdbx_struct_sheet_hbond.range_1_auth_atom_id 
_pdbx_struct_sheet_hbond.range_1_auth_comp_id 
_pdbx_struct_sheet_hbond.range_1_auth_asym_id 
_pdbx_struct_sheet_hbond.range_1_auth_seq_id 
_pdbx_struct_sheet_hbond.range_2_label_atom_id 
_pdbx_struct_sheet_hbond.range_2_label_comp_id 
_pdbx_struct_sheet_hbond.range_2_label_asym_id 
_pdbx_struct_sheet_hbond.range_2_label_seq_id 
_pdbx_struct_sheet_hbond.range_2_PDB_ins_code 
_pdbx_struct_sheet_hbond.range_2_auth_atom_id 
_pdbx_struct_sheet_hbond.range_2_auth_comp_id 
_pdbx_struct_sheet_hbond.range_2_auth_asym_id 
_pdbx_struct_sheet_hbond.range_2_auth_seq_id 
AA1 1 2 O PHE A 51 ? O PHE A 51 N PHE A 29 ? N PHE A 29 
AA1 2 3 O HIS A 28 ? O HIS A 28 N ARG A 21 ? N ARG A 21 
AA1 3 4 O ILE A 17 ? O ILE A 17 N VAL A 10 ? N VAL A 10 
AA1 4 5 N PHE A 11 ? N PHE A 11 O VAL A 99 ? O VAL A 99 
# 
loop_
_struct_site.id 
_struct_site.pdbx_evidence_code 
_struct_site.pdbx_auth_asym_id 
_struct_site.pdbx_auth_comp_id 
_struct_site.pdbx_auth_seq_id 
_struct_site.pdbx_auth_ins_code 
_struct_site.pdbx_num_residues 
_struct_site.details 
AC1 Software A CL 201 ? 2 'binding site for residue CL A 201' 
AC2 Software A CL 202 ? 2 'binding site for residue CL A 202' 
AC3 Software A CL 203 ? 3 'binding site for residue CL A 203' 
AC4 Software A CL 204 ? 3 'binding site for residue CL A 204' 
AC5 Software A CL 205 ? 3 'binding site for residue CL A 205' 
# 
loop_
_struct_site_gen.id 
_struct_site_gen.site_id 
_struct_site_gen.pdbx_num_res 
_struct_site_gen.label_comp_id 
_struct_site_gen.label_asym_id 
_struct_site_gen.label_seq_id 
_struct_site_gen.pdbx_auth_ins_code 
_struct_site_gen.auth_comp_id 
_struct_site_gen.auth_asym_id 
_struct_site_gen.auth_seq_id 
_struct_site_gen.label_atom_id 
_struct_site_gen.label_alt_id 
_struct_site_gen.symmetry 
_struct_site_gen.details 
1  AC1 2 HIS A 52 ? HIS A 52  . ? 3_545 ? 
2  AC1 2 CL  D .  ? CL  A 203 . ? 3_545 ? 
3  AC2 2 ASP A 54 ? ASP A 54  . ? 1_555 ? 
4  AC2 2 CL  E .  ? CL  A 204 . ? 4_554 ? 
5  AC3 3 ILE A 38 ? ILE A 38  . ? 4_554 ? 
6  AC3 3 HIS A 52 ? HIS A 52  . ? 1_555 ? 
7  AC3 3 CL  B .  ? CL  A 201 . ? 4_554 ? 
8  AC4 3 SER A 53 ? SER A 53  . ? 3_545 ? 
9  AC4 3 ASP A 54 ? ASP A 54  . ? 3_545 ? 
10 AC4 3 CL  C .  ? CL  A 202 . ? 3_545 ? 
11 AC5 3 SER A 43 ? SER A 43  . ? 1_555 ? 
12 AC5 3 PRO A 58 ? PRO A 58  . ? 1_555 ? 
13 AC5 3 TYR A 59 ? TYR A 59  . ? 1_555 ? 
# 
_atom_sites.entry_id                    7CZO 
_atom_sites.Cartn_transf_matrix[1][1]   ? 
_atom_sites.Cartn_transf_matrix[1][2]   ? 
_atom_sites.Cartn_transf_matrix[1][3]   ? 
_atom_sites.Cartn_transf_matrix[2][1]   ? 
_atom_sites.Cartn_transf_matrix[2][2]   ? 
_atom_sites.Cartn_transf_matrix[2][3]   ? 
_atom_sites.Cartn_transf_matrix[3][1]   ? 
_atom_sites.Cartn_transf_matrix[3][2]   ? 
_atom_sites.Cartn_transf_matrix[3][3]   ? 
_atom_sites.Cartn_transf_vector[1]      ? 
_atom_sites.Cartn_transf_vector[2]      ? 
_atom_sites.Cartn_transf_vector[3]      ? 
_atom_sites.fract_transf_matrix[1][1]   -0.01365323 
_atom_sites.fract_transf_matrix[1][2]   0.00333064 
_atom_sites.fract_transf_matrix[1][3]   -0.00550682 
_atom_sites.fract_transf_matrix[2][1]   0.00318631 
_atom_sites.fract_transf_matrix[2][2]   0.01471973 
_atom_sites.fract_transf_matrix[2][3]   0.00100288 
_atom_sites.fract_transf_matrix[3][1]   0.00357484 
_atom_sites.fract_transf_matrix[3][2]   -0.00016324 
_atom_sites.fract_transf_matrix[3][3]   -0.00896194 
_atom_sites.fract_transf_vector[1]      0.466390 
_atom_sites.fract_transf_vector[2]      0.180327 
_atom_sites.fract_transf_vector[3]      0.441417 
_atom_sites.solution_primary            ? 
_atom_sites.solution_secondary          ? 
_atom_sites.solution_hydrogens          ? 
_atom_sites.special_details             ? 
# 
loop_
_atom_type.symbol 
C  
CL 
N  
O  
S  
# 
loop_
_atom_site.group_PDB 
_atom_site.id 
_atom_site.type_symbol 
_atom_site.label_atom_id 
_atom_site.label_alt_id 
_atom_site.label_comp_id 
_atom_site.label_asym_id 
_atom_site.label_entity_id 
_atom_site.label_seq_id 
_atom_site.pdbx_PDB_ins_code 
_atom_site.Cartn_x 
_atom_site.Cartn_y 
_atom_site.Cartn_z 
_atom_site.occupancy 
_atom_site.B_iso_or_equiv 
_atom_site.pdbx_formal_charge 
_atom_site.auth_seq_id 
_atom_site.auth_comp_id 
_atom_site.auth_asym_id 
_atom_site.auth_atom_id 
_atom_site.pdbx_PDB_model_num 
ATOM   1   N  N   . MET A 1 1   ? -16.69424 10.23318  -4.26275  1.000 128.88000 ? 1   MET A N   1 
ATOM   2   C  CA  . MET A 1 1   ? -16.60261 9.46106   -2.98891  1.000 125.85000 ? 1   MET A CA  1 
ATOM   3   C  C   . MET A 1 1   ? -16.80701 10.36792  -1.78837  1.000 134.74000 ? 1   MET A C   1 
ATOM   4   O  O   . MET A 1 1   ? -16.94882 11.57971  -1.95100  1.000 125.61000 ? 1   MET A O   1 
ATOM   5   C  CB  . MET A 1 1   ? -15.31531 8.63549   -2.93847  1.000 118.88000 ? 1   MET A CB  1 
ATOM   6   C  CG  . MET A 1 1   ? -15.44819 7.39005   -3.81729  1.000 121.37000 ? 1   MET A CG  1 
ATOM   7   S  SD  . MET A 1 1   ? -13.96779 6.90661   -4.72115  1.000 127.22000 ? 1   MET A SD  1 
ATOM   8   C  CE  . MET A 1 1   ? -14.67055 6.07339   -6.15244  1.000 118.09000 ? 1   MET A CE  1 
ATOM   9   N  N   . ARG A 1 2   ? -16.92336 9.75793   -0.60800  1.000 141.61000 ? 2   ARG A N   1 
ATOM   10  C  CA  . ARG A 1 2   ? -16.96663 10.47339  0.67754   1.000 128.46000 ? 2   ARG A CA  1 
ATOM   11  C  C   . ARG A 1 2   ? -16.26592 9.62622   1.74991   1.000 127.00000 ? 2   ARG A C   1 
ATOM   12  O  O   . ARG A 1 2   ? -16.44055 8.39746   1.81246   1.000 119.54000 ? 2   ARG A O   1 
ATOM   13  C  CB  . ARG A 1 2   ? -18.40465 10.80362  1.10684   1.000 124.11000 ? 2   ARG A CB  1 
ATOM   14  C  CG  . ARG A 1 2   ? -19.20943 11.62960  0.10426   1.000 124.61000 ? 2   ARG A CG  1 
ATOM   15  C  CD  . ARG A 1 2   ? -20.06041 10.74118  -0.79832  1.000 120.30000 ? 2   ARG A CD  1 
ATOM   16  N  NE  . ARG A 1 2   ? -20.43784 11.29078  -2.11211  1.000 114.48000 ? 2   ARG A NE  1 
ATOM   17  C  CZ  . ARG A 1 2   ? -21.18518 12.38068  -2.32454  1.000 109.91000 ? 2   ARG A CZ  1 
ATOM   18  N  NH1 . ARG A 1 2   ? -21.49009 12.73613  -3.56280  1.000 96.64000  ? 2   ARG A NH1 1 
ATOM   19  N  NH2 . ARG A 1 2   ? -21.62418 13.13959  -1.32256  1.000 117.87000 ? 2   ARG A NH2 1 
ATOM   20  N  N   . ASP A 1 3   ? -15.49008 10.30768  2.58751   1.000 127.81000 ? 3   ASP A N   1 
ATOM   21  C  CA  . ASP A 1 3   ? -14.49441 9.68559   3.49778   1.000 140.91000 ? 3   ASP A CA  1 
ATOM   22  C  C   . ASP A 1 3   ? -15.12720 9.00656   4.74369   1.000 138.52000 ? 3   ASP A C   1 
ATOM   23  O  O   . ASP A 1 3   ? -16.34969 9.02303   4.87920   1.000 134.16000 ? 3   ASP A O   1 
ATOM   24  C  CB  . ASP A 1 3   ? -13.45992 10.75922  3.89841   1.000 133.93000 ? 3   ASP A CB  1 
ATOM   25  C  CG  . ASP A 1 3   ? -14.10367 12.02640  4.39705   1.000 114.47000 ? 3   ASP A CG  1 
ATOM   26  O  OD1 . ASP A 1 3   ? -15.05238 12.49401  3.72368   1.000 88.46000  ? 3   ASP A OD1 1 
ATOM   27  O  OD2 . ASP A 1 3   ? -13.66685 12.53584  5.45036   1.000 108.25000 ? 3   ASP A OD2 1 
ATOM   28  N  N   . LEU A 1 4   ? -14.35795 8.37186   5.64033   1.000 134.52000 ? 4   LEU A N   1 
ATOM   29  C  CA  . LEU A 1 4   ? -12.90585 8.14024   5.57017   1.000 132.03000 ? 4   LEU A CA  1 
ATOM   30  C  C   . LEU A 1 4   ? -12.66168 6.60915   5.42842   1.000 127.45000 ? 4   LEU A C   1 
ATOM   31  O  O   . LEU A 1 4   ? -13.61903 5.84755   5.45559   1.000 138.14000 ? 4   LEU A O   1 
ATOM   32  C  CB  . LEU A 1 4   ? -12.26603 8.69423   6.85977   1.000 134.88000 ? 4   LEU A CB  1 
ATOM   33  C  CG  . LEU A 1 4   ? -12.34370 10.18909  7.19997   1.000 138.38000 ? 4   LEU A CG  1 
ATOM   34  C  CD1 . LEU A 1 4   ? -12.40248 10.40141  8.71029   1.000 136.27000 ? 4   LEU A CD1 1 
ATOM   35  C  CD2 . LEU A 1 4   ? -11.17047 10.95390  6.59017   1.000 135.23000 ? 4   LEU A CD2 1 
ATOM   36  N  N   . VAL A 1 5   ? -11.42415 6.13419   5.27710   1.000 113.70000 ? 5   VAL A N   1 
ATOM   37  C  CA  . VAL A 1 5   ? -10.23692 6.97092   5.17767   1.000 115.53000 ? 5   VAL A CA  1 
ATOM   38  C  C   . VAL A 1 5   ? -9.57772  6.64433   3.82818   1.000 111.49000 ? 5   VAL A C   1 
ATOM   39  O  O   . VAL A 1 5   ? -10.19574 6.84402   2.77043   1.000 108.06000 ? 5   VAL A O   1 
ATOM   40  C  CB  . VAL A 1 5   ? -9.25982  6.83118   6.41201   1.000 106.72000 ? 5   VAL A CB  1 
ATOM   41  C  CG1 . VAL A 1 5   ? -8.62935  8.17613   6.77791   1.000 105.77000 ? 5   VAL A CG1 1 
ATOM   42  C  CG2 . VAL A 1 5   ? -9.95531  6.25808   7.64174   1.000 102.84000 ? 5   VAL A CG2 1 
ATOM   43  N  N   . ARG A 1 6   ? -8.38198  6.06257   3.87211   1.000 98.25000  ? 6   ARG A N   1 
ATOM   44  C  CA  . ARG A 1 6   ? -7.37824  6.23925   2.83070   1.000 83.95000  ? 6   ARG A CA  1 
ATOM   45  C  C   . ARG A 1 6   ? -7.30824  5.07503   1.81597   1.000 73.12000  ? 6   ARG A C   1 
ATOM   46  O  O   . ARG A 1 6   ? -7.25586  3.90153   2.18235   1.000 70.69000  ? 6   ARG A O   1 
ATOM   47  C  CB  . ARG A 1 6   ? -6.01956  6.43017   3.50810   1.000 91.46000  ? 6   ARG A CB  1 
ATOM   48  C  CG  . ARG A 1 6   ? -5.89531  7.67126   4.37278   1.000 92.26000  ? 6   ARG A CG  1 
ATOM   49  C  CD  . ARG A 1 6   ? -5.65044  8.91407   3.51964   1.000 101.30000 ? 6   ARG A CD  1 
ATOM   50  N  NE  . ARG A 1 6   ? -4.22349  9.21126   3.33830   1.000 115.51000 ? 6   ARG A NE  1 
ATOM   51  C  CZ  . ARG A 1 6   ? -3.74211  10.18444  2.56072   1.000 109.48000 ? 6   ARG A CZ  1 
ATOM   52  N  NH1 . ARG A 1 6   ? -4.57298  10.95947  1.87707   1.000 109.33000 ? 6   ARG A NH1 1 
ATOM   53  N  NH2 . ARG A 1 6   ? -2.42887  10.37698  2.45545   1.000 98.45000  ? 6   ARG A NH2 1 
ATOM   54  N  N   . SER A 1 7   ? -7.28029  5.42469   0.53832   1.000 61.83000  ? 7   SER A N   1 
ATOM   55  C  CA  . SER A 1 7   ? -7.29003  4.46891   -0.52817  1.000 68.59000  ? 7   SER A CA  1 
ATOM   56  C  C   . SER A 1 7   ? -6.16100  4.78525   -1.54906  1.000 67.69000  ? 7   SER A C   1 
ATOM   57  O  O   . SER A 1 7   ? -5.89466  5.94920   -1.83981  1.000 73.64000  ? 7   SER A O   1 
ATOM   58  C  CB  . SER A 1 7   ? -8.66937  4.50905   -1.19001  1.000 74.56000  ? 7   SER A CB  1 
ATOM   59  O  OG  . SER A 1 7   ? -8.78546  3.54481   -2.23093  1.000 94.55000  ? 7   SER A OG  1 
ATOM   60  N  N   . GLY A 1 8   ? -5.51313  3.74682   -2.09222  1.000 63.40000  ? 8   GLY A N   1 
ATOM   61  C  CA  . GLY A 1 8   ? -4.51093  3.89690   -3.15960  1.000 54.36000  ? 8   GLY A CA  1 
ATOM   62  C  C   . GLY A 1 8   ? -4.73651  2.87591   -4.25392  1.000 54.08000  ? 8   GLY A C   1 
ATOM   63  O  O   . GLY A 1 8   ? -4.89388  1.68824   -3.97633  1.000 64.61000  ? 8   GLY A O   1 
ATOM   64  N  N   . LYS A 1 9   ? -4.80555  3.32520   -5.49671  1.000 53.16000  ? 9   LYS A N   1 
ATOM   65  C  CA  . LYS A 1 9   ? -4.81978  2.40697   -6.63350  1.000 59.24000  ? 9   LYS A CA  1 
ATOM   66  C  C   . LYS A 1 9   ? -3.40442  1.83627   -6.78751  1.000 61.94000  ? 9   LYS A C   1 
ATOM   67  O  O   . LYS A 1 9   ? -2.41063  2.55427   -6.68198  1.000 57.26000  ? 9   LYS A O   1 
ATOM   68  C  CB  . LYS A 1 9   ? -5.19295  3.12962   -7.92721  1.000 66.39000  ? 9   LYS A CB  1 
ATOM   69  C  CG  . LYS A 1 9   ? -6.66434  3.19402   -8.29134  1.000 71.86000  ? 9   LYS A CG  1 
ATOM   70  C  CD  . LYS A 1 9   ? -6.88539  4.29117   -9.34922  1.000 79.07000  ? 9   LYS A CD  1 
ATOM   71  C  CE  . LYS A 1 9   ? -7.81875  3.88415   -10.49370 1.000 84.76000  ? 9   LYS A CE  1 
ATOM   72  N  NZ  . LYS A 1 9   ? -7.25803  4.14605   -11.85982 1.000 82.10000  ? 9   LYS A NZ  1 
ATOM   73  N  N   . VAL A 1 10  ? -3.33166  0.54479   -7.07200  1.000 60.02000  ? 10  VAL A N   1 
ATOM   74  C  CA  . VAL A 1 10  ? -2.07761  -0.17072  -7.11650  1.000 55.63000  ? 10  VAL A CA  1 
ATOM   75  C  C   . VAL A 1 10  ? -1.80695  -0.63230  -8.51623  1.000 53.25000  ? 10  VAL A C   1 
ATOM   76  O  O   . VAL A 1 10  ? -2.60113  -1.36909  -9.10064  1.000 53.40000  ? 10  VAL A O   1 
ATOM   77  C  CB  . VAL A 1 10  ? -2.13535  -1.38937  -6.18916  1.000 55.84000  ? 10  VAL A CB  1 
ATOM   78  C  CG1 . VAL A 1 10  ? -0.98089  -2.35161  -6.46487  1.000 51.20000  ? 10  VAL A CG1 1 
ATOM   79  C  CG2 . VAL A 1 10  ? -2.15292  -0.91032  -4.72109  1.000 55.01000  ? 10  VAL A CG2 1 
ATOM   80  N  N   . PHE A 1 11  ? -0.66751  -0.20063  -9.03545  1.000 57.07000  ? 11  PHE A N   1 
ATOM   81  C  CA  . PHE A 1 11  ? -0.20777  -0.54949  -10.37258 1.000 55.82000  ? 11  PHE A CA  1 
ATOM   82  C  C   . PHE A 1 11  ? 1.05037   -1.42369  -10.26827 1.000 52.55000  ? 11  PHE A C   1 
ATOM   83  O  O   . PHE A 1 11  ? 1.87167   -1.19934  -9.39775  1.000 48.06000  ? 11  PHE A O   1 
ATOM   84  C  CB  . PHE A 1 11  ? 0.12930   0.72802   -11.14004 1.000 56.18000  ? 11  PHE A CB  1 
ATOM   85  C  CG  . PHE A 1 11  ? -1.04717  1.59303   -11.44418 1.000 56.78000  ? 11  PHE A CG  1 
ATOM   86  C  CD1 . PHE A 1 11  ? -1.49141  2.53342   -10.53051 1.000 62.07000  ? 11  PHE A CD1 1 
ATOM   87  C  CD2 . PHE A 1 11  ? -1.72558  1.47372   -12.65480 1.000 68.95000  ? 11  PHE A CD2 1 
ATOM   88  C  CE1 . PHE A 1 11  ? -2.58282  3.35091   -10.81386 1.000 56.59000  ? 11  PHE A CE1 1 
ATOM   89  C  CE2 . PHE A 1 11  ? -2.81733  2.28997   -12.94902 1.000 62.84000  ? 11  PHE A CE2 1 
ATOM   90  C  CZ  . PHE A 1 11  ? -3.24007  3.23179   -12.01927 1.000 59.89000  ? 11  PHE A CZ  1 
ATOM   91  N  N   . LEU A 1 12  ? 1.15864   -2.42001  -11.14481 1.000 54.18000  ? 12  LEU A N   1 
ATOM   92  C  CA  . LEU A 1 12  ? 2.33367   -3.33155  -11.28187 1.000 57.75000  ? 12  LEU A CA  1 
ATOM   93  C  C   . LEU A 1 12  ? 2.75056   -3.43497  -12.78916 1.000 65.06000  ? 12  LEU A C   1 
ATOM   94  O  O   . LEU A 1 12  ? 1.91390   -3.62763  -13.68469 1.000 62.53000  ? 12  LEU A O   1 
ATOM   95  C  CB  . LEU A 1 12  ? 1.95690   -4.68171  -10.76689 1.000 54.36000  ? 12  LEU A CB  1 
ATOM   96  C  CG  . LEU A 1 12  ? 3.03766   -5.72818  -10.62576 1.000 62.72000  ? 12  LEU A CG  1 
ATOM   97  C  CD1 . LEU A 1 12  ? 4.21440   -5.22531  -9.81019  1.000 61.87000  ? 12  LEU A CD1 1 
ATOM   98  C  CD2 . LEU A 1 12  ? 2.41959   -6.96135  -9.96257  1.000 58.90000  ? 12  LEU A CD2 1 
ATOM   99  N  N   . TYR A 1 13  ? 4.02532   -3.21029  -13.07834 1.000 63.52000  ? 13  TYR A N   1 
ATOM   100 C  CA  . TYR A 1 13  ? 4.49984   -3.06208  -14.45847 1.000 54.83000  ? 13  TYR A CA  1 
ATOM   101 C  C   . TYR A 1 13  ? 3.51840   -2.32774  -15.36081 1.000 57.53000  ? 13  TYR A C   1 
ATOM   102 O  O   . TYR A 1 13  ? 3.29454   -2.76869  -16.50054 1.000 57.02000  ? 13  TYR A O   1 
ATOM   103 C  CB  . TYR A 1 13  ? 4.80112   -4.43207  -15.09938 1.000 48.66000  ? 13  TYR A CB  1 
ATOM   104 C  CG  . TYR A 1 13  ? 5.62354   -5.34624  -14.21306 1.000 45.42000  ? 13  TYR A CG  1 
ATOM   105 C  CD1 . TYR A 1 13  ? 6.93686   -5.07074  -13.89556 1.000 48.27000  ? 13  TYR A CD1 1 
ATOM   106 C  CD2 . TYR A 1 13  ? 5.08410   -6.46839  -13.71328 1.000 43.40000  ? 13  TYR A CD2 1 
ATOM   107 C  CE1 . TYR A 1 13  ? 7.66366   -5.94398  -13.09550 1.000 47.25000  ? 13  TYR A CE1 1 
ATOM   108 C  CE2 . TYR A 1 13  ? 5.77999   -7.30843  -12.89600 1.000 45.12000  ? 13  TYR A CE2 1 
ATOM   109 C  CZ  . TYR A 1 13  ? 7.06930   -7.05743  -12.59410 1.000 44.24000  ? 13  TYR A CZ  1 
ATOM   110 O  OH  . TYR A 1 13  ? 7.72439   -7.95147  -11.72751 1.000 58.32000  ? 13  TYR A OH  1 
ATOM   111 N  N   . GLY A 1 14  ? 2.95084   -1.22361  -14.87834 1.000 53.06000  ? 14  GLY A N   1 
ATOM   112 C  CA  . GLY A 1 14  ? 2.14839   -0.32370  -15.72413 1.000 52.66000  ? 14  GLY A CA  1 
ATOM   113 C  C   . GLY A 1 14  ? 0.63823   -0.53048  -15.62716 1.000 65.18000  ? 14  GLY A C   1 
ATOM   114 O  O   . GLY A 1 14  ? -0.13283  0.35709   -15.98535 1.000 69.93000  ? 14  GLY A O   1 
ATOM   115 N  N   . GLU A 1 15  ? 0.21488   -1.69217  -15.12665 1.000 68.03000  ? 15  GLU A N   1 
ATOM   116 C  CA  . GLU A 1 15  ? -1.19408  -2.07389  -15.13148 1.000 73.42000  ? 15  GLU A CA  1 
ATOM   117 C  C   . GLU A 1 15  ? -1.82812  -1.99970  -13.73936 1.000 69.69000  ? 15  GLU A C   1 
ATOM   118 O  O   . GLU A 1 15  ? -1.30146  -2.57509  -12.79197 1.000 68.90000  ? 15  GLU A O   1 
ATOM   119 C  CB  . GLU A 1 15  ? -1.34405  -3.51995  -15.64521 1.000 76.80000  ? 15  GLU A CB  1 
ATOM   120 C  CG  . GLU A 1 15  ? -0.59519  -3.84055  -16.93106 1.000 79.64000  ? 15  GLU A CG  1 
ATOM   121 C  CD  . GLU A 1 15  ? -1.08091  -3.03825  -18.13328 1.000 91.27000  ? 15  GLU A CD  1 
ATOM   122 O  OE1 . GLU A 1 15  ? -2.31852  -2.91656  -18.33521 1.000 95.31000  ? 15  GLU A OE1 1 
ATOM   123 O  OE2 . GLU A 1 15  ? -0.21384  -2.54489  -18.88825 1.000 91.33000  ? 15  GLU A OE2 1 
ATOM   124 N  N   . PHE A 1 16  ? -2.96454  -1.31171  -13.64958 1.000 64.47000  ? 16  PHE A N   1 
ATOM   125 C  CA  . PHE A 1 16  ? -3.81445  -1.28525  -12.46653 1.000 65.10000  ? 16  PHE A CA  1 
ATOM   126 C  C   . PHE A 1 16  ? -4.17692  -2.70195  -12.10399 1.000 58.67000  ? 16  PHE A C   1 
ATOM   127 O  O   . PHE A 1 16  ? -4.78344  -3.38555  -12.92139 1.000 61.45000  ? 16  PHE A O   1 
ATOM   128 C  CB  . PHE A 1 16  ? -5.09809  -0.50638  -12.77631 1.000 67.75000  ? 16  PHE A CB  1 
ATOM   129 C  CG  . PHE A 1 16  ? -6.07339  -0.43260  -11.64844 1.000 72.21000  ? 16  PHE A CG  1 
ATOM   130 C  CD1 . PHE A 1 16  ? -5.65370  -0.36042  -10.32374 1.000 79.78000  ? 16  PHE A CD1 1 
ATOM   131 C  CD2 . PHE A 1 16  ? -7.42527  -0.37639  -11.91091 1.000 79.51000  ? 16  PHE A CD2 1 
ATOM   132 C  CE1 . PHE A 1 16  ? -6.57148  -0.26833  -9.28631  1.000 78.85000  ? 16  PHE A CE1 1 
ATOM   133 C  CE2 . PHE A 1 16  ? -8.35087  -0.27821  -10.87780 1.000 82.26000  ? 16  PHE A CE2 1 
ATOM   134 C  CZ  . PHE A 1 16  ? -7.92288  -0.22360  -9.56238  1.000 83.22000  ? 16  PHE A CZ  1 
ATOM   135 N  N   . ILE A 1 17  ? -3.78216  -3.14524  -10.90044 1.000 53.09000  ? 17  ILE A N   1 
ATOM   136 C  CA  . ILE A 1 17  ? -4.09408  -4.50204  -10.44884 1.000 51.61000  ? 17  ILE A CA  1 
ATOM   137 C  C   . ILE A 1 17  ? -5.00468  -4.57621  -9.20632  1.000 52.08000  ? 17  ILE A C   1 
ATOM   138 O  O   . ILE A 1 17  ? -5.50950  -5.66000  -8.89801  1.000 50.43000  ? 17  ILE A O   1 
ATOM   139 C  CB  . ILE A 1 17  ? -2.82185  -5.30438  -10.14963 1.000 54.69000  ? 17  ILE A CB  1 
ATOM   140 C  CG1 . ILE A 1 17  ? -2.15320  -4.78771  -8.88554  1.000 60.91000  ? 17  ILE A CG1 1 
ATOM   141 C  CG2 . ILE A 1 17  ? -1.84759  -5.21363  -11.29599 1.000 60.83000  ? 17  ILE A CG2 1 
ATOM   142 C  CD1 . ILE A 1 17  ? -0.91887  -5.55618  -8.46640  1.000 60.93000  ? 17  ILE A CD1 1 
ATOM   143 N  N   . GLY A 1 18  ? -5.20295  -3.47161  -8.47426  1.000 47.29000  ? 18  GLY A N   1 
ATOM   144 C  CA  . GLY A 1 18  ? -6.02350  -3.53737  -7.24981  1.000 46.09000  ? 18  GLY A CA  1 
ATOM   145 C  C   . GLY A 1 18  ? -5.96617  -2.32133  -6.34675  1.000 45.06000  ? 18  GLY A C   1 
ATOM   146 O  O   . GLY A 1 18  ? -5.50188  -1.27157  -6.76429  1.000 45.47000  ? 18  GLY A O   1 
ATOM   147 N  N   . LEU A 1 19  ? -6.38269  -2.47281  -5.08772  1.000 46.39000  ? 19  LEU A N   1 
ATOM   148 C  CA  . LEU A 1 19  ? -6.65103  -1.30618  -4.21568  1.000 50.68000  ? 19  LEU A CA  1 
ATOM   149 C  C   . LEU A 1 19  ? -6.14117  -1.55484  -2.81794  1.000 52.21000  ? 19  LEU A C   1 
ATOM   150 O  O   . LEU A 1 19  ? -6.41117  -2.58659  -2.24355  1.000 59.12000  ? 19  LEU A O   1 
ATOM   151 C  CB  . LEU A 1 19  ? -8.15266  -1.04605  -4.12058  1.000 53.30000  ? 19  LEU A CB  1 
ATOM   152 C  CG  . LEU A 1 19  ? -8.85590  -0.68474  -5.42846  1.000 58.35000  ? 19  LEU A CG  1 
ATOM   153 C  CD1 . LEU A 1 19  ? -10.34316 -0.96627  -5.31561  1.000 60.02000  ? 19  LEU A CD1 1 
ATOM   154 C  CD2 . LEU A 1 19  ? -8.59264  0.77859   -5.76897  1.000 61.05000  ? 19  LEU A CD2 1 
ATOM   155 N  N   . LEU A 1 20  ? -5.40052  -0.61843  -2.25421  1.000 52.97000  ? 20  LEU A N   1 
ATOM   156 C  CA  . LEU A 1 20  ? -4.89086  -0.80485  -0.91152  1.000 53.21000  ? 20  LEU A CA  1 
ATOM   157 C  C   . LEU A 1 20  ? -5.52844  0.29476   -0.08002  1.000 55.10000  ? 20  LEU A C   1 
ATOM   158 O  O   . LEU A 1 20  ? -5.38085  1.47170   -0.42484  1.000 54.33000  ? 20  LEU A O   1 
ATOM   159 C  CB  . LEU A 1 20  ? -3.37770  -0.69026  -0.92917  1.000 50.77000  ? 20  LEU A CB  1 
ATOM   160 C  CG  . LEU A 1 20  ? -2.70714  -0.65119  0.43053   1.000 52.57000  ? 20  LEU A CG  1 
ATOM   161 C  CD1 . LEU A 1 20  ? -2.74321  -1.98935  1.11673   1.000 57.35000  ? 20  LEU A CD1 1 
ATOM   162 C  CD2 . LEU A 1 20  ? -1.27254  -0.20061  0.24622   1.000 60.61000  ? 20  LEU A CD2 1 
ATOM   163 N  N   . ARG A 1 21  ? -6.25236  -0.08218  0.97974   1.000 55.27000  ? 21  ARG A N   1 
ATOM   164 C  CA  . ARG A 1 21  ? -7.08750  0.87466   1.73503   1.000 59.77000  ? 21  ARG A CA  1 
ATOM   165 C  C   . ARG A 1 21  ? -6.71993  0.74767   3.15348   1.000 57.23000  ? 21  ARG A C   1 
ATOM   166 O  O   . ARG A 1 21  ? -6.33391  -0.34213  3.57928   1.000 52.99000  ? 21  ARG A O   1 
ATOM   167 C  CB  . ARG A 1 21  ? -8.58876  0.59130   1.61836   1.000 66.66000  ? 21  ARG A CB  1 
ATOM   168 C  CG  . ARG A 1 21  ? -8.99283  0.00079   0.28133   1.000 76.58000  ? 21  ARG A CG  1 
ATOM   169 C  CD  . ARG A 1 21  ? -10.42523 0.27283   -0.10871  1.000 84.02000  ? 21  ARG A CD  1 
ATOM   170 N  NE  . ARG A 1 21  ? -10.51762 1.29504   -1.15267  1.000 95.91000  ? 21  ARG A NE  1 
ATOM   171 C  CZ  . ARG A 1 21  ? -11.65543 1.66047   -1.74240  1.000 100.93000 ? 21  ARG A CZ  1 
ATOM   172 N  NH1 . ARG A 1 21  ? -12.80918 1.08058   -1.39524  1.000 86.47000  ? 21  ARG A NH1 1 
ATOM   173 N  NH2 . ARG A 1 21  ? -11.63867 2.60809   -2.68546  1.000 102.78000 ? 21  ARG A NH2 1 
ATOM   174 N  N   . GLU A 1 22  ? -6.80099  1.86740   3.87819   1.000 60.11000  ? 22  GLU A N   1 
ATOM   175 C  CA  . GLU A 1 22  ? -6.68234  1.86286   5.34371   1.000 61.06000  ? 22  GLU A CA  1 
ATOM   176 C  C   . GLU A 1 22  ? -7.93795  2.44390   5.98227   1.000 64.73000  ? 22  GLU A C   1 
ATOM   177 O  O   . GLU A 1 22  ? -8.58333  3.35966   5.42819   1.000 56.41000  ? 22  GLU A O   1 
ATOM   178 C  CB  . GLU A 1 22  ? -5.50063  2.66003   5.81241   1.000 62.40000  ? 22  GLU A CB  1 
ATOM   179 C  CG  . GLU A 1 22  ? -5.24649  2.54156   7.30067   1.000 68.58000  ? 22  GLU A CG  1 
ATOM   180 C  CD  . GLU A 1 22  ? -4.32567  3.62397   7.84316   1.000 78.98000  ? 22  GLU A CD  1 
ATOM   181 O  OE1 . GLU A 1 22  ? -4.11710  4.66214   7.15909   1.000 74.71000  ? 22  GLU A OE1 1 
ATOM   182 O  OE2 . GLU A 1 22  ? -3.83004  3.44019   8.98101   1.000 88.02000  ? 22  GLU A OE2 1 
ATOM   183 N  N   . ASP A 1 23  ? -8.28948  1.86128   7.13187   1.000 63.66000  ? 23  ASP A N   1 
ATOM   184 C  CA  . ASP A 1 23  ? -9.43310  2.29192   7.93629   1.000 59.30000  ? 23  ASP A CA  1 
ATOM   185 C  C   . ASP A 1 23  ? -9.10784  1.99998   9.41194   1.000 62.98000  ? 23  ASP A C   1 
ATOM   186 O  O   . ASP A 1 23  ? -7.99661  1.47481   9.72155   1.000 65.40000  ? 23  ASP A O   1 
ATOM   187 C  CB  . ASP A 1 23  ? -10.74606 1.62211   7.41507   1.000 60.87000  ? 23  ASP A CB  1 
ATOM   188 C  CG  . ASP A 1 23  ? -10.89886 0.07500   7.77640   1.000 63.88000  ? 23  ASP A CG  1 
ATOM   189 O  OD1 . ASP A 1 23  ? -10.12156 -0.54860  8.60497   1.000 50.81000  ? 23  ASP A OD1 1 
ATOM   190 O  OD2 . ASP A 1 23  ? -11.86696 -0.51377  7.19744   1.000 53.59000  ? 23  ASP A OD2 1 
ATOM   191 N  N   . HIS A 1 24  ? -10.04653 2.31940   10.30981  1.000 64.40000  ? 24  HIS A N   1 
ATOM   192 C  CA  . HIS A 1 24  ? -9.84168  2.15377   11.77390  1.000 64.67000  ? 24  HIS A CA  1 
ATOM   193 C  C   . HIS A 1 24  ? -9.37606  0.75966   12.10885  1.000 66.07000  ? 24  HIS A C   1 
ATOM   194 O  O   . HIS A 1 24  ? -8.50206  0.60052   12.96215  1.000 68.29000  ? 24  HIS A O   1 
ATOM   195 C  CB  . HIS A 1 24  ? -11.10107 2.57496   12.61845  1.000 71.99000  ? 24  HIS A CB  1 
ATOM   196 C  CG  . HIS A 1 24  ? -12.01492 1.44395   13.06810  1.000 81.10000  ? 24  HIS A CG  1 
ATOM   197 N  ND1 . HIS A 1 24  ? -13.29614 1.27292   12.57523  1.000 76.73000  ? 24  HIS A ND1 1 
ATOM   198 C  CD2 . HIS A 1 24  ? -11.86146 0.48627   14.02433  1.000 91.76000  ? 24  HIS A CD2 1 
ATOM   199 C  CE1 . HIS A 1 24  ? -13.87904 0.25419   13.18500  1.000 79.83000  ? 24  HIS A CE1 1 
ATOM   200 N  NE2 . HIS A 1 24  ? -13.02346 -0.25196  14.05774  1.000 89.80000  ? 24  HIS A NE2 1 
ATOM   201 N  N   . ARG A 1 25  ? -9.95577  -0.25120  11.44916  1.000 64.66000  ? 25  ARG A N   1 
ATOM   202 C  CA  . ARG A 1 25  ? -9.57482  -1.64079  11.73087  1.000 65.88000  ? 25  ARG A CA  1 
ATOM   203 C  C   . ARG A 1 25  ? -8.18798  -1.95845  11.18939  1.000 69.72000  ? 25  ARG A C   1 
ATOM   204 O  O   . ARG A 1 25  ? -7.41931  -2.67959  11.82141  1.000 73.86000  ? 25  ARG A O   1 
ATOM   205 C  CB  . ARG A 1 25  ? -10.60892 -2.61270  11.16057  1.000 70.85000  ? 25  ARG A CB  1 
ATOM   206 C  CG  . ARG A 1 25  ? -11.49277 -3.20167  12.22823  1.000 71.06000  ? 25  ARG A CG  1 
ATOM   207 C  CD  . ARG A 1 25  ? -12.51336 -4.11967  11.62142  1.000 67.56000  ? 25  ARG A CD  1 
ATOM   208 N  NE  . ARG A 1 25  ? -13.54632 -3.34081  10.96692  1.000 69.18000  ? 25  ARG A NE  1 
ATOM   209 C  CZ  . ARG A 1 25  ? -14.55580 -2.75747  11.60240  1.000 62.91000  ? 25  ARG A CZ  1 
ATOM   210 N  NH1 . ARG A 1 25  ? -14.63441 -2.85607  12.90804  1.000 59.06000  ? 25  ARG A NH1 1 
ATOM   211 N  NH2 . ARG A 1 25  ? -15.47840 -2.06024  10.93741  1.000 61.63000  ? 25  ARG A NH2 1 
ATOM   212 N  N   . GLY A 1 26  ? -7.86601  -1.43777  10.00436  1.000 73.57000  ? 26  GLY A N   1 
ATOM   213 C  CA  . GLY A 1 26  ? -6.50820  -1.57887  9.47716   1.000 71.92000  ? 26  GLY A CA  1 
ATOM   214 C  C   . GLY A 1 26  ? -6.43291  -1.55307  7.97124   1.000 63.03000  ? 26  GLY A C   1 
ATOM   215 O  O   . GLY A 1 26  ? -7.01329  -0.67655  7.31998   1.000 72.83000  ? 26  GLY A O   1 
ATOM   216 N  N   . PHE A 1 27  ? -5.73645  -2.53705  7.42278   1.000 56.52000  ? 27  PHE A N   1 
ATOM   217 C  CA  . PHE A 1 27  ? -5.28829  -2.51280  6.01932   1.000 58.99000  ? 27  PHE A CA  1 
ATOM   218 C  C   . PHE A 1 27  ? -5.86868  -3.59622  5.11733   1.000 55.76000  ? 27  PHE A C   1 
ATOM   219 O  O   . PHE A 1 27  ? -5.95790  -4.76635  5.47778   1.000 61.33000  ? 27  PHE A O   1 
ATOM   220 C  CB  . PHE A 1 27  ? -3.77547  -2.59885  6.01273   1.000 55.04000  ? 27  PHE A CB  1 
ATOM   221 C  CG  . PHE A 1 27  ? -3.14016  -1.52252  6.82909   1.000 62.07000  ? 27  PHE A CG  1 
ATOM   222 C  CD1 . PHE A 1 27  ? -3.10741  -0.20330  6.35619   1.000 62.35000  ? 27  PHE A CD1 1 
ATOM   223 C  CD2 . PHE A 1 27  ? -2.63725  -1.79932  8.08997   1.000 66.21000  ? 27  PHE A CD2 1 
ATOM   224 C  CE1 . PHE A 1 27  ? -2.55414  0.80446   7.11522   1.000 63.77000  ? 27  PHE A CE1 1 
ATOM   225 C  CE2 . PHE A 1 27  ? -2.08551  -0.79104  8.86131   1.000 68.59000  ? 27  PHE A CE2 1 
ATOM   226 C  CZ  . PHE A 1 27  ? -2.04292  0.51170   8.37325   1.000 66.77000  ? 27  PHE A CZ  1 
ATOM   227 N  N   . HIS A 1 28  ? -6.20374  -3.20357  3.91052   1.000 54.82000  ? 28  HIS A N   1 
ATOM   228 C  CA  . HIS A 1 28  ? -6.98609  -4.03892  3.03436   1.000 56.29000  ? 28  HIS A CA  1 
ATOM   229 C  C   . HIS A 1 28  ? -6.39610  -3.95466  1.66915   1.000 52.58000  ? 28  HIS A C   1 
ATOM   230 O  O   . HIS A 1 28  ? -6.47423  -2.92849  1.03353   1.000 57.79000  ? 28  HIS A O   1 
ATOM   231 C  CB  . HIS A 1 28  ? -8.44374  -3.54765  3.05880   1.000 59.87000  ? 28  HIS A CB  1 
ATOM   232 C  CG  . HIS A 1 28  ? -8.92237  -3.28183  4.45559   1.000 67.58000  ? 28  HIS A CG  1 
ATOM   233 N  ND1 . HIS A 1 28  ? -8.95933  -4.26559  5.42140   1.000 64.35000  ? 28  HIS A ND1 1 
ATOM   234 C  CD2 . HIS A 1 28  ? -9.28646  -2.13772  5.07449   1.000 64.08000  ? 28  HIS A CD2 1 
ATOM   235 C  CE1 . HIS A 1 28  ? -9.35485  -3.74918  6.56359   1.000 62.08000  ? 28  HIS A CE1 1 
ATOM   236 N  NE2 . HIS A 1 28  ? -9.54896  -2.45709  6.38187   1.000 70.20000  ? 28  HIS A NE2 1 
ATOM   237 N  N   . PHE A 1 29  ? -5.77184  -5.03347  1.23683   1.000 51.90000  ? 29  PHE A N   1 
ATOM   238 C  CA  . PHE A 1 29  ? -5.38217  -5.15938  -0.13984  1.000 51.65000  ? 29  PHE A CA  1 
ATOM   239 C  C   . PHE A 1 29  ? -6.36673  -6.06739  -0.82722  1.000 51.79000  ? 29  PHE A C   1 
ATOM   240 O  O   . PHE A 1 29  ? -6.72662  -7.09635  -0.26398  1.000 57.78000  ? 29  PHE A O   1 
ATOM   241 C  CB  . PHE A 1 29  ? -3.96917  -5.73955  -0.28277  1.000 51.77000  ? 29  PHE A CB  1 
ATOM   242 C  CG  . PHE A 1 29  ? -3.59217  -6.00258  -1.71369  1.000 50.75000  ? 29  PHE A CG  1 
ATOM   243 C  CD1 . PHE A 1 29  ? -3.62864  -4.96388  -2.65057  1.000 51.88000  ? 29  PHE A CD1 1 
ATOM   244 C  CD2 . PHE A 1 29  ? -3.26750  -7.27321  -2.14142  1.000 51.75000  ? 29  PHE A CD2 1 
ATOM   245 C  CE1 . PHE A 1 29  ? -3.34017  -5.17343  -3.98318  1.000 42.93000  ? 29  PHE A CE1 1 
ATOM   246 C  CE2 . PHE A 1 29  ? -2.97155  -7.49412  -3.46653  1.000 54.77000  ? 29  PHE A CE2 1 
ATOM   247 C  CZ  . PHE A 1 29  ? -3.00601  -6.43948  -4.38783  1.000 50.88000  ? 29  PHE A CZ  1 
ATOM   248 N  N   . SER A 1 30  ? -6.75102  -5.71384  -2.05619  1.000 47.30000  ? 30  SER A N   1 
ATOM   249 C  CA  . SER A 1 30  ? -7.59943  -6.56102  -2.87989  1.000 52.34000  ? 30  SER A CA  1 
ATOM   250 C  C   . SER A 1 30  ? -7.26947  -6.42998  -4.36151  1.000 53.83000  ? 30  SER A C   1 
ATOM   251 O  O   . SER A 1 30  ? -6.98885  -5.32889  -4.84355  1.000 58.34000  ? 30  SER A O   1 
ATOM   252 C  CB  . SER A 1 30  ? -9.07494  -6.20425  -2.67599  1.000 57.34000  ? 30  SER A CB  1 
ATOM   253 O  OG  . SER A 1 30  ? -9.35791  -4.87608  -3.11993  1.000 60.33000  ? 30  SER A OG  1 
ATOM   254 N  N   . TYR A 1 31  ? -7.29936  -7.55616  -5.07544  1.000 52.98000  ? 31  TYR A N   1 
ATOM   255 C  CA  . TYR A 1 31  ? -7.01824  -7.58790  -6.52620  1.000 55.99000  ? 31  TYR A CA  1 
ATOM   256 C  C   . TYR A 1 31  ? -8.26867  -7.21727  -7.31601  1.000 55.22000  ? 31  TYR A C   1 
ATOM   257 O  O   . TYR A 1 31  ? -9.33779  -7.70273  -7.02834  1.000 62.90000  ? 31  TYR A O   1 
ATOM   258 C  CB  . TYR A 1 31  ? -6.60531  -9.01264  -6.95899  1.000 51.34000  ? 31  TYR A CB  1 
ATOM   259 C  CG  . TYR A 1 31  ? -5.19262  -9.42676  -6.63344  1.000 47.60000  ? 31  TYR A CG  1 
ATOM   260 C  CD1 . TYR A 1 31  ? -4.12187  -8.83854  -7.29059  1.000 48.50000  ? 31  TYR A CD1 1 
ATOM   261 C  CD2 . TYR A 1 31  ? -4.92807  -10.41380 -5.70451  1.000 47.35000  ? 31  TYR A CD2 1 
ATOM   262 C  CE1 . TYR A 1 31  ? -2.83207  -9.20779  -7.02241  1.000 46.90000  ? 31  TYR A CE1 1 
ATOM   263 C  CE2 . TYR A 1 31  ? -3.62119  -10.78267 -5.39076  1.000 47.33000  ? 31  TYR A CE2 1 
ATOM   264 C  CZ  . TYR A 1 31  ? -2.58059  -10.17507 -6.07106  1.000 48.01000  ? 31  TYR A CZ  1 
ATOM   265 O  OH  . TYR A 1 31  ? -1.26648  -10.52502 -5.83230  1.000 48.50000  ? 31  TYR A OH  1 
ATOM   266 N  N   . ASN A 1 32  ? -8.14377  -6.41035  -8.34366  1.000 59.42000  ? 32  ASN A N   1 
ATOM   267 C  CA  . ASN A 1 32  ? -9.24188  -6.27171  -9.29783  1.000 64.28000  ? 32  ASN A CA  1 
ATOM   268 C  C   . ASN A 1 32  ? -9.85048  -7.60915  -9.73806  1.000 67.28000  ? 32  ASN A C   1 
ATOM   269 O  O   . ASN A 1 32  ? -9.15812  -8.61850  -9.85590  1.000 67.67000  ? 32  ASN A O   1 
ATOM   270 C  CB  . ASN A 1 32  ? -8.79272  -5.46560  -10.51593 1.000 65.81000  ? 32  ASN A CB  1 
ATOM   271 C  CG  . ASN A 1 32  ? -8.68465  -3.99566  -10.20456 1.000 75.08000  ? 32  ASN A CG  1 
ATOM   272 O  OD1 . ASN A 1 32  ? -9.25756  -3.52463  -9.21738  1.000 79.89000  ? 32  ASN A OD1 1 
ATOM   273 N  ND2 . ASN A 1 32  ? -7.95406  -3.25875  -11.03025 1.000 81.75000  ? 32  ASN A ND2 1 
ATOM   274 N  N   . PRO A 1 33  ? -11.16758 -7.63028  -9.96909  1.000 78.74000  ? 33  PRO A N   1 
ATOM   275 C  CA  . PRO A 1 33  ? -11.82144 -8.91695  -10.25816 1.000 73.84000  ? 33  PRO A CA  1 
ATOM   276 C  C   . PRO A 1 33  ? -11.40674 -9.51722  -11.60006 1.000 76.00000  ? 33  PRO A C   1 
ATOM   277 O  O   . PRO A 1 33  ? -11.41102 -10.74116 -11.74315 1.000 75.04000  ? 33  PRO A O   1 
ATOM   278 C  CB  . PRO A 1 33  ? -13.30686 -8.57358  -10.26256 1.000 77.52000  ? 33  PRO A CB  1 
ATOM   279 C  CG  . PRO A 1 33  ? -13.41068 -7.10930  -9.94731  1.000 81.80000  ? 33  PRO A CG  1 
ATOM   280 C  CD  . PRO A 1 33  ? -12.07807 -6.48732  -10.12590 1.000 77.25000  ? 33  PRO A CD  1 
ATOM   281 N  N   . ASP A 1 34  ? -11.04890 -8.67149  -12.56781 1.000 76.29000  ? 34  ASP A N   1 
ATOM   282 C  CA  . ASP A 1 34  ? -10.58581 -9.15427  -13.87639 1.000 89.47000  ? 34  ASP A CA  1 
ATOM   283 C  C   . ASP A 1 34  ? -9.08944  -9.26857  -13.95794 1.000 89.93000  ? 34  ASP A C   1 
ATOM   284 O  O   . ASP A 1 34  ? -8.56241  -9.38291  -15.06791 1.000 90.51000  ? 34  ASP A O   1 
ATOM   285 C  CB  . ASP A 1 34  ? -10.94634 -8.19557  -15.01754 1.000 100.10000 ? 34  ASP A CB  1 
ATOM   286 C  CG  . ASP A 1 34  ? -12.31040 -7.64648  -14.90512 1.000 97.47000  ? 34  ASP A CG  1 
ATOM   287 O  OD1 . ASP A 1 34  ? -13.27309 -8.44453  -14.98817 1.000 93.63000  ? 34  ASP A OD1 1 
ATOM   288 O  OD2 . ASP A 1 34  ? -12.38752 -6.40958  -14.73875 1.000 98.04000  ? 34  ASP A OD2 1 
ATOM   289 N  N   . TYR A 1 35  ? -8.39644  -9.15413  -12.82756 1.000 88.75000  ? 35  TYR A N   1 
ATOM   290 C  CA  . TYR A 1 35  ? -6.95880  -9.29349  -12.83625 1.000 76.14000  ? 35  TYR A CA  1 
ATOM   291 C  C   . TYR A 1 35  ? -6.66862  -10.74534 -12.64668 1.000 75.11000  ? 35  TYR A C   1 
ATOM   292 O  O   . TYR A 1 35  ? -6.75878  -11.29967 -11.53870 1.000 81.87000  ? 35  TYR A O   1 
ATOM   293 C  CB  . TYR A 1 35  ? -6.26046  -8.45600  -11.76967 1.000 70.75000  ? 35  TYR A CB  1 
ATOM   294 C  CG  . TYR A 1 35  ? -4.74965  -8.50936  -11.88856 1.000 65.50000  ? 35  TYR A CG  1 
ATOM   295 C  CD1 . TYR A 1 35  ? -4.08420  -7.73506  -12.84536 1.000 64.17000  ? 35  TYR A CD1 1 
ATOM   296 C  CD2 . TYR A 1 35  ? -3.98292  -9.32113  -11.04892 1.000 59.37000  ? 35  TYR A CD2 1 
ATOM   297 C  CE1 . TYR A 1 35  ? -2.70332  -7.75944  -12.96170 1.000 59.49000  ? 35  TYR A CE1 1 
ATOM   298 C  CE2 . TYR A 1 35  ? -2.59766  -9.36469  -11.16855 1.000 63.92000  ? 35  TYR A CE2 1 
ATOM   299 C  CZ  . TYR A 1 35  ? -1.95430  -8.57209  -12.12804 1.000 62.63000  ? 35  TYR A CZ  1 
ATOM   300 O  OH  . TYR A 1 35  ? -0.56502  -8.60321  -12.27751 1.000 56.22000  ? 35  TYR A OH  1 
ATOM   301 N  N   . GLN A 1 36  ? -6.43311  -11.37115 -13.78178 1.000 85.91000  ? 36  GLN A N   1 
ATOM   302 C  CA  . GLN A 1 36  ? -5.66318  -12.57067 -13.85337 1.000 98.00000  ? 36  GLN A CA  1 
ATOM   303 C  C   . GLN A 1 36  ? -4.38099  -11.98358 -14.41324 1.000 88.35000  ? 36  GLN A C   1 
ATOM   304 O  O   . GLN A 1 36  ? -4.42357  -11.13164 -15.31362 1.000 97.03000  ? 36  GLN A O   1 
ATOM   305 C  CB  . GLN A 1 36  ? -6.31802  -13.59515 -14.78183 1.000 101.90000 ? 36  GLN A CB  1 
ATOM   306 C  CG  . GLN A 1 36  ? -5.87254  -15.02871 -14.51126 1.000 118.49000 ? 36  GLN A CG  1 
ATOM   307 C  CD  . GLN A 1 36  ? -4.53385  -15.40333 -15.16243 1.000 130.89000 ? 36  GLN A CD  1 
ATOM   308 O  OE1 . GLN A 1 36  ? -3.78370  -14.54935 -15.66158 1.000 136.05000 ? 36  GLN A OE1 1 
ATOM   309 N  NE2 . GLN A 1 36  ? -4.23534  -16.69850 -15.16190 1.000 131.88000 ? 36  GLN A NE2 1 
ATOM   310 N  N   . GLY A 1 37  ? -3.25360  -12.40521 -13.85356 1.000 69.95000  ? 37  GLY A N   1 
ATOM   311 C  CA  . GLY A 1 37  ? -1.98808  -11.74728 -14.12094 1.000 61.58000  ? 37  GLY A CA  1 
ATOM   312 C  C   . GLY A 1 37  ? -0.99039  -12.18566 -13.06892 1.000 64.28000  ? 37  GLY A C   1 
ATOM   313 O  O   . GLY A 1 37  ? -1.30332  -13.03192 -12.19092 1.000 51.20000  ? 37  GLY A O   1 
ATOM   314 N  N   . ILE A 1 38  ? 0.21802   -11.62962 -13.14941 1.000 59.45000  ? 38  ILE A N   1 
ATOM   315 C  CA  . ILE A 1 38  ? 1.29087   -12.09328 -12.26615 1.000 58.48000  ? 38  ILE A CA  1 
ATOM   316 C  C   . ILE A 1 38  ? 1.01190   -11.55575 -10.87112 1.000 63.95000  ? 38  ILE A C   1 
ATOM   317 O  O   . ILE A 1 38  ? 0.66408   -10.36488 -10.71929 1.000 61.91000  ? 38  ILE A O   1 
ATOM   318 C  CB  . ILE A 1 38  ? 2.68477   -11.67894 -12.78261 1.000 58.23000  ? 38  ILE A CB  1 
ATOM   319 C  CG1 . ILE A 1 38  ? 3.76527   -12.31262 -11.91151 1.000 61.40000  ? 38  ILE A CG1 1 
ATOM   320 C  CG2 . ILE A 1 38  ? 2.85521   -10.16534 -12.87356 1.000 55.20000  ? 38  ILE A CG2 1 
ATOM   321 C  CD1 . ILE A 1 38  ? 5.17901   -12.02222 -12.38765 1.000 63.45000  ? 38  ILE A CD1 1 
ATOM   322 N  N   . PRO A 1 39  ? 1.09602   -12.42993 -9.85146  1.000 62.27000  ? 39  PRO A N   1 
ATOM   323 C  CA  . PRO A 1 39  ? 0.81504   -11.92982 -8.48778  1.000 59.36000  ? 39  PRO A CA  1 
ATOM   324 C  C   . PRO A 1 39  ? 1.78841   -10.85949 -7.99518  1.000 60.60000  ? 39  PRO A C   1 
ATOM   325 O  O   . PRO A 1 39  ? 2.93706   -10.79741 -8.43184  1.000 67.21000  ? 39  PRO A O   1 
ATOM   326 C  CB  . PRO A 1 39  ? 0.88663   -13.19012 -7.64591  1.000 60.06000  ? 39  PRO A CB  1 
ATOM   327 C  CG  . PRO A 1 39  ? 0.39903   -14.26015 -8.60266  1.000 58.71000  ? 39  PRO A CG  1 
ATOM   328 C  CD  . PRO A 1 39  ? 1.04463   -13.90090 -9.90655  1.000 59.85000  ? 39  PRO A CD  1 
ATOM   329 N  N   . LEU A 1 40  ? 1.30799   -9.97876  -7.12931  1.000 65.01000  ? 40  LEU A N   1 
ATOM   330 C  CA  . LEU A 1 40  ? 2.15878   -8.91176  -6.58971  1.000 63.08000  ? 40  LEU A CA  1 
ATOM   331 C  C   . LEU A 1 40  ? 3.27677   -9.51117  -5.70859  1.000 61.28000  ? 40  LEU A C   1 
ATOM   332 O  O   . LEU A 1 40  ? 4.42139   -9.05670  -5.70607  1.000 65.42000  ? 40  LEU A O   1 
ATOM   333 C  CB  . LEU A 1 40  ? 1.29999   -7.90566  -5.81998  1.000 60.65000  ? 40  LEU A CB  1 
ATOM   334 C  CG  . LEU A 1 40  ? 2.02084   -6.74039  -5.15095  1.000 57.23000  ? 40  LEU A CG  1 
ATOM   335 C  CD1 . LEU A 1 40  ? 2.51798   -5.80784  -6.22516  1.000 61.47000  ? 40  LEU A CD1 1 
ATOM   336 C  CD2 . LEU A 1 40  ? 1.09104   -6.00029  -4.20981  1.000 56.76000  ? 40  LEU A CD2 1 
ATOM   337 N  N   . SER A 1 41  ? 2.94047   -10.55449 -4.97954  1.000 59.73000  ? 41  SER A N   1 
ATOM   338 C  CA  . SER A 1 41  ? 3.91051   -11.23448 -4.16134  1.000 64.99000  ? 41  SER A CA  1 
ATOM   339 C  C   . SER A 1 41  ? 3.38480   -12.62640 -3.83961  1.000 69.39000  ? 41  SER A C   1 
ATOM   340 O  O   . SER A 1 41  ? 2.18823   -12.89600 -3.98250  1.000 69.89000  ? 41  SER A O   1 
ATOM   341 C  CB  . SER A 1 41  ? 4.09903   -10.45052 -2.87182  1.000 66.14000  ? 41  SER A CB  1 
ATOM   342 O  OG  . SER A 1 41  ? 2.93867   -10.56859 -2.07270  1.000 59.49000  ? 41  SER A OG  1 
ATOM   343 N  N   . LEU A 1 42  ? 4.25671   -13.51101 -3.37879  1.000 76.38000  ? 42  LEU A N   1 
ATOM   344 C  CA  . LEU A 1 42  ? 3.78685   -14.85473 -3.02381  1.000 78.93000  ? 42  LEU A CA  1 
ATOM   345 C  C   . LEU A 1 42  ? 2.84118   -14.81151 -1.81249  1.000 74.53000  ? 42  LEU A C   1 
ATOM   346 O  O   . LEU A 1 42  ? 2.03735   -15.74206 -1.62948  1.000 71.22000  ? 42  LEU A O   1 
ATOM   347 C  CB  . LEU A 1 42  ? 4.93302   -15.87851 -2.86669  1.000 80.91000  ? 42  LEU A CB  1 
ATOM   348 C  CG  . LEU A 1 42  ? 6.22498   -15.51710 -2.13180  1.000 90.75000  ? 42  LEU A CG  1 
ATOM   349 C  CD1 . LEU A 1 42  ? 5.98493   -15.32752 -0.62984  1.000 95.24000  ? 42  LEU A CD1 1 
ATOM   350 C  CD2 . LEU A 1 42  ? 7.27403   -16.58857 -2.42603  1.000 87.74000  ? 42  LEU A CD2 1 
ATOM   351 N  N   . SER A 1 43  ? 2.88763   -13.72326 -1.03097  1.000 67.29000  ? 43  SER A N   1 
ATOM   352 C  CA  . SER A 1 43  ? 1.89676   -13.51258 0.04836   1.000 59.12000  ? 43  SER A CA  1 
ATOM   353 C  C   . SER A 1 43  ? 0.49064   -13.17727 -0.45080  1.000 58.69000  ? 43  SER A C   1 
ATOM   354 O  O   . SER A 1 43  ? -0.45632  -13.26870 0.31774   1.000 52.43000  ? 43  SER A O   1 
ATOM   355 C  CB  . SER A 1 43  ? 2.34217   -12.41025 0.98123   1.000 59.72000  ? 43  SER A CB  1 
ATOM   356 O  OG  . SER A 1 43  ? 2.56203   -11.20785 0.25883   1.000 65.38000  ? 43  SER A OG  1 
ATOM   357 N  N   . PHE A 1 44  ? 0.37289   -12.78188 -1.72604  1.000 61.63000  ? 44  PHE A N   1 
ATOM   358 C  CA  . PHE A 1 44  ? -0.88834  -12.34667 -2.31567  1.000 57.41000  ? 44  PHE A CA  1 
ATOM   359 C  C   . PHE A 1 44  ? -1.22629  -13.14266 -3.57089  1.000 62.09000  ? 44  PHE A C   1 
ATOM   360 O  O   . PHE A 1 44  ? -1.20038  -12.62979 -4.67898  1.000 51.01000  ? 44  PHE A O   1 
ATOM   361 C  CB  . PHE A 1 44  ? -0.83791  -10.86361 -2.67574  1.000 60.18000  ? 44  PHE A CB  1 
ATOM   362 C  CG  . PHE A 1 44  ? -0.71474  -9.94475  -1.48797  1.000 63.24000  ? 44  PHE A CG  1 
ATOM   363 C  CD1 . PHE A 1 44  ? -1.50327  -10.12605 -0.35525  1.000 66.07000  ? 44  PHE A CD1 1 
ATOM   364 C  CD2 . PHE A 1 44  ? 0.14579   -8.85960  -1.53166  1.000 61.25000  ? 44  PHE A CD2 1 
ATOM   365 C  CE1 . PHE A 1 44  ? -1.40553  -9.27504  0.72025   1.000 63.75000  ? 44  PHE A CE1 1 
ATOM   366 C  CE2 . PHE A 1 44  ? 0.25163   -7.99472  -0.45964  1.000 59.98000  ? 44  PHE A CE2 1 
ATOM   367 C  CZ  . PHE A 1 44  ? -0.52495  -8.20504  0.66976   1.000 69.67000  ? 44  PHE A CZ  1 
ATOM   368 N  N   . PRO A 1 45  ? -1.58008  -14.41442 -3.39166  1.000 69.61000  ? 45  PRO A N   1 
ATOM   369 C  CA  . PRO A 1 45  ? -2.16881  -15.15030 -4.50682  1.000 65.97000  ? 45  PRO A CA  1 
ATOM   370 C  C   . PRO A 1 45  ? -3.53298  -14.59451 -4.91358  1.000 66.06000  ? 45  PRO A C   1 
ATOM   371 O  O   . PRO A 1 45  ? -4.37866  -14.30371 -4.07176  1.000 65.42000  ? 45  PRO A O   1 
ATOM   372 C  CB  . PRO A 1 45  ? -2.33351  -16.56025 -3.95353  1.000 67.28000  ? 45  PRO A CB  1 
ATOM   373 C  CG  . PRO A 1 45  ? -1.49412  -16.62285 -2.70661  1.000 69.88000  ? 45  PRO A CG  1 
ATOM   374 C  CD  . PRO A 1 45  ? -1.43485  -15.23225 -2.17422  1.000 71.59000  ? 45  PRO A CD  1 
ATOM   375 N  N   . ILE A 1 46  ? -3.74294  -14.51104 -6.20915  1.000 60.80000  ? 46  ILE A N   1 
ATOM   376 C  CA  . ILE A 1 46  ? -4.95277  -13.94111 -6.78719  1.000 59.47000  ? 46  ILE A CA  1 
ATOM   377 C  C   . ILE A 1 46  ? -6.23965  -14.58161 -6.31652  1.000 60.02000  ? 46  ILE A C   1 
ATOM   378 O  O   . ILE A 1 46  ? -7.26653  -13.91109 -6.24303  1.000 72.68000  ? 46  ILE A O   1 
ATOM   379 C  CB  . ILE A 1 46  ? -4.87006  -14.05264 -8.31780  1.000 63.11000  ? 46  ILE A CB  1 
ATOM   380 C  CG1 . ILE A 1 46  ? -3.54615  -13.39397 -8.78156  1.000 61.68000  ? 46  ILE A CG1 1 
ATOM   381 C  CG2 . ILE A 1 46  ? -6.12292  -13.49120 -8.98068  1.000 62.11000  ? 46  ILE A CG2 1 
ATOM   382 C  CD1 . ILE A 1 46  ? -3.56684  -12.65975 -10.10071 1.000 63.46000  ? 46  ILE A CD1 1 
ATOM   383 N  N   . GLU A 1 47  ? -6.18632  -15.86277 -5.96826  1.000 73.41000  ? 47  GLU A N   1 
ATOM   384 C  CA  . GLU A 1 47  ? -7.38297  -16.64180 -5.60228  1.000 73.74000  ? 47  GLU A CA  1 
ATOM   385 C  C   . GLU A 1 47  ? -7.82035  -16.37841 -4.18039  1.000 72.99000  ? 47  GLU A C   1 
ATOM   386 O  O   . GLU A 1 47  ? -8.94176  -16.72484 -3.81058  1.000 80.62000  ? 47  GLU A O   1 
ATOM   387 C  CB  . GLU A 1 47  ? -7.11842  -18.13532 -5.75813  1.000 83.03000  ? 47  GLU A CB  1 
ATOM   388 C  CG  . GLU A 1 47  ? -6.76837  -18.55568 -7.18724  1.000 102.16000 ? 47  GLU A CG  1 
ATOM   389 C  CD  . GLU A 1 47  ? -5.33003  -18.22201 -7.62421  1.000 105.96000 ? 47  GLU A CD  1 
ATOM   390 O  OE1 . GLU A 1 47  ? -5.13870  -18.10845 -8.86040  1.000 103.41000 ? 47  GLU A OE1 1 
ATOM   391 O  OE2 . GLU A 1 47  ? -4.40633  -18.08196 -6.75976  1.000 87.23000  ? 47  GLU A OE2 1 
ATOM   392 N  N   . GLN A 1 48  ? -6.93453  -15.78463 -3.38345  1.000 66.48000  ? 48  GLN A N   1 
ATOM   393 C  CA  . GLN A 1 48  ? -7.23060  -15.44849 -1.98835  1.000 65.80000  ? 48  GLN A CA  1 
ATOM   394 C  C   . GLN A 1 48  ? -7.65338  -14.00277 -1.75692  1.000 64.23000  ? 48  GLN A C   1 
ATOM   395 O  O   . GLN A 1 48  ? -8.01878  -13.61471 -0.63269  1.000 56.78000  ? 48  GLN A O   1 
ATOM   396 C  CB  . GLN A 1 48  ? -6.02456  -15.75190 -1.14102  1.000 70.80000  ? 48  GLN A CB  1 
ATOM   397 C  CG  . GLN A 1 48  ? -5.54781  -17.17485 -1.36641  1.000 84.86000  ? 48  GLN A CG  1 
ATOM   398 C  CD  . GLN A 1 48  ? -4.48508  -17.60672 -0.37578  1.000 89.37000  ? 48  GLN A CD  1 
ATOM   399 O  OE1 . GLN A 1 48  ? -3.90661  -16.78778 0.33536   1.000 90.18000  ? 48  GLN A OE1 1 
ATOM   400 N  NE2 . GLN A 1 48  ? -4.22385  -18.90439 -0.32547  1.000 102.07000 ? 48  GLN A NE2 1 
ATOM   401 N  N   . SER A 1 49  ? -7.62126  -13.19382 -2.80547  1.000 59.63000  ? 49  SER A N   1 
ATOM   402 C  CA  . SER A 1 49  ? -8.05343  -11.82574 -2.63883  1.000 64.16000  ? 49  SER A CA  1 
ATOM   403 C  C   . SER A 1 49  ? -9.50906  -11.83656 -2.17479  1.000 64.34000  ? 49  SER A C   1 
ATOM   404 O  O   . SER A 1 49  ? -10.30369 -12.61946 -2.66809  1.000 70.15000  ? 49  SER A O   1 
ATOM   405 C  CB  . SER A 1 49  ? -7.94678  -11.12119 -3.95724  1.000 62.44000  ? 49  SER A CB  1 
ATOM   406 O  OG  . SER A 1 49  ? -8.27103  -9.77400  -3.82685  1.000 56.19000  ? 49  SER A OG  1 
ATOM   407 N  N   . PRO A 1 50  ? -9.88348  -10.95955 -1.24504  1.000 67.98000  ? 50  PRO A N   1 
ATOM   408 C  CA  . PRO A 1 50  ? -9.13299  -9.88562  -0.63897  1.000 63.91000  ? 50  PRO A CA  1 
ATOM   409 C  C   . PRO A 1 50  ? -8.44840  -10.34643 0.57822   1.000 55.84000  ? 50  PRO A C   1 
ATOM   410 O  O   . PRO A 1 50  ? -8.75079  -11.41582 1.07038   1.000 60.17000  ? 50  PRO A O   1 
ATOM   411 C  CB  . PRO A 1 50  ? -10.21839 -8.92146  -0.20439  1.000 67.08000  ? 50  PRO A CB  1 
ATOM   412 C  CG  . PRO A 1 50  ? -11.30581 -9.83757  0.21627   1.000 68.08000  ? 50  PRO A CG  1 
ATOM   413 C  CD  . PRO A 1 50  ? -11.27685 -10.96920 -0.77020  1.000 64.84000  ? 50  PRO A CD  1 
ATOM   414 N  N   . PHE A 1 51  ? -7.54037  -9.49139  1.03683   1.000 54.26000  ? 51  PHE A N   1 
ATOM   415 C  CA  . PHE A 1 51  ? -6.72854  -9.66561  2.21880   1.000 52.74000  ? 51  PHE A CA  1 
ATOM   416 C  C   . PHE A 1 51  ? -6.98564  -8.47614  3.15628   1.000 56.82000  ? 51  PHE A C   1 
ATOM   417 O  O   . PHE A 1 51  ? -7.30051  -7.35396  2.72166   1.000 57.66000  ? 51  PHE A O   1 
ATOM   418 C  CB  . PHE A 1 51  ? -5.23369  -9.69466  1.86912   1.000 54.42000  ? 51  PHE A CB  1 
ATOM   419 C  CG  . PHE A 1 51  ? -4.89124  -10.57734 0.70275   1.000 54.64000  ? 51  PHE A CG  1 
ATOM   420 C  CD1 . PHE A 1 51  ? -4.95447  -10.08928 -0.58581  1.000 54.88000  ? 51  PHE A CD1 1 
ATOM   421 C  CD2 . PHE A 1 51  ? -4.49920  -11.88148 0.89904   1.000 54.90000  ? 51  PHE A CD2 1 
ATOM   422 C  CE1 . PHE A 1 51  ? -4.67810  -10.88853 -1.65300  1.000 52.85000  ? 51  PHE A CE1 1 
ATOM   423 C  CE2 . PHE A 1 51  ? -4.21680  -12.69247 -0.16554  1.000 53.88000  ? 51  PHE A CE2 1 
ATOM   424 C  CZ  . PHE A 1 51  ? -4.32536  -12.19650 -1.44109  1.000 58.53000  ? 51  PHE A CZ  1 
ATOM   425 N  N   . HIS A 1 52  ? -6.83252  -8.74001  4.45076   1.000 55.18000  ? 52  HIS A N   1 
ATOM   426 C  CA  . HIS A 1 52  ? -7.21033  -7.80322  5.50729   1.000 52.92000  ? 52  HIS A CA  1 
ATOM   427 C  C   . HIS A 1 52  ? -6.20746  -8.00475  6.58829   1.000 53.74000  ? 52  HIS A C   1 
ATOM   428 O  O   . HIS A 1 52  ? -5.85667  -9.13867  6.85547   1.000 53.60000  ? 52  HIS A O   1 
ATOM   429 C  CB  . HIS A 1 52  ? -8.56720  -8.15158  6.08147   1.000 49.19000  ? 52  HIS A CB  1 
ATOM   430 C  CG  . HIS A 1 52  ? -9.69200  -8.06194  5.10354   1.000 49.88000  ? 52  HIS A CG  1 
ATOM   431 N  ND1 . HIS A 1 52  ? -10.05072 -6.88571  4.48140   1.000 55.81000  ? 52  HIS A ND1 1 
ATOM   432 C  CD2 . HIS A 1 52  ? -10.57206 -8.99671  4.67261   1.000 51.80000  ? 52  HIS A CD2 1 
ATOM   433 C  CE1 . HIS A 1 52  ? -11.09093 -7.10288  3.68924   1.000 56.00000  ? 52  HIS A CE1 1 
ATOM   434 N  NE2 . HIS A 1 52  ? -11.42168 -8.37981  3.78085   1.000 56.50000  ? 52  HIS A NE2 1 
ATOM   435 N  N   . SER A 1 53  ? -5.72349  -6.92932  7.20646   1.000 56.04000  ? 53  SER A N   1 
ATOM   436 C  CA  . SER A 1 53  ? -4.84958  -7.09449  8.37426   1.000 59.58000  ? 53  SER A CA  1 
ATOM   437 C  C   . SER A 1 53  ? -4.98737  -5.90566  9.30335   1.000 61.61000  ? 53  SER A C   1 
ATOM   438 O  O   . SER A 1 53  ? -5.46106  -4.83466  8.90538   1.000 56.96000  ? 53  SER A O   1 
ATOM   439 C  CB  . SER A 1 53  ? -3.40118  -7.28820  7.92507   1.000 59.98000  ? 53  SER A CB  1 
ATOM   440 O  OG  . SER A 1 53  ? -2.54491  -7.56537  9.01680   1.000 67.99000  ? 53  SER A OG  1 
ATOM   441 N  N   . ASP A 1 54  ? -4.61583  -6.09915  10.55662  1.000 68.47000  ? 54  ASP A N   1 
ATOM   442 C  CA  . ASP A 1 54  ? -4.67037  -4.99267  11.51181  1.000 75.89000  ? 54  ASP A CA  1 
ATOM   443 C  C   . ASP A 1 54  ? -3.33578  -4.26192  11.50646  1.000 71.98000  ? 54  ASP A C   1 
ATOM   444 O  O   . ASP A 1 54  ? -3.18674  -3.24158  12.14602  1.000 75.12000  ? 54  ASP A O   1 
ATOM   445 C  CB  . ASP A 1 54  ? -5.05654  -5.46369  12.92444  1.000 74.78000  ? 54  ASP A CB  1 
ATOM   446 C  CG  . ASP A 1 54  ? -4.10165  -6.50371  13.49118  1.000 88.16000  ? 54  ASP A CG  1 
ATOM   447 O  OD1 . ASP A 1 54  ? -3.14787  -6.91087  12.77966  1.000 98.74000  ? 54  ASP A OD1 1 
ATOM   448 O  OD2 . ASP A 1 54  ? -4.30909  -6.90976  14.66166  1.000 95.14000  ? 54  ASP A OD2 1 
ATOM   449 N  N   . THR A 1 55  ? -2.35330  -4.79056  10.80107  1.000 69.40000  ? 55  THR A N   1 
ATOM   450 C  CA  . THR A 1 55  ? -1.12626  -4.04662  10.61261  1.000 71.02000  ? 55  THR A CA  1 
ATOM   451 C  C   . THR A 1 55  ? -0.61869  -4.21412  9.20080   1.000 74.01000  ? 55  THR A C   1 
ATOM   452 O  O   . THR A 1 55  ? -0.77048  -5.28484  8.58691   1.000 65.91000  ? 55  THR A O   1 
ATOM   453 C  CB  . THR A 1 55  ? -0.01623  -4.57251  11.47845  1.000 68.29000  ? 55  THR A CB  1 
ATOM   454 O  OG1 . THR A 1 55  ? 0.23163   -5.90148  11.05236  1.000 64.73000  ? 55  THR A OG1 1 
ATOM   455 C  CG2 . THR A 1 55  ? -0.40102  -4.53243  12.95554  1.000 77.97000  ? 55  THR A CG2 1 
ATOM   456 N  N   . LEU A 1 56  ? 0.02620   -3.15178  8.73233   1.000 64.18000  ? 56  LEU A N   1 
ATOM   457 C  CA  . LEU A 1 56  ? 0.45721   -3.03140  7.37196   1.000 59.88000  ? 56  LEU A CA  1 
ATOM   458 C  C   . LEU A 1 56  ? 1.11653   -4.32159  6.87564   1.000 56.35000  ? 56  LEU A C   1 
ATOM   459 O  O   . LEU A 1 56  ? 2.18294   -4.75841  7.32514   1.000 52.88000  ? 56  LEU A O   1 
ATOM   460 C  CB  . LEU A 1 56  ? 1.41573   -1.82368  7.24991   1.000 65.23000  ? 56  LEU A CB  1 
ATOM   461 C  CG  . LEU A 1 56  ? 1.96817   -1.57788  5.84525   1.000 62.67000  ? 56  LEU A CG  1 
ATOM   462 C  CD1 . LEU A 1 56  ? 0.86761   -1.17463  4.86806   1.000 63.66000  ? 56  LEU A CD1 1 
ATOM   463 C  CD2 . LEU A 1 56  ? 3.07380   -0.55046  5.88531   1.000 62.11000  ? 56  LEU A CD2 1 
ATOM   464 N  N   . PHE A 1 57  ? 0.46358   -4.94172  5.92120   1.000 56.30000  ? 57  PHE A N   1 
ATOM   465 C  CA  . PHE A 1 57  ? 1.05034   -6.07420  5.23693   1.000 56.74000  ? 57  PHE A CA  1 
ATOM   466 C  C   . PHE A 1 57  ? 2.57736   -5.96973  5.14316   1.000 55.09000  ? 57  PHE A C   1 
ATOM   467 O  O   . PHE A 1 57  ? 3.11580   -5.03367  4.59361   1.000 60.63000  ? 57  PHE A O   1 
ATOM   468 C  CB  . PHE A 1 57  ? 0.44155   -6.14843  3.85083   1.000 59.79000  ? 57  PHE A CB  1 
ATOM   469 C  CG  . PHE A 1 57  ? -1.07136  -6.25479  3.86735   1.000 57.40000  ? 57  PHE A CG  1 
ATOM   470 C  CD1 . PHE A 1 57  ? -1.68017  -7.41377  4.27014   1.000 56.55000  ? 57  PHE A CD1 1 
ATOM   471 C  CD2 . PHE A 1 57  ? -1.85835  -5.19708  3.50078   1.000 56.24000  ? 57  PHE A CD2 1 
ATOM   472 C  CE1 . PHE A 1 57  ? -3.04067  -7.52893  4.29270   1.000 56.40000  ? 57  PHE A CE1 1 
ATOM   473 C  CE2 . PHE A 1 57  ? -3.22377  -5.30055  3.51793   1.000 60.08000  ? 57  PHE A CE2 1 
ATOM   474 C  CZ  . PHE A 1 57  ? -3.82022  -6.47281  3.92589   1.000 56.01000  ? 57  PHE A CZ  1 
ATOM   475 N  N   . PRO A 1 58  ? 3.28515   -6.94002  5.68221   1.000 58.54000  ? 58  PRO A N   1 
ATOM   476 C  CA  . PRO A 1 58  ? 4.73610   -7.01022  5.50421   1.000 59.19000  ? 58  PRO A CA  1 
ATOM   477 C  C   . PRO A 1 58  ? 5.25245   -6.69248  4.10646   1.000 57.70000  ? 58  PRO A C   1 
ATOM   478 O  O   . PRO A 1 58  ? 6.29898   -6.04509  3.96727   1.000 58.40000  ? 58  PRO A O   1 
ATOM   479 C  CB  . PRO A 1 58  ? 5.04079   -8.47986  5.83342   1.000 57.14000  ? 58  PRO A CB  1 
ATOM   480 C  CG  . PRO A 1 58  ? 4.04208   -8.80819  6.90220   1.000 57.52000  ? 58  PRO A CG  1 
ATOM   481 C  CD  . PRO A 1 58  ? 2.78321   -8.05471  6.51016   1.000 62.17000  ? 58  PRO A CD  1 
ATOM   482 N  N   . TYR A 1 59  ? 4.55278   -7.16002  3.07783   1.000 52.93000  ? 59  TYR A N   1 
ATOM   483 C  CA  . TYR A 1 59  ? 5.01821   -6.91677  1.73111   1.000 52.37000  ? 59  TYR A CA  1 
ATOM   484 C  C   . TYR A 1 59  ? 5.04949   -5.40419  1.45007   1.000 56.65000  ? 59  TYR A C   1 
ATOM   485 O  O   . TYR A 1 59  ? 6.05793   -4.87384  0.93710   1.000 58.77000  ? 59  TYR A O   1 
ATOM   486 C  CB  . TYR A 1 59  ? 4.17898   -7.65036  0.67104   1.000 52.43000  ? 59  TYR A CB  1 
ATOM   487 C  CG  . TYR A 1 59  ? 4.70014   -7.34134  -0.68910  1.000 54.70000  ? 59  TYR A CG  1 
ATOM   488 C  CD1 . TYR A 1 59  ? 5.89608   -7.90910  -1.12235  1.000 60.09000  ? 59  TYR A CD1 1 
ATOM   489 C  CD2 . TYR A 1 59  ? 4.08479   -6.37751  -1.50235  1.000 61.34000  ? 59  TYR A CD2 1 
ATOM   490 C  CE1 . TYR A 1 59  ? 6.44141   -7.58509  -2.35792  1.000 63.73000  ? 59  TYR A CE1 1 
ATOM   491 C  CE2 . TYR A 1 59  ? 4.62115   -6.04369  -2.74813  1.000 66.58000  ? 59  TYR A CE2 1 
ATOM   492 C  CZ  . TYR A 1 59  ? 5.80470   -6.65609  -3.16397  1.000 65.75000  ? 59  TYR A CZ  1 
ATOM   493 O  OH  . TYR A 1 59  ? 6.37112   -6.36018  -4.37015  1.000 66.55000  ? 59  TYR A OH  1 
ATOM   494 N  N   . PHE A 1 60  ? 3.96164   -4.71040  1.78201   1.000 51.37000  ? 60  PHE A N   1 
ATOM   495 C  CA  . PHE A 1 60  ? 3.89081   -3.27757  1.53599   1.000 50.25000  ? 60  PHE A CA  1 
ATOM   496 C  C   . PHE A 1 60  ? 4.81221   -2.52133  2.49921   1.000 49.23000  ? 60  PHE A C   1 
ATOM   497 O  O   . PHE A 1 60  ? 5.48622   -1.58623  2.12005   1.000 59.97000  ? 60  PHE A O   1 
ATOM   498 C  CB  . PHE A 1 60  ? 2.45414   -2.78065  1.65161   1.000 51.52000  ? 60  PHE A CB  1 
ATOM   499 C  CG  . PHE A 1 60  ? 1.59257   -3.11997  0.47424   1.000 49.21000  ? 60  PHE A CG  1 
ATOM   500 C  CD1 . PHE A 1 60  ? 1.62579   -2.35198  -0.68403  1.000 51.53000  ? 60  PHE A CD1 1 
ATOM   501 C  CD2 . PHE A 1 60  ? 0.70614   -4.18370  0.52659   1.000 56.25000  ? 60  PHE A CD2 1 
ATOM   502 C  CE1 . PHE A 1 60  ? 0.80833   -2.66619  -1.78290  1.000 52.85000  ? 60  PHE A CE1 1 
ATOM   503 C  CE2 . PHE A 1 60  ? -0.12338  -4.50524  -0.57696  1.000 55.46000  ? 60  PHE A CE2 1 
ATOM   504 C  CZ  . PHE A 1 60  ? -0.06892  -3.75255  -1.72863  1.000 47.59000  ? 60  PHE A CZ  1 
ATOM   505 N  N   . ALA A 1 61  ? 4.87639   -2.91076  3.75189   1.000 48.08000  ? 61  ALA A N   1 
ATOM   506 C  CA  . ALA A 1 61  ? 5.84883   -2.25606  4.62857   1.000 48.04000  ? 61  ALA A CA  1 
ATOM   507 C  C   . ALA A 1 61  ? 7.24565   -2.40960  4.05470   1.000 48.52000  ? 61  ALA A C   1 
ATOM   508 O  O   . ALA A 1 61  ? 8.08421   -1.55151  4.26804   1.000 59.38000  ? 61  ALA A O   1 
ATOM   509 C  CB  . ALA A 1 61  ? 5.81387   -2.83525  6.03144   1.000 42.03000  ? 61  ALA A CB  1 
ATOM   510 N  N   . SER A 1 62  ? 7.52153   -3.51312  3.36111   1.000 53.28000  ? 62  SER A N   1 
ATOM   511 C  CA  . SER A 1 62  ? 8.88143   -3.75549  2.80859   1.000 54.71000  ? 62  SER A CA  1 
ATOM   512 C  C   . SER A 1 62  ? 9.27959   -2.75589  1.69691   1.000 51.57000  ? 62  SER A C   1 
ATOM   513 O  O   . SER A 1 62  ? 10.44950  -2.57581  1.43240   1.000 58.97000  ? 62  SER A O   1 
ATOM   514 C  CB  . SER A 1 62  ? 9.01256   -5.17184  2.26001   1.000 50.22000  ? 62  SER A CB  1 
ATOM   515 O  OG  . SER A 1 62  ? 8.58810   -5.20493  0.88854   1.000 54.44000  ? 62  SER A OG  1 
ATOM   516 N  N   . LEU A 1 63  ? 8.30531   -2.12093  1.05660   1.000 51.15000  ? 63  LEU A N   1 
ATOM   517 C  CA  . LEU A 1 63  ? 8.56123   -1.17398  -0.04948  1.000 52.30000  ? 63  LEU A CA  1 
ATOM   518 C  C   . LEU A 1 63  ? 9.04643   0.16795   0.43081   1.000 50.86000  ? 63  LEU A C   1 
ATOM   519 O  O   . LEU A 1 63  ? 9.46862   0.99056   -0.35687  1.000 64.23000  ? 63  LEU A O   1 
ATOM   520 C  CB  . LEU A 1 63  ? 7.28458   -0.92625  -0.87874  1.000 52.21000  ? 63  LEU A CB  1 
ATOM   521 C  CG  . LEU A 1 63  ? 6.63519   -2.16814  -1.50817  1.000 54.40000  ? 63  LEU A CG  1 
ATOM   522 C  CD1 . LEU A 1 63  ? 5.55665   -1.88318  -2.53474  1.000 52.77000  ? 63  LEU A CD1 1 
ATOM   523 C  CD2 . LEU A 1 63  ? 7.70288   -3.02088  -2.15214  1.000 55.67000  ? 63  LEU A CD2 1 
ATOM   524 N  N   . VAL A 1 64  ? 8.96179   0.41668   1.71479   1.000 50.92000  ? 64  VAL A N   1 
ATOM   525 C  CA  . VAL A 1 64  ? 9.41162   1.68099   2.25776   1.000 52.45000  ? 64  VAL A CA  1 
ATOM   526 C  C   . VAL A 1 64  ? 10.95859  1.71326   2.28740   1.000 57.07000  ? 64  VAL A C   1 
ATOM   527 O  O   . VAL A 1 64  ? 11.59013  0.81855   2.84742   1.000 61.38000  ? 64  VAL A O   1 
ATOM   528 C  CB  . VAL A 1 64  ? 8.83878   1.87629   3.66456   1.000 47.45000  ? 64  VAL A CB  1 
ATOM   529 C  CG1 . VAL A 1 64  ? 9.36990   3.16668   4.27393   1.000 54.68000  ? 64  VAL A CG1 1 
ATOM   530 C  CG2 . VAL A 1 64  ? 7.32218   1.88641   3.59349   1.000 44.65000  ? 64  VAL A CG2 1 
ATOM   531 N  N   . PRO A 1 65  ? 11.57337  2.74306   1.68476   1.000 54.06000  ? 65  PRO A N   1 
ATOM   532 C  CA  . PRO A 1 65  ? 13.02618  2.69057   1.64716   1.000 55.27000  ? 65  PRO A CA  1 
ATOM   533 C  C   . PRO A 1 65  ? 13.66988  2.82551   3.02455   1.000 55.33000  ? 65  PRO A C   1 
ATOM   534 O  O   . PRO A 1 65  ? 13.24400  3.65055   3.84212   1.000 58.25000  ? 65  PRO A O   1 
ATOM   535 C  CB  . PRO A 1 65  ? 13.40609  3.88886   0.74748   1.000 55.73000  ? 65  PRO A CB  1 
ATOM   536 C  CG  . PRO A 1 65  ? 12.18270  4.17274   -0.04396  1.000 55.39000  ? 65  PRO A CG  1 
ATOM   537 C  CD  . PRO A 1 65  ? 11.05564  3.89347   0.92321   1.000 54.60000  ? 65  PRO A CD  1 
ATOM   538 N  N   . GLU A 1 66  ? 14.69852  2.00948   3.24514   1.000 59.07000  ? 66  GLU A N   1 
ATOM   539 C  CA  . GLU A 1 66  ? 15.56281  2.07495   4.41459   1.000 60.47000  ? 66  GLU A CA  1 
ATOM   540 C  C   . GLU A 1 66  ? 15.88238  3.49185   4.74238   1.000 62.23000  ? 66  GLU A C   1 
ATOM   541 O  O   . GLU A 1 66  ? 15.61419  3.95917   5.82426   1.000 61.79000  ? 66  GLU A O   1 
ATOM   542 C  CB  . GLU A 1 66  ? 16.85536  1.34275   4.11655   1.000 64.49000  ? 66  GLU A CB  1 
ATOM   543 C  CG  . GLU A 1 66  ? 16.72391  -0.14642  4.34213   1.000 75.01000  ? 66  GLU A CG  1 
ATOM   544 C  CD  . GLU A 1 66  ? 17.89911  -0.92801  3.81728   1.000 84.20000  ? 66  GLU A CD  1 
ATOM   545 O  OE1 . GLU A 1 66  ? 18.95104  -0.30136  3.52880   1.000 83.55000  ? 66  GLU A OE1 1 
ATOM   546 O  OE2 . GLU A 1 66  ? 17.74861  -2.17048  3.68836   1.000 92.03000  ? 66  GLU A OE2 1 
ATOM   547 N  N   . GLY A 1 67  ? 16.41844  4.18345   3.75485   1.000 58.67000  ? 67  GLY A N   1 
ATOM   548 C  CA  . GLY A 1 67  ? 16.73690  5.57731   3.88234   1.000 58.79000  ? 67  GLY A CA  1 
ATOM   549 C  C   . GLY A 1 67  ? 15.74409  6.45168   4.60316   1.000 61.76000  ? 67  GLY A C   1 
ATOM   550 O  O   . GLY A 1 67  ? 16.14386  7.35843   5.33080   1.000 71.19000  ? 67  GLY A O   1 
ATOM   551 N  N   . TRP A 1 68  ? 14.45927  6.21704   4.39319   1.000 56.98000  ? 68  TRP A N   1 
ATOM   552 C  CA  . TRP A 1 68  ? 13.43032  7.05439   5.01951   1.000 55.62000  ? 68  TRP A CA  1 
ATOM   553 C  C   . TRP A 1 68  ? 13.16753  6.60564   6.46588   1.000 60.89000  ? 68  TRP A C   1 
ATOM   554 O  O   . TRP A 1 68  ? 12.78089  7.40013   7.32120   1.000 57.19000  ? 68  TRP A O   1 
ATOM   555 C  CB  . TRP A 1 68  ? 12.14702  6.95387   4.22087   1.000 52.81000  ? 68  TRP A CB  1 
ATOM   556 C  CG  . TRP A 1 68  ? 11.00268  7.67028   4.79152   1.000 60.24000  ? 68  TRP A CG  1 
ATOM   557 C  CD1 . TRP A 1 68  ? 10.64844  8.95281   4.55148   1.000 67.00000  ? 68  TRP A CD1 1 
ATOM   558 C  CD2 . TRP A 1 68  ? 10.00119  7.13035   5.64877   1.000 62.28000  ? 68  TRP A CD2 1 
ATOM   559 N  NE1 . TRP A 1 68  ? 9.49900   9.26448   5.22438   1.000 67.30000  ? 68  TRP A NE1 1 
ATOM   560 C  CE2 . TRP A 1 68  ? 9.07412   8.15557   5.90313   1.000 66.67000  ? 68  TRP A CE2 1 
ATOM   561 C  CE3 . TRP A 1 68  ? 9.78618   5.87420   6.21149   1.000 63.47000  ? 68  TRP A CE3 1 
ATOM   562 C  CZ2 . TRP A 1 68  ? 7.95743   7.97514   6.72619   1.000 62.70000  ? 68  TRP A CZ2 1 
ATOM   563 C  CZ3 . TRP A 1 68  ? 8.67470   5.69676   7.03442   1.000 63.33000  ? 68  TRP A CZ3 1 
ATOM   564 C  CH2 . TRP A 1 68  ? 7.77904   6.74373   7.27615   1.000 59.40000  ? 68  TRP A CH2 1 
ATOM   565 N  N   . LEU A 1 69  ? 13.33907  5.31861   6.72034   1.000 57.73000  ? 69  LEU A N   1 
ATOM   566 C  CA  . LEU A 1 69  ? 13.26536  4.82008   8.07075   1.000 57.45000  ? 69  LEU A CA  1 
ATOM   567 C  C   . LEU A 1 69  ? 14.45930  5.35199   8.87220   1.000 62.63000  ? 69  LEU A C   1 
ATOM   568 O  O   . LEU A 1 69  ? 14.24031  5.98896   9.89632   1.000 73.81000  ? 69  LEU A O   1 
ATOM   569 C  CB  . LEU A 1 69  ? 13.23090  3.29130   8.07301   1.000 56.83000  ? 69  LEU A CB  1 
ATOM   570 C  CG  . LEU A 1 69  ? 12.04588  2.67303   7.30685   1.000 56.64000  ? 69  LEU A CG  1 
ATOM   571 C  CD1 . LEU A 1 69  ? 12.28722  1.17395   7.12570   1.000 57.81000  ? 69  LEU A CD1 1 
ATOM   572 C  CD2 . LEU A 1 69  ? 10.68379  2.95274   7.95042   1.000 49.16000  ? 69  LEU A CD2 1 
ATOM   573 N  N   . LYS A 1 70  ? 15.70546  5.14241   8.41046   1.000 58.08000  ? 70  LYS A N   1 
ATOM   574 C  CA  . LYS A 1 70  ? 16.87914  5.71930   9.09748   1.000 58.76000  ? 70  LYS A CA  1 
ATOM   575 C  C   . LYS A 1 70  ? 16.75838  7.23289   9.37492   1.000 58.93000  ? 70  LYS A C   1 
ATOM   576 O  O   . LYS A 1 70  ? 17.25806  7.72458   10.36856  1.000 59.54000  ? 70  LYS A O   1 
ATOM   577 C  CB  . LYS A 1 70  ? 18.18148  5.42829   8.37321   1.000 65.04000  ? 70  LYS A CB  1 
ATOM   578 C  CG  . LYS A 1 70  ? 18.52135  3.95386   8.23952   1.000 70.06000  ? 70  LYS A CG  1 
ATOM   579 C  CD  . LYS A 1 70  ? 20.01631  3.73256   8.01723   1.000 87.19000  ? 70  LYS A CD  1 
ATOM   580 C  CE  . LYS A 1 70  ? 20.82468  3.74301   9.34412   1.000 107.86000 ? 70  LYS A CE  1 
ATOM   581 N  NZ  . LYS A 1 70  ? 22.20993  3.11504   9.32881   1.000 99.39000  ? 70  LYS A NZ  1 
ATOM   582 N  N   . HIS A 1 71  ? 16.03910  7.96584   8.54811   1.000 60.34000  ? 71  HIS A N   1 
ATOM   583 C  CA  . HIS A 1 71  ? 15.80780  9.38700   8.80253   1.000 62.42000  ? 71  HIS A CA  1 
ATOM   584 C  C   . HIS A 1 71  ? 14.78434  9.63929   9.91655   1.000 73.98000  ? 71  HIS A C   1 
ATOM   585 O  O   . HIS A 1 71  ? 14.04996  10.62686  9.87051   1.000 74.49000  ? 71  HIS A O   1 
ATOM   586 C  CB  . HIS A 1 71  ? 15.30638  10.04714  7.50941   1.000 64.17000  ? 71  HIS A CB  1 
ATOM   587 C  CG  . HIS A 1 71  ? 14.99623  11.49781  7.65646   1.000 68.24000  ? 71  HIS A CG  1 
ATOM   588 N  ND1 . HIS A 1 71  ? 13.72130  12.00613  7.48213   1.000 67.71000  ? 71  HIS A ND1 1 
ATOM   589 C  CD2 . HIS A 1 71  ? 15.77904  12.53939  8.01758   1.000 66.41000  ? 71  HIS A CD2 1 
ATOM   590 C  CE1 . HIS A 1 71  ? 13.73503  13.30278  7.71703   1.000 61.95000  ? 71  HIS A CE1 1 
ATOM   591 N  NE2 . HIS A 1 71  ? 14.96749  13.64735  8.06024   1.000 74.42000  ? 71  HIS A NE2 1 
ATOM   592 N  N   . LYS A 1 72  ? 14.68538  8.74120   10.89053  1.000 80.62000  ? 72  LYS A N   1 
ATOM   593 C  CA  . LYS A 1 72  ? 13.71886  8.88682   12.00444  1.000 79.41000  ? 72  LYS A CA  1 
ATOM   594 C  C   . LYS A 1 72  ? 14.39464  8.20464   13.17262  1.000 81.54000  ? 72  LYS A C   1 
ATOM   595 O  O   . LYS A 1 72  ? 14.50697  6.97541   13.23335  1.000 63.33000  ? 72  LYS A O   1 
ATOM   596 C  CB  . LYS A 1 72  ? 12.39575  8.26707   11.62362  1.000 77.92000  ? 72  LYS A CB  1 
ATOM   597 C  CG  . LYS A 1 72  ? 11.81116  8.91177   10.38483  1.000 73.64000  ? 72  LYS A CG  1 
ATOM   598 C  CD  . LYS A 1 72  ? 10.31330  8.75584   10.29843  1.000 77.87000  ? 72  LYS A CD  1 
ATOM   599 C  CE  . LYS A 1 72  ? 9.72314   9.88022   9.45677   1.000 85.36000  ? 72  LYS A CE  1 
ATOM   600 N  NZ  . LYS A 1 72  ? 8.28759   10.10308  9.79857   1.000 94.41000  ? 72  LYS A NZ  1 
ATOM   601 N  N   . TYR A 1 73  ? 14.85755  9.05358   14.08155  1.000 98.23000  ? 73  TYR A N   1 
ATOM   602 C  CA  . TYR A 1 73  ? 16.27252  9.06241   14.49829  1.000 119.79000 ? 73  TYR A CA  1 
ATOM   603 C  C   . TYR A 1 73  ? 17.02990  9.60589   13.28086  1.000 125.69000 ? 73  TYR A C   1 
ATOM   604 O  O   . TYR A 1 73  ? 17.80725  8.88190   12.64795  1.000 119.47000 ? 73  TYR A O   1 
ATOM   605 C  CB  . TYR A 1 73  ? 16.84760  7.69791   14.90867  1.000 126.57000 ? 73  TYR A CB  1 
ATOM   606 C  CG  . TYR A 1 73  ? 18.34166  7.75317   15.28074  1.000 149.46000 ? 73  TYR A CG  1 
ATOM   607 C  CD1 . TYR A 1 73  ? 18.87424  8.84086   15.98591  1.000 156.57000 ? 73  TYR A CD1 1 
ATOM   608 C  CD2 . TYR A 1 73  ? 19.22414  6.72042   14.93228  1.000 154.02000 ? 73  TYR A CD2 1 
ATOM   609 C  CE1 . TYR A 1 73  ? 20.22266  8.90084   16.32995  1.000 146.25000 ? 73  TYR A CE1 1 
ATOM   610 C  CE2 . TYR A 1 73  ? 20.58273  6.77814   15.27718  1.000 142.29000 ? 73  TYR A CE2 1 
ATOM   611 C  CZ  . TYR A 1 73  ? 21.07207  7.87257   15.97576  1.000 133.19000 ? 73  TYR A CZ  1 
ATOM   612 O  OH  . TYR A 1 73  ? 22.39622  7.96509   16.32567  1.000 113.53000 ? 73  TYR A OH  1 
ATOM   613 N  N   . ALA A 1 74  ? 16.88184  10.89615  12.99479  1.000 118.45000 ? 74  ALA A N   1 
ATOM   614 C  CA  . ALA A 1 74  ? 16.61914  11.91611  13.99988  1.000 112.25000 ? 74  ALA A CA  1 
ATOM   615 C  C   . ALA A 1 74  ? 15.16821  12.19583  14.26345  1.000 103.69000 ? 74  ALA A C   1 
ATOM   616 O  O   . ALA A 1 74  ? 14.48781  12.64129  13.33356  1.000 83.89000  ? 74  ALA A O   1 
ATOM   617 C  CB  . ALA A 1 74  ? 17.28346  13.21527  13.56069  1.000 128.16000 ? 74  ALA A CB  1 
ATOM   618 N  N   . LEU A 1 75  ? 14.66735  12.01079  15.50022  1.000 119.53000 ? 75  LEU A N   1 
ATOM   619 C  CA  . LEU A 1 75  ? 15.27849  11.29773  16.69486  1.000 133.74000 ? 75  LEU A CA  1 
ATOM   620 C  C   . LEU A 1 75  ? 14.39813  11.53278  17.89320  1.000 132.97000 ? 75  LEU A C   1 
ATOM   621 O  O   . LEU A 1 75  ? 14.35834  12.64642  18.41050  1.000 123.03000 ? 75  LEU A O   1 
ATOM   622 C  CB  . LEU A 1 75  ? 16.69504  11.72220  17.19188  1.000 143.28000 ? 75  LEU A CB  1 
ATOM   623 C  CG  . LEU A 1 75  ? 17.06784  11.07575  18.58742  1.000 133.46000 ? 75  LEU A CG  1 
ATOM   624 C  CD1 . LEU A 1 75  ? 18.51961  10.61590  18.72265  1.000 122.35000 ? 75  LEU A CD1 1 
ATOM   625 C  CD2 . LEU A 1 75  ? 16.70463  11.93386  19.80411  1.000 134.85000 ? 75  LEU A CD2 1 
ATOM   626 N  N   . HIS A 1 76  ? 13.67766  10.51690  18.34144  1.000 146.98000 ? 76  HIS A N   1 
ATOM   627 C  CA  . HIS A 1 76  ? 13.26966  9.38204   17.52638  1.000 145.04000 ? 76  HIS A CA  1 
ATOM   628 C  C   . HIS A 1 76  ? 11.88185  9.86871   17.12545  1.000 142.65000 ? 76  HIS A C   1 
ATOM   629 O  O   . HIS A 1 76  ? 11.35861  10.80112  17.74502  1.000 154.26000 ? 76  HIS A O   1 
ATOM   630 C  CB  . HIS A 1 76  ? 13.26561  8.05842   18.33385  1.000 142.53000 ? 76  HIS A CB  1 
ATOM   631 C  CG  . HIS A 1 76  ? 12.98439  8.23253   19.80244  1.000 145.88000 ? 76  HIS A CG  1 
ATOM   632 N  ND1 . HIS A 1 76  ? 13.97978  8.24625   20.75808  1.000 141.57000 ? 76  HIS A ND1 1 
ATOM   633 C  CD2 . HIS A 1 76  ? 11.82174  8.43037   20.47214  1.000 141.95000 ? 76  HIS A CD2 1 
ATOM   634 C  CE1 . HIS A 1 76  ? 13.44208  8.43718   21.95178  1.000 136.25000 ? 76  HIS A CE1 1 
ATOM   635 N  NE2 . HIS A 1 76  ? 12.13458  8.55384   21.80497  1.000 136.42000 ? 76  HIS A NE2 1 
ATOM   636 N  N   . GLN A 1 77  ? 11.28913  9.30841   16.07980  1.000 131.38000 ? 77  GLN A N   1 
ATOM   637 C  CA  . GLN A 1 77  ? 9.94756   9.73547   15.71455  1.000 124.92000 ? 77  GLN A CA  1 
ATOM   638 C  C   . GLN A 1 77  ? 8.96656   8.57045   15.56734  1.000 136.28000 ? 77  GLN A C   1 
ATOM   639 O  O   . GLN A 1 77  ? 9.35163   7.40275   15.55916  1.000 131.79000 ? 77  GLN A O   1 
ATOM   640 C  CB  . GLN A 1 77  ? 10.00639  10.60356  14.46560  1.000 111.18000 ? 77  GLN A CB  1 
ATOM   641 C  CG  . GLN A 1 77  ? 10.98308  11.75445  14.62318  1.000 108.24000 ? 77  GLN A CG  1 
ATOM   642 C  CD  . GLN A 1 77  ? 10.61989  12.95526  13.77484  1.000 113.38000 ? 77  GLN A CD  1 
ATOM   643 O  OE1 . GLN A 1 77  ? 9.82049   12.85187  12.83547  1.000 104.18000 ? 77  GLN A OE1 1 
ATOM   644 N  NE2 . GLN A 1 77  ? 11.19756  14.11398  14.10692  1.000 102.43000 ? 77  GLN A NE2 1 
ATOM   645 N  N   . ARG A 1 78  ? 7.68101   8.91253   15.51887  1.000 149.96000 ? 78  ARG A N   1 
ATOM   646 C  CA  . ARG A 1 78  ? 6.62709   7.96766   15.15660  1.000 139.63000 ? 78  ARG A CA  1 
ATOM   647 C  C   . ARG A 1 78  ? 7.05615   7.18200   13.94655  1.000 130.63000 ? 78  ARG A C   1 
ATOM   648 O  O   . ARG A 1 78  ? 7.73532   7.70639   13.06223  1.000 151.86000 ? 78  ARG A O   1 
ATOM   649 C  CB  . ARG A 1 78  ? 5.32972   8.70544   14.77101  1.000 143.57000 ? 78  ARG A CB  1 
ATOM   650 C  CG  . ARG A 1 78  ? 4.17743   8.64097   15.76620  1.000 144.09000 ? 78  ARG A CG  1 
ATOM   651 C  CD  . ARG A 1 78  ? 3.31024   9.89019   15.64303  1.000 142.89000 ? 78  ARG A CD  1 
ATOM   652 N  NE  . ARG A 1 78  ? 3.92306   11.03311  16.33614  1.000 141.26000 ? 78  ARG A NE  1 
ATOM   653 C  CZ  . ARG A 1 78  ? 3.65016   12.31978  16.10801  1.000 132.09000 ? 78  ARG A CZ  1 
ATOM   654 N  NH1 . ARG A 1 78  ? 4.28003   13.25643  16.80952  1.000 119.23000 ? 78  ARG A NH1 1 
ATOM   655 N  NH2 . ARG A 1 78  ? 2.76666   12.68593  15.18146  1.000 139.01000 ? 78  ARG A NH2 1 
ATOM   656 N  N   . ILE A 1 79  ? 6.63938   5.92775   13.90330  1.000 122.98000 ? 79  ILE A N   1 
ATOM   657 C  CA  . ILE A 1 79  ? 6.60121   5.18191   12.64506  1.000 122.04000 ? 79  ILE A CA  1 
ATOM   658 C  C   . ILE A 1 79  ? 5.23675   4.53753   12.45601  1.000 122.15000 ? 79  ILE A C   1 
ATOM   659 O  O   . ILE A 1 79  ? 4.83214   4.26130   11.32409  1.000 143.39000 ? 79  ILE A O   1 
ATOM   660 C  CB  . ILE A 1 79  ? 7.71519   4.14827   12.55262  1.000 123.15000 ? 79  ILE A CB  1 
ATOM   661 C  CG1 . ILE A 1 79  ? 8.06811   3.70320   13.96026  1.000 127.03000 ? 79  ILE A CG1 1 
ATOM   662 C  CG2 . ILE A 1 79  ? 8.93150   4.72578   11.81591  1.000 114.10000 ? 79  ILE A CG2 1 
ATOM   663 C  CD1 . ILE A 1 79  ? 9.09403   2.62605   13.98855  1.000 125.95000 ? 79  ILE A CD1 1 
ATOM   664 N  N   . ASP A 1 80  ? 4.53402   4.27261   13.55018  1.000 111.13000 ? 80  ASP A N   1 
ATOM   665 C  CA  . ASP A 1 80  ? 3.07816   4.34602   13.53127  1.000 108.77000 ? 80  ASP A CA  1 
ATOM   666 C  C   . ASP A 1 80  ? 2.44520   3.21755   12.70496  1.000 110.22000 ? 80  ASP A C   1 
ATOM   667 O  O   . ASP A 1 80  ? 1.64816   2.44782   13.24524  1.000 130.17000 ? 80  ASP A O   1 
ATOM   668 C  CB  . ASP A 1 80  ? 2.67645   5.74187   12.99781  1.000 104.96000 ? 80  ASP A CB  1 
ATOM   669 C  CG  . ASP A 1 80  ? 1.20474   6.08621   13.20668  1.000 111.26000 ? 80  ASP A CG  1 
ATOM   670 O  OD1 . ASP A 1 80  ? 0.70541   7.01381   12.51144  1.000 106.96000 ? 80  ASP A OD1 1 
ATOM   671 O  OD2 . ASP A 1 80  ? 0.55142   5.46143   14.06761  1.000 115.24000 ? 80  ASP A OD2 1 
ATOM   672 N  N   . GLU A 1 81  ? 2.81058   3.12256   11.41817  1.000 90.17000  ? 81  GLU A N   1 
ATOM   673 C  CA  . GLU A 1 81  ? 2.16211   2.25538   10.41832  1.000 86.64000  ? 81  GLU A CA  1 
ATOM   674 C  C   . GLU A 1 81  ? 1.17277   2.95982   9.52846   1.000 78.23000  ? 81  GLU A C   1 
ATOM   675 O  O   . GLU A 1 81  ? 1.04348   2.61087   8.36340   1.000 82.73000  ? 81  GLU A O   1 
ATOM   676 C  CB  . GLU A 1 81  ? 1.48806   1.02202   11.00642  1.000 88.63000  ? 81  GLU A CB  1 
ATOM   677 C  CG  . GLU A 1 81  ? 2.50686   -0.01546  11.43817  1.000 95.22000  ? 81  GLU A CG  1 
ATOM   678 C  CD  . GLU A 1 81  ? 1.99197   -1.40424  11.25808  1.000 90.61000  ? 81  GLU A CD  1 
ATOM   679 O  OE1 . GLU A 1 81  ? 2.78002   -2.27299  10.83451  1.000 99.42000  ? 81  GLU A OE1 1 
ATOM   680 O  OE2 . GLU A 1 81  ? 0.78625   -1.59780  11.51824  1.000 92.77000  ? 81  GLU A OE2 1 
ATOM   681 N  N   . SER A 1 82  ? 0.45979   3.93346   10.07052  1.000 71.58000  ? 82  SER A N   1 
ATOM   682 C  CA  . SER A 1 82  ? -0.21987  4.90535   9.23793   1.000 68.56000  ? 82  SER A CA  1 
ATOM   683 C  C   . SER A 1 82  ? 0.80649   5.82098   8.58188   1.000 64.61000  ? 82  SER A C   1 
ATOM   684 O  O   . SER A 1 82  ? 0.55841   6.37831   7.51121   1.000 65.35000  ? 82  SER A O   1 
ATOM   685 C  CB  . SER A 1 82  ? -1.18637  5.73471   10.06913  1.000 72.04000  ? 82  SER A CB  1 
ATOM   686 O  OG  . SER A 1 82  ? -2.15547  4.89445   10.65620  1.000 74.25000  ? 82  SER A OG  1 
ATOM   687 N  N   . ASP A 1 83  ? 1.96199   5.97118   9.22311   1.000 67.05000  ? 83  ASP A N   1 
ATOM   688 C  CA  . ASP A 1 83  ? 3.01529   6.85082   8.70875   1.000 71.66000  ? 83  ASP A CA  1 
ATOM   689 C  C   . ASP A 1 83  ? 3.63680   6.25348   7.49452   1.000 65.26000  ? 83  ASP A C   1 
ATOM   690 O  O   . ASP A 1 83  ? 3.96506   6.95784   6.55847   1.000 79.39000  ? 83  ASP A O   1 
ATOM   691 C  CB  . ASP A 1 83  ? 4.08436   7.12259   9.76662   1.000 74.52000  ? 83  ASP A CB  1 
ATOM   692 C  CG  . ASP A 1 83  ? 3.63423   8.17749   10.76415  1.000 81.97000  ? 83  ASP A CG  1 
ATOM   693 O  OD1 . ASP A 1 83  ? 2.82633   9.06005   10.34075  1.000 73.34000  ? 83  ASP A OD1 1 
ATOM   694 O  OD2 . ASP A 1 83  ? 4.07153   8.11125   11.94228  1.000 77.79000  ? 83  ASP A OD2 1 
ATOM   695 N  N   . MET A 1 84  ? 3.76995   4.93931   7.53173   1.000 61.84000  ? 84  MET A N   1 
ATOM   696 C  CA  . MET A 1 84  ? 4.21143   4.14475   6.39787   1.000 56.45000  ? 84  MET A CA  1 
ATOM   697 C  C   . MET A 1 84  ? 3.21534   4.07593   5.25989   1.000 57.10000  ? 84  MET A C   1 
ATOM   698 O  O   . MET A 1 84  ? 3.59494   4.27476   4.11556   1.000 61.59000  ? 84  MET A O   1 
ATOM   699 C  CB  . MET A 1 84  ? 4.62050   2.76199   6.89634   1.000 57.51000  ? 84  MET A CB  1 
ATOM   700 C  CG  . MET A 1 84  ? 5.97351   2.90912   7.54212   1.000 63.72000  ? 84  MET A CG  1 
ATOM   701 S  SD  . MET A 1 84  ? 6.71576   1.44156   8.16643   1.000 75.50000  ? 84  MET A SD  1 
ATOM   702 C  CE  . MET A 1 84  ? 6.73427   0.30973   6.79462   1.000 71.75000  ? 84  MET A CE  1 
ATOM   703 N  N   . PHE A 1 85  ? 1.94349   3.84144   5.56334   1.000 58.96000  ? 85  PHE A N   1 
ATOM   704 C  CA  . PHE A 1 85  ? 0.91057   3.85998   4.53937   1.000 58.13000  ? 85  PHE A CA  1 
ATOM   705 C  C   . PHE A 1 85  ? 0.84445   5.24330   3.93649   1.000 55.77000  ? 85  PHE A C   1 
ATOM   706 O  O   . PHE A 1 85  ? 0.56014   5.38882   2.76411   1.000 56.85000  ? 85  PHE A O   1 
ATOM   707 C  CB  . PHE A 1 85  ? -0.46600  3.46964   5.11507   1.000 61.75000  ? 85  PHE A CB  1 
ATOM   708 C  CG  . PHE A 1 85  ? -1.57488  3.44306   4.07670   1.000 56.03000  ? 85  PHE A CG  1 
ATOM   709 C  CD1 . PHE A 1 85  ? -1.62002  2.45021   3.12491   1.000 54.41000  ? 85  PHE A CD1 1 
ATOM   710 C  CD2 . PHE A 1 85  ? -2.54691  4.40447   4.05586   1.000 53.57000  ? 85  PHE A CD2 1 
ATOM   711 C  CE1 . PHE A 1 85  ? -2.60962  2.40963   2.16882   1.000 58.81000  ? 85  PHE A CE1 1 
ATOM   712 C  CE2 . PHE A 1 85  ? -3.55942  4.36163   3.10037   1.000 61.15000  ? 85  PHE A CE2 1 
ATOM   713 C  CZ  . PHE A 1 85  ? -3.59916  3.35573   2.15744   1.000 59.98000  ? 85  PHE A CZ  1 
ATOM   714 N  N   . ARG A 1 86  ? 1.10622   6.27170   4.73177   1.000 58.01000  ? 86  ARG A N   1 
ATOM   715 C  CA  . ARG A 1 86  ? 1.07106   7.62457   4.17625   1.000 63.64000  ? 86  ARG A CA  1 
ATOM   716 C  C   . ARG A 1 86  ? 2.25504   7.79316   3.19289   1.000 57.48000  ? 86  ARG A C   1 
ATOM   717 O  O   . ARG A 1 86  ? 2.10169   8.32760   2.11197   1.000 59.01000  ? 86  ARG A O   1 
ATOM   718 C  CB  . ARG A 1 86  ? 1.10865   8.66736   5.29210   1.000 69.12000  ? 86  ARG A CB  1 
ATOM   719 C  CG  . ARG A 1 86  ? 0.42149   9.98372   4.96602   1.000 83.02000  ? 86  ARG A CG  1 
ATOM   720 C  CD  . ARG A 1 86  ? 0.52997   11.01984  6.10489   1.000 95.40000  ? 86  ARG A CD  1 
ATOM   721 N  NE  . ARG A 1 86  ? 0.69014   10.44396  7.45632   1.000 97.24000  ? 86  ARG A NE  1 
ATOM   722 C  CZ  . ARG A 1 86  ? -0.25502  9.79929   8.15167   1.000 98.67000  ? 86  ARG A CZ  1 
ATOM   723 N  NH1 . ARG A 1 86  ? -1.47468  9.60753   7.64712   1.000 98.03000  ? 86  ARG A NH1 1 
ATOM   724 N  NH2 . ARG A 1 86  ? 0.03044   9.31769   9.36186   1.000 101.34000 ? 86  ARG A NH2 1 
ATOM   725 N  N   . PHE A 1 87  ? 3.42919   7.30162   3.56145   1.000 51.16000  ? 87  PHE A N   1 
ATOM   726 C  CA  . PHE A 1 87  ? 4.57951   7.42061   2.70554   1.000 51.32000  ? 87  PHE A CA  1 
ATOM   727 C  C   . PHE A 1 87  ? 4.29024   6.70368   1.39938   1.000 57.59000  ? 87  PHE A C   1 
ATOM   728 O  O   . PHE A 1 87  ? 4.43695   7.27215   0.31047   1.000 52.34000  ? 87  PHE A O   1 
ATOM   729 C  CB  . PHE A 1 87  ? 5.78390   6.81027   3.35214   1.000 52.52000  ? 87  PHE A CB  1 
ATOM   730 C  CG  . PHE A 1 87  ? 6.93915   6.71289   2.43538   1.000 54.23000  ? 87  PHE A CG  1 
ATOM   731 C  CD1 . PHE A 1 87  ? 7.90936   7.68476   2.42674   1.000 60.67000  ? 87  PHE A CD1 1 
ATOM   732 C  CD2 . PHE A 1 87  ? 7.04631   5.65502   1.56275   1.000 60.00000  ? 87  PHE A CD2 1 
ATOM   733 C  CE1 . PHE A 1 87  ? 8.97733   7.60339   1.55241   1.000 60.37000  ? 87  PHE A CE1 1 
ATOM   734 C  CE2 . PHE A 1 87  ? 8.11696   5.55723   0.68009   1.000 61.70000  ? 87  PHE A CE2 1 
ATOM   735 C  CZ  . PHE A 1 87  ? 9.07829   6.53881   0.67742   1.000 56.26000  ? 87  PHE A CZ  1 
ATOM   736 N  N   . LEU A 1 88  ? 3.81273   5.46841   1.49629   1.000 55.04000  ? 88  LEU A N   1 
ATOM   737 C  CA  . LEU A 1 88  ? 3.42234   4.75245   0.27145   1.000 57.61000  ? 88  LEU A CA  1 
ATOM   738 C  C   . LEU A 1 88  ? 2.54557   5.61996   -0.61525  1.000 54.62000  ? 88  LEU A C   1 
ATOM   739 O  O   . LEU A 1 88  ? 2.77574   5.68276   -1.81671  1.000 52.08000  ? 88  LEU A O   1 
ATOM   740 C  CB  . LEU A 1 88  ? 2.74639   3.40173   0.57127   1.000 56.41000  ? 88  LEU A CB  1 
ATOM   741 C  CG  . LEU A 1 88  ? 3.76512   2.45833   1.23278   1.000 56.75000  ? 88  LEU A CG  1 
ATOM   742 C  CD1 . LEU A 1 88  ? 3.09927   1.16578   1.65509   1.000 55.93000  ? 88  LEU A CD1 1 
ATOM   743 C  CD2 . LEU A 1 88  ? 4.96526   2.21940   0.32467   1.000 55.75000  ? 88  LEU A CD2 1 
ATOM   744 N  N   . LEU A 1 89  ? 1.58297   6.32292   -0.01816  1.000 56.19000  ? 89  LEU A N   1 
ATOM   745 C  CA  . LEU A 1 89  ? 0.65825   7.15510   -0.79090  1.000 56.62000  ? 89  LEU A CA  1 
ATOM   746 C  C   . LEU A 1 89  ? 1.31211   8.41554   -1.32078  1.000 63.56000  ? 89  LEU A C   1 
ATOM   747 O  O   . LEU A 1 89  ? 1.05039   8.80239   -2.44978  1.000 78.48000  ? 89  LEU A O   1 
ATOM   748 C  CB  . LEU A 1 89  ? -0.53519  7.53879   0.04834   1.000 57.66000  ? 89  LEU A CB  1 
ATOM   749 C  CG  . LEU A 1 89  ? -1.55785  6.44592   0.34407   1.000 55.81000  ? 89  LEU A CG  1 
ATOM   750 C  CD1 . LEU A 1 89  ? -2.61765  7.02823   1.29007   1.000 59.71000  ? 89  LEU A CD1 1 
ATOM   751 C  CD2 . LEU A 1 89  ? -2.19139  5.98692   -0.94476  1.000 54.50000  ? 89  LEU A CD2 1 
ATOM   752 N  N   . ASN A 1 90  ? 2.18734   9.03639   -0.54149  1.000 60.29000  ? 90  ASN A N   1 
ATOM   753 C  CA  . ASN A 1 90  ? 2.88282   10.22749  -1.01366  1.000 62.79000  ? 90  ASN A CA  1 
ATOM   754 C  C   . ASN A 1 90  ? 3.99087   10.02708  -1.99905  1.000 63.39000  ? 90  ASN A C   1 
ATOM   755 O  O   . ASN A 1 90  ? 4.36456   10.98845  -2.63740  1.000 66.56000  ? 90  ASN A O   1 
ATOM   756 C  CB  . ASN A 1 90  ? 3.48288   10.99704  0.14309   1.000 71.26000  ? 90  ASN A CB  1 
ATOM   757 C  CG  . ASN A 1 90  ? 2.42590   11.49872  1.10460   1.000 73.90000  ? 90  ASN A CG  1 
ATOM   758 O  OD1 . ASN A 1 90  ? 1.27651   11.76465  0.70265   1.000 65.70000  ? 90  ASN A OD1 1 
ATOM   759 N  ND2 . ASN A 1 90  ? 2.79855   11.59778  2.39498   1.000 68.57000  ? 90  ASN A ND2 1 
ATOM   760 N  N   . ASN A 1 91  ? 4.54369   8.82340   -2.13241  1.000 68.83000  ? 91  ASN A N   1 
ATOM   761 C  CA  . ASN A 1 91  ? 5.55300   8.62897   -3.16268  1.000 69.17000  ? 91  ASN A CA  1 
ATOM   762 C  C   . ASN A 1 91  ? 5.98628   7.23614   -3.54163  1.000 63.72000  ? 91  ASN A C   1 
ATOM   763 O  O   . ASN A 1 91  ? 7.14515   6.92700   -3.34831  1.000 64.47000  ? 91  ASN A O   1 
ATOM   764 C  CB  . ASN A 1 91  ? 6.81977   9.46415   -2.82980  1.000 76.78000  ? 91  ASN A CB  1 
ATOM   765 C  CG  . ASN A 1 91  ? 7.11605   9.54932   -1.36396  1.000 68.87000  ? 91  ASN A CG  1 
ATOM   766 O  OD1 . ASN A 1 91  ? 6.71411   8.72471   -0.58110  1.000 84.15000  ? 91  ASN A OD1 1 
ATOM   767 N  ND2 . ASN A 1 91  ? 7.86242   10.55139  -0.99943  1.000 76.61000  ? 91  ASN A ND2 1 
ATOM   768 N  N   . GLY A 1 92  ? 5.15987   6.41533   -4.19013  1.000 66.62000  ? 92  GLY A N   1 
ATOM   769 C  CA  . GLY A 1 92  ? 3.97669   6.79764   -4.92856  1.000 69.78000  ? 92  GLY A CA  1 
ATOM   770 C  C   . GLY A 1 92  ? 4.14701   6.35724   -6.39562  1.000 71.97000  ? 92  GLY A C   1 
ATOM   771 O  O   . GLY A 1 92  ? 4.05427   5.18189   -6.71485  1.000 54.55000  ? 92  GLY A O   1 
ATOM   772 N  N   . GLU A 1 93  ? 4.42317   7.31067   -7.28484  1.000 76.11000  ? 93  GLU A N   1 
ATOM   773 C  CA  . GLU A 1 93  ? 4.60524   6.99669   -8.68814  1.000 87.48000  ? 93  GLU A CA  1 
ATOM   774 C  C   . GLU A 1 93  ? 6.04790   6.50310   -8.99203  1.000 87.64000  ? 93  GLU A C   1 
ATOM   775 O  O   . GLU A 1 93  ? 6.27154   5.81988   -10.01453 1.000 84.40000  ? 93  GLU A O   1 
ATOM   776 C  CB  . GLU A 1 93  ? 4.15354   8.18330   -9.58876  1.000 91.55000  ? 93  GLU A CB  1 
ATOM   777 C  CG  . GLU A 1 93  ? 2.61176   8.27321   -9.78761  1.000 109.30000 ? 93  GLU A CG  1 
ATOM   778 C  CD  . GLU A 1 93  ? 2.04676   7.48477   -11.00434 1.000 116.39000 ? 93  GLU A CD  1 
ATOM   779 O  OE1 . GLU A 1 93  ? 2.53562   7.69766   -12.14518 1.000 110.45000 ? 93  GLU A OE1 1 
ATOM   780 O  OE2 . GLU A 1 93  ? 1.08862   6.66894   -10.84082 1.000 99.21000  ? 93  GLU A OE2 1 
ATOM   781 N  N   . ASN A 1 94  ? 6.99672   6.76080   -8.08309  1.000 72.05000  ? 94  ASN A N   1 
ATOM   782 C  CA  . ASN A 1 94  ? 8.41317   6.69023   -8.44713  1.000 75.72000  ? 94  ASN A CA  1 
ATOM   783 C  C   . ASN A 1 94  ? 9.40751   5.93551   -7.57266  1.000 66.76000  ? 94  ASN A C   1 
ATOM   784 O  O   . ASN A 1 94  ? 10.57613  5.87632   -7.91839  1.000 67.05000  ? 94  ASN A O   1 
ATOM   785 C  CB  . ASN A 1 94  ? 8.94845   8.11132   -8.58037  1.000 78.95000  ? 94  ASN A CB  1 
ATOM   786 C  CG  . ASN A 1 94  ? 8.98312   8.83278   -7.25417  1.000 88.48000  ? 94  ASN A CG  1 
ATOM   787 O  OD1 . ASN A 1 94  ? 8.00698   8.78960   -6.46907  1.000 92.89000  ? 94  ASN A OD1 1 
ATOM   788 N  ND2 . ASN A 1 94  ? 10.10223  9.50517   -6.98261  1.000 88.04000  ? 94  ASN A ND2 1 
ATOM   789 N  N   . MET A 1 95  ? 8.98326   5.34298   -6.46803  1.000 68.33000  ? 95  MET A N   1 
ATOM   790 C  CA  . MET A 1 95  ? 9.95564   4.87712   -5.47406  1.000 62.52000  ? 95  MET A CA  1 
ATOM   791 C  C   . MET A 1 95  ? 9.85549   3.44183   -5.05501  1.000 58.97000  ? 95  MET A C   1 
ATOM   792 O  O   . MET A 1 95  ? 10.46727  3.06971   -4.05045  1.000 51.39000  ? 95  MET A O   1 
ATOM   793 C  CB  . MET A 1 95  ? 9.78846   5.71521   -4.24019  1.000 66.93000  ? 95  MET A CB  1 
ATOM   794 C  CG  . MET A 1 95  ? 10.06462  7.17437   -4.53025  1.000 75.51000  ? 95  MET A CG  1 
ATOM   795 S  SD  . MET A 1 95  ? 11.69284  7.59341   -3.93363  1.000 75.64000  ? 95  MET A SD  1 
ATOM   796 C  CE  . MET A 1 95  ? 11.17725  7.49522   -2.22407  1.000 89.75000  ? 95  MET A CE  1 
ATOM   797 N  N   . LEU A 1 96  ? 9.14038   2.63195   -5.84128  1.000 58.53000  ? 96  LEU A N   1 
ATOM   798 C  CA  . LEU A 1 96  ? 8.82829   1.28304   -5.44481  1.000 56.37000  ? 96  LEU A CA  1 
ATOM   799 C  C   . LEU A 1 96  ? 8.89976   0.14714   -6.50361  1.000 60.73000  ? 96  LEU A C   1 
ATOM   800 O  O   . LEU A 1 96  ? 8.49394   -0.96198  -6.13813  1.000 61.17000  ? 96  LEU A O   1 
ATOM   801 C  CB  . LEU A 1 96  ? 7.42479   1.29667   -4.81291  1.000 57.45000  ? 96  LEU A CB  1 
ATOM   802 C  CG  . LEU A 1 96  ? 6.81839   2.53543   -4.07596  1.000 58.54000  ? 96  LEU A CG  1 
ATOM   803 C  CD1 . LEU A 1 96  ? 5.29500   2.42479   -3.94833  1.000 52.51000  ? 96  LEU A CD1 1 
ATOM   804 C  CD2 . LEU A 1 96  ? 7.40619   2.77179   -2.68503  1.000 56.21000  ? 96  LEU A CD2 1 
ATOM   805 N  N   . GLY A 1 97  ? 9.38192   0.37091   -7.75285  1.000 59.14000  ? 97  GLY A N   1 
ATOM   806 C  CA  . GLY A 1 97  ? 9.23515   -0.60293  -8.93181  1.000 59.34000  ? 97  GLY A CA  1 
ATOM   807 C  C   . GLY A 1 97  ? 7.83937   -1.17753  -9.33813  1.000 77.90000  ? 97  GLY A C   1 
ATOM   808 O  O   . GLY A 1 97  ? 7.66873   -1.75900  -10.42070 1.000 69.72000  ? 97  GLY A O   1 
ATOM   809 N  N   . ALA A 1 98  ? 6.89291   -1.11393  -8.37839  1.000 90.41000  ? 98  ALA A N   1 
ATOM   810 C  CA  . ALA A 1 98  ? 5.42010   -1.19141  -8.47669  1.000 62.99000  ? 98  ALA A CA  1 
ATOM   811 C  C   . ALA A 1 98  ? 4.96127   0.27271   -8.20507  1.000 56.86000  ? 98  ALA A C   1 
ATOM   812 O  O   . ALA A 1 98  ? 5.78292   1.06493   -7.78407  1.000 51.28000  ? 98  ALA A O   1 
ATOM   813 C  CB  . ALA A 1 98  ? 4.91043   -2.08740  -7.32740  1.000 65.24000  ? 98  ALA A CB  1 
ATOM   814 N  N   . VAL A 1 99  ? 3.68859   0.65486   -8.37081  1.000 51.43000  ? 99  VAL A N   1 
ATOM   815 C  CA  . VAL A 1 99  ? 3.28774   2.05937   -8.16112  1.000 53.70000  ? 99  VAL A CA  1 
ATOM   816 C  C   . VAL A 1 99  ? 1.89934   2.30867   -7.45427  1.000 53.44000  ? 99  VAL A C   1 
ATOM   817 O  O   . VAL A 1 99  ? 0.97603   1.49978   -7.57848  1.000 56.99000  ? 99  VAL A O   1 
ATOM   818 C  CB  . VAL A 1 99  ? 3.38422   2.78687   -9.52815  1.000 57.48000  ? 99  VAL A CB  1 
ATOM   819 C  CG1 . VAL A 1 99  ? 2.61848   4.09955   -9.53555  1.000 65.47000  ? 99  VAL A CG1 1 
ATOM   820 C  CG2 . VAL A 1 99  ? 4.83537   3.06703   -9.86751  1.000 62.36000  ? 99  VAL A CG2 1 
ATOM   821 N  N   . GLN A 1 100 ? 1.75591   3.42168   -6.71878  1.000 49.87000  ? 100 GLN A N   1 
ATOM   822 C  CA  . GLN A 1 100 ? 0.46048   3.78590   -6.08247  1.000 59.82000  ? 100 GLN A CA  1 
ATOM   823 C  C   . GLN A 1 100 ? 0.09065   5.21588   -6.22481  1.000 63.47000  ? 100 GLN A C   1 
ATOM   824 O  O   . GLN A 1 100 ? 0.82495   6.07362   -5.75047  1.000 55.84000  ? 100 GLN A O   1 
ATOM   825 C  CB  . GLN A 1 100 ? 0.42930   3.47272   -4.60756  1.000 58.04000  ? 100 GLN A CB  1 
ATOM   826 C  CG  . GLN A 1 100 ? 0.75340   2.02191   -4.43570  1.000 61.79000  ? 100 GLN A CG  1 
ATOM   827 C  CD  . GLN A 1 100 ? 1.16206   1.71352   -3.05893  1.000 68.52000  ? 100 GLN A CD  1 
ATOM   828 O  OE1 . GLN A 1 100 ? 2.12457   0.99435   -2.84602  1.000 75.74000  ? 100 GLN A OE1 1 
ATOM   829 N  NE2 . GLN A 1 100 ? 0.43084   2.25073   -2.08872  1.000 89.33000  ? 100 GLN A NE2 1 
ATOM   830 N  N   . ILE A 1 101 ? -1.03861  5.44958   -6.90995  1.000 68.55000  ? 101 ILE A N   1 
ATOM   831 C  CA  . ILE A 1 101 ? -1.61978  6.76303   -7.01818  1.000 75.60000  ? 101 ILE A CA  1 
ATOM   832 C  C   . ILE A 1 101 ? -2.72873  6.75816   -5.98203  1.000 70.25000  ? 101 ILE A C   1 
ATOM   833 O  O   . ILE A 1 101 ? -3.57559  5.88763   -5.97125  1.000 65.86000  ? 101 ILE A O   1 
ATOM   834 C  CB  . ILE A 1 101 ? -2.08791  7.14489   -8.47169  1.000 90.36000  ? 101 ILE A CB  1 
ATOM   835 C  CG1 . ILE A 1 101 ? -2.29117  8.67395   -8.58062  1.000 107.98000 ? 101 ILE A CG1 1 
ATOM   836 C  CG2 . ILE A 1 101 ? -3.36573  6.42609   -8.91232  1.000 92.58000  ? 101 ILE A CG2 1 
ATOM   837 C  CD1 . ILE A 1 101 ? -2.82572  9.17409   -9.91850  1.000 109.54000 ? 101 ILE A CD1 1 
ATOM   838 N  N   . GLN A 1 102 ? -2.67340  7.71589   -5.07399  1.000 74.82000  ? 102 GLN A N   1 
ATOM   839 C  CA  . GLN A 1 102 ? -3.75928  7.95021   -4.14497  1.000 78.80000  ? 102 GLN A CA  1 
ATOM   840 C  C   . GLN A 1 102 ? -5.07431  8.16711   -4.88130  1.000 77.55000  ? 102 GLN A C   1 
ATOM   841 O  O   . GLN A 1 102 ? -5.11974  8.91935   -5.85960  1.000 71.98000  ? 102 GLN A O   1 
ATOM   842 C  CB  . GLN A 1 102 ? -3.45626  9.17029   -3.31412  1.000 78.37000  ? 102 GLN A CB  1 
ATOM   843 C  CG  . GLN A 1 102 ? -4.43031  9.34840   -2.18657  1.000 81.47000  ? 102 GLN A CG  1 
ATOM   844 C  CD  . GLN A 1 102 ? -3.97244  10.41667  -1.21473  1.000 92.82000  ? 102 GLN A CD  1 
ATOM   845 O  OE1 . GLN A 1 102 ? -4.69753  10.75439  -0.27074  1.000 88.73000  ? 102 GLN A OE1 1 
ATOM   846 N  NE2 . GLN A 1 102 ? -2.76308  10.95746  -1.43562  1.000 87.63000  ? 102 GLN A NE2 1 
ATOM   847 N  N   . GLU A 1 103 ? -6.12233  7.48045   -4.41680  1.000 78.76000  ? 103 GLU A N   1 
ATOM   848 C  CA  . GLU A 1 103 ? -7.44173  7.58965   -5.01831  1.000 82.69000  ? 103 GLU A CA  1 
ATOM   849 C  C   . GLU A 1 103 ? -8.03007  8.88607   -4.53794  1.000 100.22000 ? 103 GLU A C   1 
ATOM   850 O  O   . GLU A 1 103 ? -8.54537  8.98582   -3.41656  1.000 106.82000 ? 103 GLU A O   1 
ATOM   851 C  CB  . GLU A 1 103 ? -8.34656  6.42770   -4.63986  1.000 81.28000  ? 103 GLU A CB  1 
ATOM   852 C  CG  . GLU A 1 103 ? -8.35462  5.32491   -5.67608  1.000 90.90000  ? 103 GLU A CG  1 
ATOM   853 C  CD  . GLU A 1 103 ? -9.49100  4.32968   -5.48887  1.000 95.60000  ? 103 GLU A CD  1 
ATOM   854 O  OE1 . GLU A 1 103 ? -9.90584  3.71411   -6.49917  1.000 99.01000  ? 103 GLU A OE1 1 
ATOM   855 O  OE2 . GLU A 1 103 ? -9.96882  4.15729   -4.34543  1.000 92.78000  ? 103 GLU A OE2 1 
ATOM   856 N  N   . GLU A 1 104 ? -7.88058  9.89474   -5.38394  1.000 114.08000 ? 104 GLU A N   1 
ATOM   857 C  CA  . GLU A 1 104 ? -8.45897  11.20336  -5.15933  1.000 130.47000 ? 104 GLU A CA  1 
ATOM   858 C  C   . GLU A 1 104 ? -9.25597  11.50862  -6.43037  1.000 139.83000 ? 104 GLU A C   1 
ATOM   859 O  O   . GLU A 1 104 ? -8.82347  11.11783  -7.51702  1.000 139.92000 ? 104 GLU A O   1 
ATOM   860 C  CB  . GLU A 1 104 ? -7.34748  12.22610  -4.87350  1.000 124.15000 ? 104 GLU A CB  1 
ATOM   861 C  CG  . GLU A 1 104 ? -6.31069  11.69532  -3.88388  1.000 125.00000 ? 104 GLU A CG  1 
ATOM   862 C  CD  . GLU A 1 104 ? -5.63704  12.76523  -3.03489  1.000 120.72000 ? 104 GLU A CD  1 
ATOM   863 O  OE1 . GLU A 1 104 ? -4.40697  12.97843  -3.17910  1.000 108.10000 ? 104 GLU A OE1 1 
ATOM   864 O  OE2 . GLU A 1 104 ? -6.33702  13.36899  -2.19233  1.000 120.87000 ? 104 GLU A OE2 1 
ATOM   865 N  N   . LYS A 1 105 ? -10.38922 12.21124  -6.33959  1.000 150.83000 ? 105 LYS A N   1 
ATOM   866 C  CA  . LYS A 1 105 ? -10.72277 13.13283  -5.24575  1.000 159.45000 ? 105 LYS A CA  1 
ATOM   867 C  C   . LYS A 1 105 ? -11.36178 12.47709  -4.00598  1.000 170.41000 ? 105 LYS A C   1 
ATOM   868 O  O   . LYS A 1 105 ? -12.51966 12.03693  -4.04097  1.000 167.37000 ? 105 LYS A O   1 
ATOM   869 C  CB  . LYS A 1 105 ? -11.64775 14.25304  -5.77511  1.000 159.78000 ? 105 LYS A CB  1 
ATOM   870 C  CG  . LYS A 1 105 ? -11.24720 14.87220  -7.12009  1.000 151.39000 ? 105 LYS A CG  1 
ATOM   871 C  CD  . LYS A 1 105 ? -9.73994  15.08270  -7.26244  1.000 147.22000 ? 105 LYS A CD  1 
ATOM   872 C  CE  . LYS A 1 105 ? -9.38762  16.02755  -8.40325  1.000 141.83000 ? 105 LYS A CE  1 
ATOM   873 N  NZ  . LYS A 1 105 ? -9.19778  17.42899  -7.93311  1.000 137.69000 ? 105 LYS A NZ  1 
ATOM   874 N  N   . GLN A 1 106 ? -10.58175 12.43720  -2.91883  1.000 176.28000 ? 106 GLN A N   1 
ATOM   875 C  CA  . GLN A 1 106 ? -11.02940 11.98845  -1.59250  1.000 175.29000 ? 106 GLN A CA  1 
ATOM   876 C  C   . GLN A 1 106 ? -9.90537  12.21419  -0.57540  1.000 166.78000 ? 106 GLN A C   1 
ATOM   877 O  O   . GLN A 1 106 ? -10.05345 12.97461  0.38323   1.000 159.60000 ? 106 GLN A O   1 
ATOM   878 C  CB  . GLN A 1 106 ? -11.42907 10.50518  -1.59462  1.000 171.77000 ? 106 GLN A CB  1 
ATOM   879 C  CG  . GLN A 1 106 ? -12.16017 10.05656  -0.33291  1.000 160.85000 ? 106 GLN A CG  1 
ATOM   880 C  CD  . GLN A 1 106 ? -12.18771 8.54947   -0.18938  1.000 148.64000 ? 106 GLN A CD  1 
ATOM   881 O  OE1 . GLN A 1 106 ? -12.29683 7.82531   -1.17913  1.000 141.33000 ? 106 GLN A OE1 1 
ATOM   882 N  NE2 . GLN A 1 106 ? -12.07526 8.06569   1.04551   1.000 140.00000 ? 106 GLN A NE2 1 
HETATM 883 CL CL  . CL  B 2 .   ? 1.00479   -13.43506 -17.65571 1.000 129.12000 ? 201 CL  A CL  1 
HETATM 884 CL CL  . CL  C 2 .   ? -4.26987  -9.95882  14.28813  1.000 119.36000 ? 202 CL  A CL  1 
HETATM 885 CL CL  . CL  D 2 .   ? -9.31795  -11.11740 7.82375   1.000 81.71000  ? 203 CL  A CL  1 
HETATM 886 CL CL  . CL  E 2 .   ? 2.08614   -15.60818 -13.59266 1.000 69.82000  ? 204 CL  A CL  1 
HETATM 887 CL CL  . CL  F 2 .   ? 2.52715   -9.54323  3.19403   1.000 69.68000  ? 205 CL  A CL  1 
HETATM 888 O  O   . HOH G 3 .   ? -10.67339 -2.07645  -8.13952  1.000 64.60000  ? 301 HOH A O   1 
HETATM 889 O  O   . HOH G 3 .   ? -10.49016 -9.67380  -4.44790  1.000 63.66000  ? 302 HOH A O   1 
HETATM 890 O  O   . HOH G 3 .   ? 4.77430   13.07528  19.05693  1.000 83.95000  ? 303 HOH A O   1 
HETATM 891 O  O   . HOH G 3 .   ? 7.23631   3.15494   -7.79909  1.000 52.23000  ? 304 HOH A O   1 
HETATM 892 O  O   . HOH G 3 .   ? 16.04359  5.13316   14.13936  1.000 55.87000  ? 305 HOH A O   1 
HETATM 893 O  O   . HOH G 3 .   ? -7.04446  -13.83978 1.78763   1.000 65.18000  ? 306 HOH A O   1 
HETATM 894 O  O   . HOH G 3 .   ? -17.34867 14.24109  -1.64966  1.000 78.44000  ? 307 HOH A O   1 
HETATM 895 O  O   . HOH G 3 .   ? 14.02101  5.55792   21.26928  1.000 75.55000  ? 308 HOH A O   1 
HETATM 896 O  O   . HOH G 3 .   ? 11.82844  -1.40762  4.43776   1.000 52.86000  ? 309 HOH A O   1 
HETATM 897 O  O   . HOH G 3 .   ? 4.96412   10.63610  3.78995   1.000 52.02000  ? 310 HOH A O   1 
HETATM 898 O  O   . HOH G 3 .   ? -11.20786 2.13712   -8.48976  1.000 80.88000  ? 311 HOH A O   1 
HETATM 899 O  O   . HOH G 3 .   ? -5.48319  1.37703   11.10278  1.000 54.00000  ? 312 HOH A O   1 
HETATM 900 O  O   . HOH G 3 .   ? -17.03943 -0.36433  9.15645   1.000 48.83000  ? 313 HOH A O   1 
HETATM 901 O  O   . HOH G 3 .   ? 17.04263  3.77375   0.87680   1.000 46.64000  ? 314 HOH A O   1 
HETATM 902 O  O   . HOH G 3 .   ? -13.14055 -13.48495 -2.18815  1.000 69.74000  ? 315 HOH A O   1 
HETATM 903 O  O   . HOH G 3 .   ? -11.74498 -2.19120  -10.39539 1.000 72.20000  ? 316 HOH A O   1 
HETATM 904 O  O   . HOH G 3 .   ? -1.87181  8.73111   12.74211  1.000 80.40000  ? 317 HOH A O   1 
HETATM 905 O  O   . HOH G 3 .   ? -1.63643  -16.53217 -7.46839  1.000 68.70000  ? 318 HOH A O   1 
HETATM 906 O  O   . HOH G 3 .   ? -9.55980  -14.39990 2.72406   1.000 86.40000  ? 319 HOH A O   1 
HETATM 907 O  O   . HOH G 3 .   ? -3.75370  0.19305   12.90177  1.000 70.02000  ? 320 HOH A O   1 
HETATM 908 O  O   . HOH G 3 .   ? 0.18863   5.31143   -14.04901 1.000 69.63000  ? 321 HOH A O   1 
HETATM 909 O  O   . HOH G 3 .   ? -12.44961 3.98284   0.72397   1.000 66.60000  ? 322 HOH A O   1 
HETATM 910 O  O   . HOH G 3 .   ? 4.08697   3.64853   -12.05130 1.000 43.67000  ? 323 HOH A O   1 
HETATM 911 O  O   . HOH G 3 .   ? 8.12470   -8.82771  1.65264   1.000 83.49000  ? 324 HOH A O   1 
HETATM 912 O  O   . HOH G 3 .   ? 16.28155  1.07658   -0.05710  0.500 49.07000  ? 325 HOH A O   1 
HETATM 913 O  O   . HOH G 3 .   ? 19.99389  12.21041  14.80660  1.000 91.26000  ? 326 HOH A O   1 
HETATM 914 O  O   . HOH G 3 .   ? -0.80314  -10.33293 6.70287   1.000 73.33000  ? 327 HOH A O   1 
HETATM 915 O  O   . HOH G 3 .   ? -12.71923 -7.65357  -3.22246  1.000 70.78000  ? 328 HOH A O   1 
HETATM 916 O  O   . HOH G 3 .   ? -15.72859 9.78785   -9.04228  1.000 71.87000  ? 329 HOH A O   1 
HETATM 917 O  O   . HOH G 3 .   ? -5.16231  -8.18011  -20.72290 1.000 78.62000  ? 330 HOH A O   1 
# 
loop_
_pdbx_poly_seq_scheme.asym_id 
_pdbx_poly_seq_scheme.entity_id 
_pdbx_poly_seq_scheme.seq_id 
_pdbx_poly_seq_scheme.mon_id 
_pdbx_poly_seq_scheme.ndb_seq_num 
_pdbx_poly_seq_scheme.pdb_seq_num 
_pdbx_poly_seq_scheme.auth_seq_num 
_pdbx_poly_seq_scheme.pdb_mon_id 
_pdbx_poly_seq_scheme.auth_mon_id 
_pdbx_poly_seq_scheme.pdb_strand_id 
_pdbx_poly_seq_scheme.pdb_ins_code 
_pdbx_poly_seq_scheme.hetero 
A 1 1   MET 1   1   1   MET MET A . n 
A 1 2   ARG 2   2   2   ARG ARG A . n 
A 1 3   ASP 3   3   3   ASP ASP A . n 
A 1 4   LEU 4   4   4   LEU LEU A . n 
A 1 5   VAL 5   5   5   VAL VAL A . n 
A 1 6   ARG 6   6   6   ARG ARG A . n 
A 1 7   SER 7   7   7   SER SER A . n 
A 1 8   GLY 8   8   8   GLY GLY A . n 
A 1 9   LYS 9   9   9   LYS LYS A . n 
A 1 10  VAL 10  10  10  VAL VAL A . n 
A 1 11  PHE 11  11  11  PHE PHE A . n 
A 1 12  LEU 12  12  12  LEU LEU A . n 
A 1 13  TYR 13  13  13  TYR TYR A . n 
A 1 14  GLY 14  14  14  GLY GLY A . n 
A 1 15  GLU 15  15  15  GLU GLU A . n 
A 1 16  PHE 16  16  16  PHE PHE A . n 
A 1 17  ILE 17  17  17  ILE ILE A . n 
A 1 18  GLY 18  18  18  GLY GLY A . n 
A 1 19  LEU 19  19  19  LEU LEU A . n 
A 1 20  LEU 20  20  20  LEU LEU A . n 
A 1 21  ARG 21  21  21  ARG ARG A . n 
A 1 22  GLU 22  22  22  GLU GLU A . n 
A 1 23  ASP 23  23  23  ASP ASP A . n 
A 1 24  HIS 24  24  24  HIS HIS A . n 
A 1 25  ARG 25  25  25  ARG ARG A . n 
A 1 26  GLY 26  26  26  GLY GLY A . n 
A 1 27  PHE 27  27  27  PHE PHE A . n 
A 1 28  HIS 28  28  28  HIS HIS A . n 
A 1 29  PHE 29  29  29  PHE PHE A . n 
A 1 30  SER 30  30  30  SER SER A . n 
A 1 31  TYR 31  31  31  TYR TYR A . n 
A 1 32  ASN 32  32  32  ASN ASN A . n 
A 1 33  PRO 33  33  33  PRO PRO A . n 
A 1 34  ASP 34  34  34  ASP ASP A . n 
A 1 35  TYR 35  35  35  TYR TYR A . n 
A 1 36  GLN 36  36  36  GLN GLN A . n 
A 1 37  GLY 37  37  37  GLY GLY A . n 
A 1 38  ILE 38  38  38  ILE ILE A . n 
A 1 39  PRO 39  39  39  PRO PRO A . n 
A 1 40  LEU 40  40  40  LEU LEU A . n 
A 1 41  SER 41  41  41  SER SER A . n 
A 1 42  LEU 42  42  42  LEU LEU A . n 
A 1 43  SER 43  43  43  SER SER A . n 
A 1 44  PHE 44  44  44  PHE PHE A . n 
A 1 45  PRO 45  45  45  PRO PRO A . n 
A 1 46  ILE 46  46  46  ILE ILE A . n 
A 1 47  GLU 47  47  47  GLU GLU A . n 
A 1 48  GLN 48  48  48  GLN GLN A . n 
A 1 49  SER 49  49  49  SER SER A . n 
A 1 50  PRO 50  50  50  PRO PRO A . n 
A 1 51  PHE 51  51  51  PHE PHE A . n 
A 1 52  HIS 52  52  52  HIS HIS A . n 
A 1 53  SER 53  53  53  SER SER A . n 
A 1 54  ASP 54  54  54  ASP ASP A . n 
A 1 55  THR 55  55  55  THR THR A . n 
A 1 56  LEU 56  56  56  LEU LEU A . n 
A 1 57  PHE 57  57  57  PHE PHE A . n 
A 1 58  PRO 58  58  58  PRO PRO A . n 
A 1 59  TYR 59  59  59  TYR TYR A . n 
A 1 60  PHE 60  60  60  PHE PHE A . n 
A 1 61  ALA 61  61  61  ALA ALA A . n 
A 1 62  SER 62  62  62  SER SER A . n 
A 1 63  LEU 63  63  63  LEU LEU A . n 
A 1 64  VAL 64  64  64  VAL VAL A . n 
A 1 65  PRO 65  65  65  PRO PRO A . n 
A 1 66  GLU 66  66  66  GLU GLU A . n 
A 1 67  GLY 67  67  67  GLY GLY A . n 
A 1 68  TRP 68  68  68  TRP TRP A . n 
A 1 69  LEU 69  69  69  LEU LEU A . n 
A 1 70  LYS 70  70  70  LYS LYS A . n 
A 1 71  HIS 71  71  71  HIS HIS A . n 
A 1 72  LYS 72  72  72  LYS LYS A . n 
A 1 73  TYR 73  73  73  TYR TYR A . n 
A 1 74  ALA 74  74  74  ALA ALA A . n 
A 1 75  LEU 75  75  75  LEU LEU A . n 
A 1 76  HIS 76  76  76  HIS HIS A . n 
A 1 77  GLN 77  77  77  GLN GLN A . n 
A 1 78  ARG 78  78  78  ARG ARG A . n 
A 1 79  ILE 79  79  79  ILE ILE A . n 
A 1 80  ASP 80  80  80  ASP ASP A . n 
A 1 81  GLU 81  81  81  GLU GLU A . n 
A 1 82  SER 82  82  82  SER SER A . n 
A 1 83  ASP 83  83  83  ASP ASP A . n 
A 1 84  MET 84  84  84  MET MET A . n 
A 1 85  PHE 85  85  85  PHE PHE A . n 
A 1 86  ARG 86  86  86  ARG ARG A . n 
A 1 87  PHE 87  87  87  PHE PHE A . n 
A 1 88  LEU 88  88  88  LEU LEU A . n 
A 1 89  LEU 89  89  89  LEU LEU A . n 
A 1 90  ASN 90  90  90  ASN ASN A . n 
A 1 91  ASN 91  91  91  ASN ASN A . n 
A 1 92  GLY 92  92  92  GLY GLY A . n 
A 1 93  GLU 93  93  93  GLU GLU A . n 
A 1 94  ASN 94  94  94  ASN ASN A . n 
A 1 95  MET 95  95  95  MET MET A . n 
A 1 96  LEU 96  96  96  LEU LEU A . n 
A 1 97  GLY 97  97  97  GLY GLY A . n 
A 1 98  ALA 98  98  98  ALA ALA A . n 
A 1 99  VAL 99  99  99  VAL VAL A . n 
A 1 100 GLN 100 100 100 GLN GLN A . n 
A 1 101 ILE 101 101 101 ILE ILE A . n 
A 1 102 GLN 102 102 102 GLN GLN A . n 
A 1 103 GLU 103 103 103 GLU GLU A . n 
A 1 104 GLU 104 104 104 GLU GLU A . n 
A 1 105 LYS 105 105 105 LYS LYS A . n 
A 1 106 GLN 106 106 106 GLN GLN A . n 
# 
loop_
_pdbx_nonpoly_scheme.asym_id 
_pdbx_nonpoly_scheme.entity_id 
_pdbx_nonpoly_scheme.mon_id 
_pdbx_nonpoly_scheme.ndb_seq_num 
_pdbx_nonpoly_scheme.pdb_seq_num 
_pdbx_nonpoly_scheme.auth_seq_num 
_pdbx_nonpoly_scheme.pdb_mon_id 
_pdbx_nonpoly_scheme.auth_mon_id 
_pdbx_nonpoly_scheme.pdb_strand_id 
_pdbx_nonpoly_scheme.pdb_ins_code 
B 2 CL  1  201 1  CL  CL  A . 
C 2 CL  1  202 2  CL  CL  A . 
D 2 CL  1  203 3  CL  CL  A . 
E 2 CL  1  204 4  CL  CL  A . 
F 2 CL  1  205 5  CL  CL  A . 
G 3 HOH 1  301 12 HOH HOH A . 
G 3 HOH 2  302 14 HOH HOH A . 
G 3 HOH 3  303 27 HOH HOH A . 
G 3 HOH 4  304 1  HOH HOH A . 
G 3 HOH 5  305 25 HOH HOH A . 
G 3 HOH 6  306 11 HOH HOH A . 
G 3 HOH 7  307 7  HOH HOH A . 
G 3 HOH 8  308 24 HOH HOH A . 
G 3 HOH 9  309 22 HOH HOH A . 
G 3 HOH 10 310 29 HOH HOH A . 
G 3 HOH 11 311 6  HOH HOH A . 
G 3 HOH 12 312 15 HOH HOH A . 
G 3 HOH 13 313 30 HOH HOH A . 
G 3 HOH 14 314 3  HOH HOH A . 
G 3 HOH 15 315 21 HOH HOH A . 
G 3 HOH 16 316 23 HOH HOH A . 
G 3 HOH 17 317 28 HOH HOH A . 
G 3 HOH 18 318 19 HOH HOH A . 
G 3 HOH 19 319 20 HOH HOH A . 
G 3 HOH 20 320 16 HOH HOH A . 
G 3 HOH 21 321 5  HOH HOH A . 
G 3 HOH 22 322 8  HOH HOH A . 
G 3 HOH 23 323 9  HOH HOH A . 
G 3 HOH 24 324 18 HOH HOH A . 
G 3 HOH 25 325 2  HOH HOH A . 
G 3 HOH 26 326 26 HOH HOH A . 
G 3 HOH 27 327 17 HOH HOH A . 
G 3 HOH 28 328 13 HOH HOH A . 
G 3 HOH 29 329 4  HOH HOH A . 
G 3 HOH 30 330 10 HOH HOH A . 
# 
_pdbx_struct_assembly.id                   1 
_pdbx_struct_assembly.details              author_defined_assembly 
_pdbx_struct_assembly.method_details       ? 
_pdbx_struct_assembly.oligomeric_details   monomeric 
_pdbx_struct_assembly.oligomeric_count     1 
# 
_pdbx_struct_assembly_gen.assembly_id       1 
_pdbx_struct_assembly_gen.oper_expression   1 
_pdbx_struct_assembly_gen.asym_id_list      A,B,C,D,E,F,G 
# 
loop_
_pdbx_struct_assembly_prop.biol_id 
_pdbx_struct_assembly_prop.type 
_pdbx_struct_assembly_prop.value 
_pdbx_struct_assembly_prop.details 
1 'ABSA (A^2)' 420  ? 
1 MORE         -29  ? 
1 'SSA (A^2)'  7320 ? 
# 
_pdbx_struct_oper_list.id                   1 
_pdbx_struct_oper_list.type                 'identity operation' 
_pdbx_struct_oper_list.name                 1_555 
_pdbx_struct_oper_list.symmetry_operation   x,y,z 
_pdbx_struct_oper_list.matrix[1][1]         1.0000000000 
_pdbx_struct_oper_list.matrix[1][2]         0.0000000000 
_pdbx_struct_oper_list.matrix[1][3]         0.0000000000 
_pdbx_struct_oper_list.vector[1]            0.0000000000 
_pdbx_struct_oper_list.matrix[2][1]         0.0000000000 
_pdbx_struct_oper_list.matrix[2][2]         1.0000000000 
_pdbx_struct_oper_list.matrix[2][3]         0.0000000000 
_pdbx_struct_oper_list.vector[2]            0.0000000000 
_pdbx_struct_oper_list.matrix[3][1]         0.0000000000 
_pdbx_struct_oper_list.matrix[3][2]         0.0000000000 
_pdbx_struct_oper_list.matrix[3][3]         1.0000000000 
_pdbx_struct_oper_list.vector[3]            0.0000000000 
# 
_pdbx_struct_special_symmetry.id              1 
_pdbx_struct_special_symmetry.PDB_model_num   1 
_pdbx_struct_special_symmetry.auth_asym_id    A 
_pdbx_struct_special_symmetry.auth_comp_id    HOH 
_pdbx_struct_special_symmetry.auth_seq_id     325 
_pdbx_struct_special_symmetry.PDB_ins_code    ? 
_pdbx_struct_special_symmetry.label_asym_id   G 
_pdbx_struct_special_symmetry.label_comp_id   HOH 
_pdbx_struct_special_symmetry.label_seq_id    . 
# 
loop_
_pdbx_audit_revision_history.ordinal 
_pdbx_audit_revision_history.data_content_type 
_pdbx_audit_revision_history.major_revision 
_pdbx_audit_revision_history.minor_revision 
_pdbx_audit_revision_history.revision_date 
1 'Structure model' 1 0 2021-09-29 
2 'Structure model' 1 1 2022-09-14 
3 'Structure model' 1 2 2023-11-29 
# 
_pdbx_audit_revision_details.ordinal             1 
_pdbx_audit_revision_details.revision_ordinal    1 
_pdbx_audit_revision_details.data_content_type   'Structure model' 
_pdbx_audit_revision_details.provider            repository 
_pdbx_audit_revision_details.type                'Initial release' 
_pdbx_audit_revision_details.description         ? 
_pdbx_audit_revision_details.details             ? 
# 
loop_
_pdbx_audit_revision_group.ordinal 
_pdbx_audit_revision_group.revision_ordinal 
_pdbx_audit_revision_group.data_content_type 
_pdbx_audit_revision_group.group 
1 2 'Structure model' 'Database references'    
2 3 'Structure model' 'Data collection'        
3 3 'Structure model' 'Refinement description' 
# 
loop_
_pdbx_audit_revision_category.ordinal 
_pdbx_audit_revision_category.revision_ordinal 
_pdbx_audit_revision_category.data_content_type 
_pdbx_audit_revision_category.category 
1 2 'Structure model' citation                      
2 2 'Structure model' citation_author               
3 3 'Structure model' chem_comp_atom                
4 3 'Structure model' chem_comp_bond                
5 3 'Structure model' pdbx_initial_refinement_model 
# 
loop_
_pdbx_audit_revision_item.ordinal 
_pdbx_audit_revision_item.revision_ordinal 
_pdbx_audit_revision_item.data_content_type 
_pdbx_audit_revision_item.item 
1  2 'Structure model' '_citation.country'              
2  2 'Structure model' '_citation.journal_abbrev'       
3  2 'Structure model' '_citation.journal_id_CSD'       
4  2 'Structure model' '_citation.journal_id_ISSN'      
5  2 'Structure model' '_citation.journal_volume'       
6  2 'Structure model' '_citation.page_first'           
7  2 'Structure model' '_citation.page_last'            
8  2 'Structure model' '_citation.pdbx_database_id_DOI' 
9  2 'Structure model' '_citation.title'                
10 2 'Structure model' '_citation.year'                 
# 
loop_
_space_group_symop.id 
_space_group_symop.operation_xyz 
1 x,y,z               
2 -y+1/2,x+1/2,z+1/4  
3 y+1/2,-x+1/2,z+3/4  
4 x+1/2,-y+1/2,-z+3/4 
5 -x+1/2,y+1/2,-z+1/4 
6 -x,-y,z+1/2         
7 y,x,-z              
8 -y,-x,-z+1/2        
# 
loop_
_software.citation_id 
_software.classification 
_software.compiler_name 
_software.compiler_version 
_software.contact_author 
_software.contact_author_email 
_software.date 
_software.description 
_software.dependencies 
_software.hardware 
_software.language 
_software.location 
_software.mods 
_software.name 
_software.os 
_software.os_version 
_software.type 
_software.version 
_software.pdbx_ordinal 
? refinement       ? ? ? ? ? ? ? ? ? ? ? PHENIX   ? ? ? 1.16 1 
? 'data reduction' ? ? ? ? ? ? ? ? ? ? ? HKL-2000 ? ? ? .    2 
? 'data scaling'   ? ? ? ? ? ? ? ? ? ? ? HKL-2000 ? ? ? .    3 
? phasing          ? ? ? ? ? ? ? ? ? ? ? PHENIX   ? ? ? .    4 
# 
_pdbx_entry_details.entry_id                 7CZO 
_pdbx_entry_details.has_ligand_of_interest   Y 
_pdbx_entry_details.compound_details         ? 
_pdbx_entry_details.source_details           ? 
_pdbx_entry_details.nonpolymer_details       ? 
_pdbx_entry_details.sequence_details         ? 
# 
_pdbx_validate_close_contact.id               1 
_pdbx_validate_close_contact.PDB_model_num    1 
_pdbx_validate_close_contact.auth_atom_id_1   NH1 
_pdbx_validate_close_contact.auth_asym_id_1   A 
_pdbx_validate_close_contact.auth_comp_id_1   ARG 
_pdbx_validate_close_contact.auth_seq_id_1    6 
_pdbx_validate_close_contact.PDB_ins_code_1   ? 
_pdbx_validate_close_contact.label_alt_id_1   ? 
_pdbx_validate_close_contact.auth_atom_id_2   OE1 
_pdbx_validate_close_contact.auth_asym_id_2   A 
_pdbx_validate_close_contact.auth_comp_id_2   GLN 
_pdbx_validate_close_contact.auth_seq_id_2    102 
_pdbx_validate_close_contact.PDB_ins_code_2   ? 
_pdbx_validate_close_contact.label_alt_id_2   ? 
_pdbx_validate_close_contact.dist             2.16 
# 
loop_
_pdbx_validate_torsion.id 
_pdbx_validate_torsion.PDB_model_num 
_pdbx_validate_torsion.auth_comp_id 
_pdbx_validate_torsion.auth_asym_id 
_pdbx_validate_torsion.auth_seq_id 
_pdbx_validate_torsion.PDB_ins_code 
_pdbx_validate_torsion.label_alt_id 
_pdbx_validate_torsion.phi 
_pdbx_validate_torsion.psi 
1 1 VAL A 5  ? ? -121.28 -114.15 
2 1 TYR A 13 ? ? 36.87   44.81   
3 1 PHE A 57 ? ? -31.55  121.28  
4 1 HIS A 71 ? ? -75.07  30.08   
5 1 TYR A 73 ? ? 70.13   71.17   
6 1 LEU A 75 ? ? 172.35  108.00  
7 1 ASP A 80 ? ? 69.97   -57.88  
8 1 GLU A 81 ? ? 99.05   -35.01  
9 1 ASN A 91 ? ? -166.98 69.49   
# 
loop_
_pdbx_validate_peptide_omega.id 
_pdbx_validate_peptide_omega.PDB_model_num 
_pdbx_validate_peptide_omega.auth_comp_id_1 
_pdbx_validate_peptide_omega.auth_asym_id_1 
_pdbx_validate_peptide_omega.auth_seq_id_1 
_pdbx_validate_peptide_omega.PDB_ins_code_1 
_pdbx_validate_peptide_omega.label_alt_id_1 
_pdbx_validate_peptide_omega.auth_comp_id_2 
_pdbx_validate_peptide_omega.auth_asym_id_2 
_pdbx_validate_peptide_omega.auth_seq_id_2 
_pdbx_validate_peptide_omega.PDB_ins_code_2 
_pdbx_validate_peptide_omega.label_alt_id_2 
_pdbx_validate_peptide_omega.omega 
1 1 LYS A 72 ? ? TYR A 73 ? ? -123.88 
2 1 ILE A 79 ? ? ASP A 80 ? ? 147.21  
# 
_pdbx_distant_solvent_atoms.id                                1 
_pdbx_distant_solvent_atoms.PDB_model_num                     1 
_pdbx_distant_solvent_atoms.auth_atom_id                      O 
_pdbx_distant_solvent_atoms.label_alt_id                      ? 
_pdbx_distant_solvent_atoms.auth_asym_id                      A 
_pdbx_distant_solvent_atoms.auth_comp_id                      HOH 
_pdbx_distant_solvent_atoms.auth_seq_id                       330 
_pdbx_distant_solvent_atoms.PDB_ins_code                      ? 
_pdbx_distant_solvent_atoms.neighbor_macromolecule_distance   6.21 
_pdbx_distant_solvent_atoms.neighbor_ligand_distance          . 
# 
loop_
_chem_comp_atom.comp_id 
_chem_comp_atom.atom_id 
_chem_comp_atom.type_symbol 
_chem_comp_atom.pdbx_aromatic_flag 
_chem_comp_atom.pdbx_stereo_config 
_chem_comp_atom.pdbx_ordinal 
ALA N    N  N N 1   
ALA CA   C  N S 2   
ALA C    C  N N 3   
ALA O    O  N N 4   
ALA CB   C  N N 5   
ALA OXT  O  N N 6   
ALA H    H  N N 7   
ALA H2   H  N N 8   
ALA HA   H  N N 9   
ALA HB1  H  N N 10  
ALA HB2  H  N N 11  
ALA HB3  H  N N 12  
ALA HXT  H  N N 13  
ARG N    N  N N 14  
ARG CA   C  N S 15  
ARG C    C  N N 16  
ARG O    O  N N 17  
ARG CB   C  N N 18  
ARG CG   C  N N 19  
ARG CD   C  N N 20  
ARG NE   N  N N 21  
ARG CZ   C  N N 22  
ARG NH1  N  N N 23  
ARG NH2  N  N N 24  
ARG OXT  O  N N 25  
ARG H    H  N N 26  
ARG H2   H  N N 27  
ARG HA   H  N N 28  
ARG HB2  H  N N 29  
ARG HB3  H  N N 30  
ARG HG2  H  N N 31  
ARG HG3  H  N N 32  
ARG HD2  H  N N 33  
ARG HD3  H  N N 34  
ARG HE   H  N N 35  
ARG HH11 H  N N 36  
ARG HH12 H  N N 37  
ARG HH21 H  N N 38  
ARG HH22 H  N N 39  
ARG HXT  H  N N 40  
ASN N    N  N N 41  
ASN CA   C  N S 42  
ASN C    C  N N 43  
ASN O    O  N N 44  
ASN CB   C  N N 45  
ASN CG   C  N N 46  
ASN OD1  O  N N 47  
ASN ND2  N  N N 48  
ASN OXT  O  N N 49  
ASN H    H  N N 50  
ASN H2   H  N N 51  
ASN HA   H  N N 52  
ASN HB2  H  N N 53  
ASN HB3  H  N N 54  
ASN HD21 H  N N 55  
ASN HD22 H  N N 56  
ASN HXT  H  N N 57  
ASP N    N  N N 58  
ASP CA   C  N S 59  
ASP C    C  N N 60  
ASP O    O  N N 61  
ASP CB   C  N N 62  
ASP CG   C  N N 63  
ASP OD1  O  N N 64  
ASP OD2  O  N N 65  
ASP OXT  O  N N 66  
ASP H    H  N N 67  
ASP H2   H  N N 68  
ASP HA   H  N N 69  
ASP HB2  H  N N 70  
ASP HB3  H  N N 71  
ASP HD2  H  N N 72  
ASP HXT  H  N N 73  
CL  CL   CL N N 74  
GLN N    N  N N 75  
GLN CA   C  N S 76  
GLN C    C  N N 77  
GLN O    O  N N 78  
GLN CB   C  N N 79  
GLN CG   C  N N 80  
GLN CD   C  N N 81  
GLN OE1  O  N N 82  
GLN NE2  N  N N 83  
GLN OXT  O  N N 84  
GLN H    H  N N 85  
GLN H2   H  N N 86  
GLN HA   H  N N 87  
GLN HB2  H  N N 88  
GLN HB3  H  N N 89  
GLN HG2  H  N N 90  
GLN HG3  H  N N 91  
GLN HE21 H  N N 92  
GLN HE22 H  N N 93  
GLN HXT  H  N N 94  
GLU N    N  N N 95  
GLU CA   C  N S 96  
GLU C    C  N N 97  
GLU O    O  N N 98  
GLU CB   C  N N 99  
GLU CG   C  N N 100 
GLU CD   C  N N 101 
GLU OE1  O  N N 102 
GLU OE2  O  N N 103 
GLU OXT  O  N N 104 
GLU H    H  N N 105 
GLU H2   H  N N 106 
GLU HA   H  N N 107 
GLU HB2  H  N N 108 
GLU HB3  H  N N 109 
GLU HG2  H  N N 110 
GLU HG3  H  N N 111 
GLU HE2  H  N N 112 
GLU HXT  H  N N 113 
GLY N    N  N N 114 
GLY CA   C  N N 115 
GLY C    C  N N 116 
GLY O    O  N N 117 
GLY OXT  O  N N 118 
GLY H    H  N N 119 
GLY H2   H  N N 120 
GLY HA2  H  N N 121 
GLY HA3  H  N N 122 
GLY HXT  H  N N 123 
HIS N    N  N N 124 
HIS CA   C  N S 125 
HIS C    C  N N 126 
HIS O    O  N N 127 
HIS CB   C  N N 128 
HIS CG   C  Y N 129 
HIS ND1  N  Y N 130 
HIS CD2  C  Y N 131 
HIS CE1  C  Y N 132 
HIS NE2  N  Y N 133 
HIS OXT  O  N N 134 
HIS H    H  N N 135 
HIS H2   H  N N 136 
HIS HA   H  N N 137 
HIS HB2  H  N N 138 
HIS HB3  H  N N 139 
HIS HD1  H  N N 140 
HIS HD2  H  N N 141 
HIS HE1  H  N N 142 
HIS HE2  H  N N 143 
HIS HXT  H  N N 144 
HOH O    O  N N 145 
HOH H1   H  N N 146 
HOH H2   H  N N 147 
ILE N    N  N N 148 
ILE CA   C  N S 149 
ILE C    C  N N 150 
ILE O    O  N N 151 
ILE CB   C  N S 152 
ILE CG1  C  N N 153 
ILE CG2  C  N N 154 
ILE CD1  C  N N 155 
ILE OXT  O  N N 156 
ILE H    H  N N 157 
ILE H2   H  N N 158 
ILE HA   H  N N 159 
ILE HB   H  N N 160 
ILE HG12 H  N N 161 
ILE HG13 H  N N 162 
ILE HG21 H  N N 163 
ILE HG22 H  N N 164 
ILE HG23 H  N N 165 
ILE HD11 H  N N 166 
ILE HD12 H  N N 167 
ILE HD13 H  N N 168 
ILE HXT  H  N N 169 
LEU N    N  N N 170 
LEU CA   C  N S 171 
LEU C    C  N N 172 
LEU O    O  N N 173 
LEU CB   C  N N 174 
LEU CG   C  N N 175 
LEU CD1  C  N N 176 
LEU CD2  C  N N 177 
LEU OXT  O  N N 178 
LEU H    H  N N 179 
LEU H2   H  N N 180 
LEU HA   H  N N 181 
LEU HB2  H  N N 182 
LEU HB3  H  N N 183 
LEU HG   H  N N 184 
LEU HD11 H  N N 185 
LEU HD12 H  N N 186 
LEU HD13 H  N N 187 
LEU HD21 H  N N 188 
LEU HD22 H  N N 189 
LEU HD23 H  N N 190 
LEU HXT  H  N N 191 
LYS N    N  N N 192 
LYS CA   C  N S 193 
LYS C    C  N N 194 
LYS O    O  N N 195 
LYS CB   C  N N 196 
LYS CG   C  N N 197 
LYS CD   C  N N 198 
LYS CE   C  N N 199 
LYS NZ   N  N N 200 
LYS OXT  O  N N 201 
LYS H    H  N N 202 
LYS H2   H  N N 203 
LYS HA   H  N N 204 
LYS HB2  H  N N 205 
LYS HB3  H  N N 206 
LYS HG2  H  N N 207 
LYS HG3  H  N N 208 
LYS HD2  H  N N 209 
LYS HD3  H  N N 210 
LYS HE2  H  N N 211 
LYS HE3  H  N N 212 
LYS HZ1  H  N N 213 
LYS HZ2  H  N N 214 
LYS HZ3  H  N N 215 
LYS HXT  H  N N 216 
MET N    N  N N 217 
MET CA   C  N S 218 
MET C    C  N N 219 
MET O    O  N N 220 
MET CB   C  N N 221 
MET CG   C  N N 222 
MET SD   S  N N 223 
MET CE   C  N N 224 
MET OXT  O  N N 225 
MET H    H  N N 226 
MET H2   H  N N 227 
MET HA   H  N N 228 
MET HB2  H  N N 229 
MET HB3  H  N N 230 
MET HG2  H  N N 231 
MET HG3  H  N N 232 
MET HE1  H  N N 233 
MET HE2  H  N N 234 
MET HE3  H  N N 235 
MET HXT  H  N N 236 
PHE N    N  N N 237 
PHE CA   C  N S 238 
PHE C    C  N N 239 
PHE O    O  N N 240 
PHE CB   C  N N 241 
PHE CG   C  Y N 242 
PHE CD1  C  Y N 243 
PHE CD2  C  Y N 244 
PHE CE1  C  Y N 245 
PHE CE2  C  Y N 246 
PHE CZ   C  Y N 247 
PHE OXT  O  N N 248 
PHE H    H  N N 249 
PHE H2   H  N N 250 
PHE HA   H  N N 251 
PHE HB2  H  N N 252 
PHE HB3  H  N N 253 
PHE HD1  H  N N 254 
PHE HD2  H  N N 255 
PHE HE1  H  N N 256 
PHE HE2  H  N N 257 
PHE HZ   H  N N 258 
PHE HXT  H  N N 259 
PRO N    N  N N 260 
PRO CA   C  N S 261 
PRO C    C  N N 262 
PRO O    O  N N 263 
PRO CB   C  N N 264 
PRO CG   C  N N 265 
PRO CD   C  N N 266 
PRO OXT  O  N N 267 
PRO H    H  N N 268 
PRO HA   H  N N 269 
PRO HB2  H  N N 270 
PRO HB3  H  N N 271 
PRO HG2  H  N N 272 
PRO HG3  H  N N 273 
PRO HD2  H  N N 274 
PRO HD3  H  N N 275 
PRO HXT  H  N N 276 
SER N    N  N N 277 
SER CA   C  N S 278 
SER C    C  N N 279 
SER O    O  N N 280 
SER CB   C  N N 281 
SER OG   O  N N 282 
SER OXT  O  N N 283 
SER H    H  N N 284 
SER H2   H  N N 285 
SER HA   H  N N 286 
SER HB2  H  N N 287 
SER HB3  H  N N 288 
SER HG   H  N N 289 
SER HXT  H  N N 290 
THR N    N  N N 291 
THR CA   C  N S 292 
THR C    C  N N 293 
THR O    O  N N 294 
THR CB   C  N R 295 
THR OG1  O  N N 296 
THR CG2  C  N N 297 
THR OXT  O  N N 298 
THR H    H  N N 299 
THR H2   H  N N 300 
THR HA   H  N N 301 
THR HB   H  N N 302 
THR HG1  H  N N 303 
THR HG21 H  N N 304 
THR HG22 H  N N 305 
THR HG23 H  N N 306 
THR HXT  H  N N 307 
TRP N    N  N N 308 
TRP CA   C  N S 309 
TRP C    C  N N 310 
TRP O    O  N N 311 
TRP CB   C  N N 312 
TRP CG   C  Y N 313 
TRP CD1  C  Y N 314 
TRP CD2  C  Y N 315 
TRP NE1  N  Y N 316 
TRP CE2  C  Y N 317 
TRP CE3  C  Y N 318 
TRP CZ2  C  Y N 319 
TRP CZ3  C  Y N 320 
TRP CH2  C  Y N 321 
TRP OXT  O  N N 322 
TRP H    H  N N 323 
TRP H2   H  N N 324 
TRP HA   H  N N 325 
TRP HB2  H  N N 326 
TRP HB3  H  N N 327 
TRP HD1  H  N N 328 
TRP HE1  H  N N 329 
TRP HE3  H  N N 330 
TRP HZ2  H  N N 331 
TRP HZ3  H  N N 332 
TRP HH2  H  N N 333 
TRP HXT  H  N N 334 
TYR N    N  N N 335 
TYR CA   C  N S 336 
TYR C    C  N N 337 
TYR O    O  N N 338 
TYR CB   C  N N 339 
TYR CG   C  Y N 340 
TYR CD1  C  Y N 341 
TYR CD2  C  Y N 342 
TYR CE1  C  Y N 343 
TYR CE2  C  Y N 344 
TYR CZ   C  Y N 345 
TYR OH   O  N N 346 
TYR OXT  O  N N 347 
TYR H    H  N N 348 
TYR H2   H  N N 349 
TYR HA   H  N N 350 
TYR HB2  H  N N 351 
TYR HB3  H  N N 352 
TYR HD1  H  N N 353 
TYR HD2  H  N N 354 
TYR HE1  H  N N 355 
TYR HE2  H  N N 356 
TYR HH   H  N N 357 
TYR HXT  H  N N 358 
VAL N    N  N N 359 
VAL CA   C  N S 360 
VAL C    C  N N 361 
VAL O    O  N N 362 
VAL CB   C  N N 363 
VAL CG1  C  N N 364 
VAL CG2  C  N N 365 
VAL OXT  O  N N 366 
VAL H    H  N N 367 
VAL H2   H  N N 368 
VAL HA   H  N N 369 
VAL HB   H  N N 370 
VAL HG11 H  N N 371 
VAL HG12 H  N N 372 
VAL HG13 H  N N 373 
VAL HG21 H  N N 374 
VAL HG22 H  N N 375 
VAL HG23 H  N N 376 
VAL HXT  H  N N 377 
# 
loop_
_chem_comp_bond.comp_id 
_chem_comp_bond.atom_id_1 
_chem_comp_bond.atom_id_2 
_chem_comp_bond.value_order 
_chem_comp_bond.pdbx_aromatic_flag 
_chem_comp_bond.pdbx_stereo_config 
_chem_comp_bond.pdbx_ordinal 
ALA N   CA   sing N N 1   
ALA N   H    sing N N 2   
ALA N   H2   sing N N 3   
ALA CA  C    sing N N 4   
ALA CA  CB   sing N N 5   
ALA CA  HA   sing N N 6   
ALA C   O    doub N N 7   
ALA C   OXT  sing N N 8   
ALA CB  HB1  sing N N 9   
ALA CB  HB2  sing N N 10  
ALA CB  HB3  sing N N 11  
ALA OXT HXT  sing N N 12  
ARG N   CA   sing N N 13  
ARG N   H    sing N N 14  
ARG N   H2   sing N N 15  
ARG CA  C    sing N N 16  
ARG CA  CB   sing N N 17  
ARG CA  HA   sing N N 18  
ARG C   O    doub N N 19  
ARG C   OXT  sing N N 20  
ARG CB  CG   sing N N 21  
ARG CB  HB2  sing N N 22  
ARG CB  HB3  sing N N 23  
ARG CG  CD   sing N N 24  
ARG CG  HG2  sing N N 25  
ARG CG  HG3  sing N N 26  
ARG CD  NE   sing N N 27  
ARG CD  HD2  sing N N 28  
ARG CD  HD3  sing N N 29  
ARG NE  CZ   sing N N 30  
ARG NE  HE   sing N N 31  
ARG CZ  NH1  sing N N 32  
ARG CZ  NH2  doub N N 33  
ARG NH1 HH11 sing N N 34  
ARG NH1 HH12 sing N N 35  
ARG NH2 HH21 sing N N 36  
ARG NH2 HH22 sing N N 37  
ARG OXT HXT  sing N N 38  
ASN N   CA   sing N N 39  
ASN N   H    sing N N 40  
ASN N   H2   sing N N 41  
ASN CA  C    sing N N 42  
ASN CA  CB   sing N N 43  
ASN CA  HA   sing N N 44  
ASN C   O    doub N N 45  
ASN C   OXT  sing N N 46  
ASN CB  CG   sing N N 47  
ASN CB  HB2  sing N N 48  
ASN CB  HB3  sing N N 49  
ASN CG  OD1  doub N N 50  
ASN CG  ND2  sing N N 51  
ASN ND2 HD21 sing N N 52  
ASN ND2 HD22 sing N N 53  
ASN OXT HXT  sing N N 54  
ASP N   CA   sing N N 55  
ASP N   H    sing N N 56  
ASP N   H2   sing N N 57  
ASP CA  C    sing N N 58  
ASP CA  CB   sing N N 59  
ASP CA  HA   sing N N 60  
ASP C   O    doub N N 61  
ASP C   OXT  sing N N 62  
ASP CB  CG   sing N N 63  
ASP CB  HB2  sing N N 64  
ASP CB  HB3  sing N N 65  
ASP CG  OD1  doub N N 66  
ASP CG  OD2  sing N N 67  
ASP OD2 HD2  sing N N 68  
ASP OXT HXT  sing N N 69  
GLN N   CA   sing N N 70  
GLN N   H    sing N N 71  
GLN N   H2   sing N N 72  
GLN CA  C    sing N N 73  
GLN CA  CB   sing N N 74  
GLN CA  HA   sing N N 75  
GLN C   O    doub N N 76  
GLN C   OXT  sing N N 77  
GLN CB  CG   sing N N 78  
GLN CB  HB2  sing N N 79  
GLN CB  HB3  sing N N 80  
GLN CG  CD   sing N N 81  
GLN CG  HG2  sing N N 82  
GLN CG  HG3  sing N N 83  
GLN CD  OE1  doub N N 84  
GLN CD  NE2  sing N N 85  
GLN NE2 HE21 sing N N 86  
GLN NE2 HE22 sing N N 87  
GLN OXT HXT  sing N N 88  
GLU N   CA   sing N N 89  
GLU N   H    sing N N 90  
GLU N   H2   sing N N 91  
GLU CA  C    sing N N 92  
GLU CA  CB   sing N N 93  
GLU CA  HA   sing N N 94  
GLU C   O    doub N N 95  
GLU C   OXT  sing N N 96  
GLU CB  CG   sing N N 97  
GLU CB  HB2  sing N N 98  
GLU CB  HB3  sing N N 99  
GLU CG  CD   sing N N 100 
GLU CG  HG2  sing N N 101 
GLU CG  HG3  sing N N 102 
GLU CD  OE1  doub N N 103 
GLU CD  OE2  sing N N 104 
GLU OE2 HE2  sing N N 105 
GLU OXT HXT  sing N N 106 
GLY N   CA   sing N N 107 
GLY N   H    sing N N 108 
GLY N   H2   sing N N 109 
GLY CA  C    sing N N 110 
GLY CA  HA2  sing N N 111 
GLY CA  HA3  sing N N 112 
GLY C   O    doub N N 113 
GLY C   OXT  sing N N 114 
GLY OXT HXT  sing N N 115 
HIS N   CA   sing N N 116 
HIS N   H    sing N N 117 
HIS N   H2   sing N N 118 
HIS CA  C    sing N N 119 
HIS CA  CB   sing N N 120 
HIS CA  HA   sing N N 121 
HIS C   O    doub N N 122 
HIS C   OXT  sing N N 123 
HIS CB  CG   sing N N 124 
HIS CB  HB2  sing N N 125 
HIS CB  HB3  sing N N 126 
HIS CG  ND1  sing Y N 127 
HIS CG  CD2  doub Y N 128 
HIS ND1 CE1  doub Y N 129 
HIS ND1 HD1  sing N N 130 
HIS CD2 NE2  sing Y N 131 
HIS CD2 HD2  sing N N 132 
HIS CE1 NE2  sing Y N 133 
HIS CE1 HE1  sing N N 134 
HIS NE2 HE2  sing N N 135 
HIS OXT HXT  sing N N 136 
HOH O   H1   sing N N 137 
HOH O   H2   sing N N 138 
ILE N   CA   sing N N 139 
ILE N   H    sing N N 140 
ILE N   H2   sing N N 141 
ILE CA  C    sing N N 142 
ILE CA  CB   sing N N 143 
ILE CA  HA   sing N N 144 
ILE C   O    doub N N 145 
ILE C   OXT  sing N N 146 
ILE CB  CG1  sing N N 147 
ILE CB  CG2  sing N N 148 
ILE CB  HB   sing N N 149 
ILE CG1 CD1  sing N N 150 
ILE CG1 HG12 sing N N 151 
ILE CG1 HG13 sing N N 152 
ILE CG2 HG21 sing N N 153 
ILE CG2 HG22 sing N N 154 
ILE CG2 HG23 sing N N 155 
ILE CD1 HD11 sing N N 156 
ILE CD1 HD12 sing N N 157 
ILE CD1 HD13 sing N N 158 
ILE OXT HXT  sing N N 159 
LEU N   CA   sing N N 160 
LEU N   H    sing N N 161 
LEU N   H2   sing N N 162 
LEU CA  C    sing N N 163 
LEU CA  CB   sing N N 164 
LEU CA  HA   sing N N 165 
LEU C   O    doub N N 166 
LEU C   OXT  sing N N 167 
LEU CB  CG   sing N N 168 
LEU CB  HB2  sing N N 169 
LEU CB  HB3  sing N N 170 
LEU CG  CD1  sing N N 171 
LEU CG  CD2  sing N N 172 
LEU CG  HG   sing N N 173 
LEU CD1 HD11 sing N N 174 
LEU CD1 HD12 sing N N 175 
LEU CD1 HD13 sing N N 176 
LEU CD2 HD21 sing N N 177 
LEU CD2 HD22 sing N N 178 
LEU CD2 HD23 sing N N 179 
LEU OXT HXT  sing N N 180 
LYS N   CA   sing N N 181 
LYS N   H    sing N N 182 
LYS N   H2   sing N N 183 
LYS CA  C    sing N N 184 
LYS CA  CB   sing N N 185 
LYS CA  HA   sing N N 186 
LYS C   O    doub N N 187 
LYS C   OXT  sing N N 188 
LYS CB  CG   sing N N 189 
LYS CB  HB2  sing N N 190 
LYS CB  HB3  sing N N 191 
LYS CG  CD   sing N N 192 
LYS CG  HG2  sing N N 193 
LYS CG  HG3  sing N N 194 
LYS CD  CE   sing N N 195 
LYS CD  HD2  sing N N 196 
LYS CD  HD3  sing N N 197 
LYS CE  NZ   sing N N 198 
LYS CE  HE2  sing N N 199 
LYS CE  HE3  sing N N 200 
LYS NZ  HZ1  sing N N 201 
LYS NZ  HZ2  sing N N 202 
LYS NZ  HZ3  sing N N 203 
LYS OXT HXT  sing N N 204 
MET N   CA   sing N N 205 
MET N   H    sing N N 206 
MET N   H2   sing N N 207 
MET CA  C    sing N N 208 
MET CA  CB   sing N N 209 
MET CA  HA   sing N N 210 
MET C   O    doub N N 211 
MET C   OXT  sing N N 212 
MET CB  CG   sing N N 213 
MET CB  HB2  sing N N 214 
MET CB  HB3  sing N N 215 
MET CG  SD   sing N N 216 
MET CG  HG2  sing N N 217 
MET CG  HG3  sing N N 218 
MET SD  CE   sing N N 219 
MET CE  HE1  sing N N 220 
MET CE  HE2  sing N N 221 
MET CE  HE3  sing N N 222 
MET OXT HXT  sing N N 223 
PHE N   CA   sing N N 224 
PHE N   H    sing N N 225 
PHE N   H2   sing N N 226 
PHE CA  C    sing N N 227 
PHE CA  CB   sing N N 228 
PHE CA  HA   sing N N 229 
PHE C   O    doub N N 230 
PHE C   OXT  sing N N 231 
PHE CB  CG   sing N N 232 
PHE CB  HB2  sing N N 233 
PHE CB  HB3  sing N N 234 
PHE CG  CD1  doub Y N 235 
PHE CG  CD2  sing Y N 236 
PHE CD1 CE1  sing Y N 237 
PHE CD1 HD1  sing N N 238 
PHE CD2 CE2  doub Y N 239 
PHE CD2 HD2  sing N N 240 
PHE CE1 CZ   doub Y N 241 
PHE CE1 HE1  sing N N 242 
PHE CE2 CZ   sing Y N 243 
PHE CE2 HE2  sing N N 244 
PHE CZ  HZ   sing N N 245 
PHE OXT HXT  sing N N 246 
PRO N   CA   sing N N 247 
PRO N   CD   sing N N 248 
PRO N   H    sing N N 249 
PRO CA  C    sing N N 250 
PRO CA  CB   sing N N 251 
PRO CA  HA   sing N N 252 
PRO C   O    doub N N 253 
PRO C   OXT  sing N N 254 
PRO CB  CG   sing N N 255 
PRO CB  HB2  sing N N 256 
PRO CB  HB3  sing N N 257 
PRO CG  CD   sing N N 258 
PRO CG  HG2  sing N N 259 
PRO CG  HG3  sing N N 260 
PRO CD  HD2  sing N N 261 
PRO CD  HD3  sing N N 262 
PRO OXT HXT  sing N N 263 
SER N   CA   sing N N 264 
SER N   H    sing N N 265 
SER N   H2   sing N N 266 
SER CA  C    sing N N 267 
SER CA  CB   sing N N 268 
SER CA  HA   sing N N 269 
SER C   O    doub N N 270 
SER C   OXT  sing N N 271 
SER CB  OG   sing N N 272 
SER CB  HB2  sing N N 273 
SER CB  HB3  sing N N 274 
SER OG  HG   sing N N 275 
SER OXT HXT  sing N N 276 
THR N   CA   sing N N 277 
THR N   H    sing N N 278 
THR N   H2   sing N N 279 
THR CA  C    sing N N 280 
THR CA  CB   sing N N 281 
THR CA  HA   sing N N 282 
THR C   O    doub N N 283 
THR C   OXT  sing N N 284 
THR CB  OG1  sing N N 285 
THR CB  CG2  sing N N 286 
THR CB  HB   sing N N 287 
THR OG1 HG1  sing N N 288 
THR CG2 HG21 sing N N 289 
THR CG2 HG22 sing N N 290 
THR CG2 HG23 sing N N 291 
THR OXT HXT  sing N N 292 
TRP N   CA   sing N N 293 
TRP N   H    sing N N 294 
TRP N   H2   sing N N 295 
TRP CA  C    sing N N 296 
TRP CA  CB   sing N N 297 
TRP CA  HA   sing N N 298 
TRP C   O    doub N N 299 
TRP C   OXT  sing N N 300 
TRP CB  CG   sing N N 301 
TRP CB  HB2  sing N N 302 
TRP CB  HB3  sing N N 303 
TRP CG  CD1  doub Y N 304 
TRP CG  CD2  sing Y N 305 
TRP CD1 NE1  sing Y N 306 
TRP CD1 HD1  sing N N 307 
TRP CD2 CE2  doub Y N 308 
TRP CD2 CE3  sing Y N 309 
TRP NE1 CE2  sing Y N 310 
TRP NE1 HE1  sing N N 311 
TRP CE2 CZ2  sing Y N 312 
TRP CE3 CZ3  doub Y N 313 
TRP CE3 HE3  sing N N 314 
TRP CZ2 CH2  doub Y N 315 
TRP CZ2 HZ2  sing N N 316 
TRP CZ3 CH2  sing Y N 317 
TRP CZ3 HZ3  sing N N 318 
TRP CH2 HH2  sing N N 319 
TRP OXT HXT  sing N N 320 
TYR N   CA   sing N N 321 
TYR N   H    sing N N 322 
TYR N   H2   sing N N 323 
TYR CA  C    sing N N 324 
TYR CA  CB   sing N N 325 
TYR CA  HA   sing N N 326 
TYR C   O    doub N N 327 
TYR C   OXT  sing N N 328 
TYR CB  CG   sing N N 329 
TYR CB  HB2  sing N N 330 
TYR CB  HB3  sing N N 331 
TYR CG  CD1  doub Y N 332 
TYR CG  CD2  sing Y N 333 
TYR CD1 CE1  sing Y N 334 
TYR CD1 HD1  sing N N 335 
TYR CD2 CE2  doub Y N 336 
TYR CD2 HD2  sing N N 337 
TYR CE1 CZ   doub Y N 338 
TYR CE1 HE1  sing N N 339 
TYR CE2 CZ   sing Y N 340 
TYR CE2 HE2  sing N N 341 
TYR CZ  OH   sing N N 342 
TYR OH  HH   sing N N 343 
TYR OXT HXT  sing N N 344 
VAL N   CA   sing N N 345 
VAL N   H    sing N N 346 
VAL N   H2   sing N N 347 
VAL CA  C    sing N N 348 
VAL CA  CB   sing N N 349 
VAL CA  HA   sing N N 350 
VAL C   O    doub N N 351 
VAL C   OXT  sing N N 352 
VAL CB  CG1  sing N N 353 
VAL CB  CG2  sing N N 354 
VAL CB  HB   sing N N 355 
VAL CG1 HG11 sing N N 356 
VAL CG1 HG12 sing N N 357 
VAL CG1 HG13 sing N N 358 
VAL CG2 HG21 sing N N 359 
VAL CG2 HG22 sing N N 360 
VAL CG2 HG23 sing N N 361 
VAL OXT HXT  sing N N 362 
# 
_pdbx_entity_instance_feature.ordinal        1 
_pdbx_entity_instance_feature.comp_id        CL 
_pdbx_entity_instance_feature.asym_id        ? 
_pdbx_entity_instance_feature.seq_num        ? 
_pdbx_entity_instance_feature.auth_comp_id   CL 
_pdbx_entity_instance_feature.auth_asym_id   ? 
_pdbx_entity_instance_feature.auth_seq_num   ? 
_pdbx_entity_instance_feature.feature_type   'SUBJECT OF INVESTIGATION' 
_pdbx_entity_instance_feature.details        ? 
# 
loop_
_pdbx_entity_nonpoly.entity_id 
_pdbx_entity_nonpoly.name 
_pdbx_entity_nonpoly.comp_id 
2 'CHLORIDE ION' CL  
3 water          HOH 
# 
_pdbx_initial_refinement_model.id               1 
_pdbx_initial_refinement_model.entity_id_list   ? 
_pdbx_initial_refinement_model.type             'experimental model' 
_pdbx_initial_refinement_model.source_name      PDB 
_pdbx_initial_refinement_model.accession_code   2WIU 
_pdbx_initial_refinement_model.details          ? 
# 
_pdbx_struct_assembly_auth_evidence.id                     1 
_pdbx_struct_assembly_auth_evidence.assembly_id            1 
_pdbx_struct_assembly_auth_evidence.experimental_support   none 
_pdbx_struct_assembly_auth_evidence.details                ? 
# 
_space_group.crystal_system   tetragonal 
_space_group.name_H-M_alt     'P 41 21 2' 
_space_group.IT_number        92 
_space_group.name_Hall        'P 4abw 2nw' 
_space_group.id               1 
# 
